data_1Y0M
# 
_entry.id   1Y0M 
# 
_audit_conform.dict_name       mmcif_pdbx.dic 
_audit_conform.dict_version    5.386 
_audit_conform.dict_location   http://mmcif.pdb.org/dictionaries/ascii/mmcif_pdbx.dic 
# 
loop_
_database_2.database_id 
_database_2.database_code 
_database_2.pdbx_database_accession 
_database_2.pdbx_DOI 
PDB   1Y0M         pdb_00001y0m 10.2210/pdb1y0m/pdb 
RCSB  RCSB030965   ?            ?                   
WWPDB D_1000030965 ?            ?                   
# 
loop_
_pdbx_audit_revision_history.ordinal 
_pdbx_audit_revision_history.data_content_type 
_pdbx_audit_revision_history.major_revision 
_pdbx_audit_revision_history.minor_revision 
_pdbx_audit_revision_history.revision_date 
1 'Structure model' 1 0 2006-02-21 
2 'Structure model' 1 1 2008-04-01 
3 'Structure model' 1 2 2011-07-13 
4 'Structure model' 1 3 2017-10-11 
5 'Structure model' 1 4 2021-10-20 
6 'Structure model' 1 5 2024-02-14 
# 
_pdbx_audit_revision_details.ordinal             1 
_pdbx_audit_revision_details.revision_ordinal    1 
_pdbx_audit_revision_details.data_content_type   'Structure model' 
_pdbx_audit_revision_details.provider            repository 
_pdbx_audit_revision_details.type                'Initial release' 
_pdbx_audit_revision_details.description         ? 
_pdbx_audit_revision_details.details             ? 
# 
loop_
_pdbx_audit_revision_group.ordinal 
_pdbx_audit_revision_group.revision_ordinal 
_pdbx_audit_revision_group.data_content_type 
_pdbx_audit_revision_group.group 
1 2 'Structure model' 'Version format compliance' 
2 3 'Structure model' 'Version format compliance' 
3 4 'Structure model' 'Refinement description'    
4 5 'Structure model' 'Database references'       
5 6 'Structure model' 'Data collection'           
# 
loop_
_pdbx_audit_revision_category.ordinal 
_pdbx_audit_revision_category.revision_ordinal 
_pdbx_audit_revision_category.data_content_type 
_pdbx_audit_revision_category.category 
1 4 'Structure model' software           
2 5 'Structure model' database_2         
3 5 'Structure model' struct_ref_seq_dif 
4 6 'Structure model' chem_comp_atom     
5 6 'Structure model' chem_comp_bond     
# 
loop_
_pdbx_audit_revision_item.ordinal 
_pdbx_audit_revision_item.revision_ordinal 
_pdbx_audit_revision_item.data_content_type 
_pdbx_audit_revision_item.item 
1 5 'Structure model' '_database_2.pdbx_DOI'                
2 5 'Structure model' '_database_2.pdbx_database_accession' 
3 5 'Structure model' '_struct_ref_seq_dif.details'         
# 
_pdbx_database_status.entry_id                        1Y0M 
_pdbx_database_status.deposit_site                    RCSB 
_pdbx_database_status.process_site                    RCSB 
_pdbx_database_status.recvd_initial_deposition_date   2004-11-15 
_pdbx_database_status.status_code                     REL 
_pdbx_database_status.status_code_sf                  REL 
_pdbx_database_status.status_code_mr                  ? 
_pdbx_database_status.SG_entry                        ? 
_pdbx_database_status.pdb_format_compatible           Y 
_pdbx_database_status.status_code_cs                  ? 
_pdbx_database_status.methods_development_category    ? 
_pdbx_database_status.status_code_nmr_data            ? 
# 
_pdbx_database_related.db_name        PDB 
_pdbx_database_related.db_id          1HSQ 
_pdbx_database_related.details        'Solution structure of the SH3 domain of phospholipase C-gamma' 
_pdbx_database_related.content_type   unspecified 
# 
loop_
_audit_author.name 
_audit_author.pdbx_ordinal 
'Mariuzza, R.' 1 
'Sangwoo, C.'  2 
# 
_citation.id                        primary 
_citation.title                     'Crystal structure of of the SH3 domain of phospholipase C Gamma-1' 
_citation.journal_abbrev            'To be Published' 
_citation.journal_volume            ? 
_citation.page_first                ? 
_citation.page_last                 ? 
_citation.year                      ? 
_citation.journal_id_ASTM           ? 
_citation.country                   ? 
_citation.journal_id_ISSN           ? 
_citation.journal_id_CSD            0353 
_citation.book_publisher            ? 
_citation.pdbx_database_id_PubMed   ? 
_citation.pdbx_database_id_DOI      ? 
# 
loop_
_citation_author.citation_id 
_citation_author.name 
_citation_author.ordinal 
_citation_author.identifier_ORCID 
primary 'Mariuzza, R.' 1 ? 
primary 'Sangwoo, C.'  2 ? 
# 
loop_
_entity.id 
_entity.type 
_entity.src_method 
_entity.pdbx_description 
_entity.formula_weight 
_entity.pdbx_number_of_molecules 
_entity.pdbx_ec 
_entity.pdbx_mutation 
_entity.pdbx_fragment 
_entity.details 
1 polymer man '1-phosphatidylinositol-4,5-bisphosphate phosphodiesterase gamma 1' 7173.015 1   3.1.4.11 C794S 
'SH3 domain: sequence database residues 791-851' ? 
2 water   nat water                                                               18.015   122 ?        ?     ? ? 
# 
_entity_name_com.entity_id   1 
_entity_name_com.name        'Phosphoinositide phospholipase C, PLC-gamma-1, Phospholipase C-gamma-1, PLC-II, PLC-148' 
# 
_entity_poly.entity_id                      1 
_entity_poly.type                           'polypeptide(L)' 
_entity_poly.nstd_linkage                   no 
_entity_poly.nstd_monomer                   no 
_entity_poly.pdbx_seq_one_letter_code       TFKSAVKALFDYKAQREDELTFTKSAIIQNVEKQDGGWWRGDYGGKKQLWFPSNYVEEMIN 
_entity_poly.pdbx_seq_one_letter_code_can   TFKSAVKALFDYKAQREDELTFTKSAIIQNVEKQDGGWWRGDYGGKKQLWFPSNYVEEMIN 
_entity_poly.pdbx_strand_id                 A 
_entity_poly.pdbx_target_identifier         ? 
# 
_pdbx_entity_nonpoly.entity_id   2 
_pdbx_entity_nonpoly.name        water 
_pdbx_entity_nonpoly.comp_id     HOH 
# 
loop_
_entity_poly_seq.entity_id 
_entity_poly_seq.num 
_entity_poly_seq.mon_id 
_entity_poly_seq.hetero 
1 1  THR n 
1 2  PHE n 
1 3  LYS n 
1 4  SER n 
1 5  ALA n 
1 6  VAL n 
1 7  LYS n 
1 8  ALA n 
1 9  LEU n 
1 10 PHE n 
1 11 ASP n 
1 12 TYR n 
1 13 LYS n 
1 14 ALA n 
1 15 GLN n 
1 16 ARG n 
1 17 GLU n 
1 18 ASP n 
1 19 GLU n 
1 20 LEU n 
1 21 THR n 
1 22 PHE n 
1 23 THR n 
1 24 LYS n 
1 25 SER n 
1 26 ALA n 
1 27 ILE n 
1 28 ILE n 
1 29 GLN n 
1 30 ASN n 
1 31 VAL n 
1 32 GLU n 
1 33 LYS n 
1 34 GLN n 
1 35 ASP n 
1 36 GLY n 
1 37 GLY n 
1 38 TRP n 
1 39 TRP n 
1 40 ARG n 
1 41 GLY n 
1 42 ASP n 
1 43 TYR n 
1 44 GLY n 
1 45 GLY n 
1 46 LYS n 
1 47 LYS n 
1 48 GLN n 
1 49 LEU n 
1 50 TRP n 
1 51 PHE n 
1 52 PRO n 
1 53 SER n 
1 54 ASN n 
1 55 TYR n 
1 56 VAL n 
1 57 GLU n 
1 58 GLU n 
1 59 MET n 
1 60 ILE n 
1 61 ASN n 
# 
_entity_src_gen.entity_id                          1 
_entity_src_gen.pdbx_src_id                        1 
_entity_src_gen.pdbx_alt_source_flag               sample 
_entity_src_gen.pdbx_seq_type                      ? 
_entity_src_gen.pdbx_beg_seq_num                   ? 
_entity_src_gen.pdbx_end_seq_num                   ? 
_entity_src_gen.gene_src_common_name               'Norway rat' 
_entity_src_gen.gene_src_genus                     Rattus 
_entity_src_gen.pdbx_gene_src_gene                 Plcg1 
_entity_src_gen.gene_src_species                   ? 
_entity_src_gen.gene_src_strain                    ? 
_entity_src_gen.gene_src_tissue                    ? 
_entity_src_gen.gene_src_tissue_fraction           ? 
_entity_src_gen.gene_src_details                   ? 
_entity_src_gen.pdbx_gene_src_fragment             ? 
_entity_src_gen.pdbx_gene_src_scientific_name      'Rattus norvegicus' 
_entity_src_gen.pdbx_gene_src_ncbi_taxonomy_id     10116 
_entity_src_gen.pdbx_gene_src_variant              ? 
_entity_src_gen.pdbx_gene_src_cell_line            ? 
_entity_src_gen.pdbx_gene_src_atcc                 ? 
_entity_src_gen.pdbx_gene_src_organ                ? 
_entity_src_gen.pdbx_gene_src_organelle            ? 
_entity_src_gen.pdbx_gene_src_cell                 ? 
_entity_src_gen.pdbx_gene_src_cellular_location    ? 
_entity_src_gen.host_org_common_name               ? 
_entity_src_gen.pdbx_host_org_scientific_name      'Escherichia coli' 
_entity_src_gen.pdbx_host_org_ncbi_taxonomy_id     562 
_entity_src_gen.host_org_genus                     Escherichia 
_entity_src_gen.pdbx_host_org_gene                 ? 
_entity_src_gen.pdbx_host_org_organ                ? 
_entity_src_gen.host_org_species                   ? 
_entity_src_gen.pdbx_host_org_tissue               ? 
_entity_src_gen.pdbx_host_org_tissue_fraction      ? 
_entity_src_gen.pdbx_host_org_strain               ? 
_entity_src_gen.pdbx_host_org_variant              ? 
_entity_src_gen.pdbx_host_org_cell_line            ? 
_entity_src_gen.pdbx_host_org_atcc                 ? 
_entity_src_gen.pdbx_host_org_culture_collection   ? 
_entity_src_gen.pdbx_host_org_cell                 ? 
_entity_src_gen.pdbx_host_org_organelle            ? 
_entity_src_gen.pdbx_host_org_cellular_location    ? 
_entity_src_gen.pdbx_host_org_vector_type          PLASMID 
_entity_src_gen.pdbx_host_org_vector               ? 
_entity_src_gen.host_org_details                   ? 
_entity_src_gen.expression_system_id               ? 
_entity_src_gen.plasmid_name                       PGEX-4T-1 
_entity_src_gen.plasmid_details                    ? 
_entity_src_gen.pdbx_description                   ? 
# 
loop_
_chem_comp.id 
_chem_comp.type 
_chem_comp.mon_nstd_flag 
_chem_comp.name 
_chem_comp.pdbx_synonyms 
_chem_comp.formula 
_chem_comp.formula_weight 
ALA 'L-peptide linking' y ALANINE         ? 'C3 H7 N O2'     89.093  
ARG 'L-peptide linking' y ARGININE        ? 'C6 H15 N4 O2 1' 175.209 
ASN 'L-peptide linking' y ASPARAGINE      ? 'C4 H8 N2 O3'    132.118 
ASP 'L-peptide linking' y 'ASPARTIC ACID' ? 'C4 H7 N O4'     133.103 
CYS 'L-peptide linking' y CYSTEINE        ? 'C3 H7 N O2 S'   121.158 
GLN 'L-peptide linking' y GLUTAMINE       ? 'C5 H10 N2 O3'   146.144 
GLU 'L-peptide linking' y 'GLUTAMIC ACID' ? 'C5 H9 N O4'     147.129 
GLY 'peptide linking'   y GLYCINE         ? 'C2 H5 N O2'     75.067  
HOH non-polymer         . WATER           ? 'H2 O'           18.015  
ILE 'L-peptide linking' y ISOLEUCINE      ? 'C6 H13 N O2'    131.173 
LEU 'L-peptide linking' y LEUCINE         ? 'C6 H13 N O2'    131.173 
LYS 'L-peptide linking' y LYSINE          ? 'C6 H15 N2 O2 1' 147.195 
MET 'L-peptide linking' y METHIONINE      ? 'C5 H11 N O2 S'  149.211 
PHE 'L-peptide linking' y PHENYLALANINE   ? 'C9 H11 N O2'    165.189 
PRO 'L-peptide linking' y PROLINE         ? 'C5 H9 N O2'     115.130 
SER 'L-peptide linking' y SERINE          ? 'C3 H7 N O3'     105.093 
THR 'L-peptide linking' y THREONINE       ? 'C4 H9 N O3'     119.119 
TRP 'L-peptide linking' y TRYPTOPHAN      ? 'C11 H12 N2 O2'  204.225 
TYR 'L-peptide linking' y TYROSINE        ? 'C9 H11 N O3'    181.189 
VAL 'L-peptide linking' y VALINE          ? 'C5 H11 N O2'    117.146 
# 
loop_
_pdbx_poly_seq_scheme.asym_id 
_pdbx_poly_seq_scheme.entity_id 
_pdbx_poly_seq_scheme.seq_id 
_pdbx_poly_seq_scheme.mon_id 
_pdbx_poly_seq_scheme.ndb_seq_num 
_pdbx_poly_seq_scheme.pdb_seq_num 
_pdbx_poly_seq_scheme.auth_seq_num 
_pdbx_poly_seq_scheme.pdb_mon_id 
_pdbx_poly_seq_scheme.auth_mon_id 
_pdbx_poly_seq_scheme.pdb_strand_id 
_pdbx_poly_seq_scheme.pdb_ins_code 
_pdbx_poly_seq_scheme.hetero 
A 1 1  THR 1  791 791 THR THR A . n 
A 1 2  PHE 2  792 792 PHE PHE A . n 
A 1 3  LYS 3  793 793 LYS LYS A . n 
A 1 4  SER 4  794 794 SER SER A . n 
A 1 5  ALA 5  795 795 ALA ALA A . n 
A 1 6  VAL 6  796 796 VAL VAL A . n 
A 1 7  LYS 7  797 797 LYS LYS A . n 
A 1 8  ALA 8  798 798 ALA ALA A . n 
A 1 9  LEU 9  799 799 LEU LEU A . n 
A 1 10 PHE 10 800 800 PHE PHE A . n 
A 1 11 ASP 11 801 801 ASP ASP A . n 
A 1 12 TYR 12 802 802 TYR TYR A . n 
A 1 13 LYS 13 803 803 LYS LYS A . n 
A 1 14 ALA 14 804 804 ALA ALA A . n 
A 1 15 GLN 15 805 805 GLN GLN A . n 
A 1 16 ARG 16 806 806 ARG ARG A . n 
A 1 17 GLU 17 807 807 GLU GLU A . n 
A 1 18 ASP 18 808 808 ASP ASP A . n 
A 1 19 GLU 19 809 809 GLU GLU A . n 
A 1 20 LEU 20 810 810 LEU LEU A . n 
A 1 21 THR 21 811 811 THR THR A . n 
A 1 22 PHE 22 812 812 PHE PHE A . n 
A 1 23 THR 23 813 813 THR THR A . n 
A 1 24 LYS 24 814 814 LYS LYS A . n 
A 1 25 SER 25 815 815 SER SER A . n 
A 1 26 ALA 26 816 816 ALA ALA A . n 
A 1 27 ILE 27 817 817 ILE ILE A . n 
A 1 28 ILE 28 818 818 ILE ILE A . n 
A 1 29 GLN 29 819 819 GLN GLN A . n 
A 1 30 ASN 30 820 820 ASN ASN A . n 
A 1 31 VAL 31 821 821 VAL VAL A . n 
A 1 32 GLU 32 822 822 GLU GLU A . n 
A 1 33 LYS 33 823 823 LYS LYS A . n 
A 1 34 GLN 34 824 824 GLN GLN A . n 
A 1 35 ASP 35 825 825 ASP ASP A . n 
A 1 36 GLY 36 826 826 GLY GLY A . n 
A 1 37 GLY 37 827 827 GLY GLY A . n 
A 1 38 TRP 38 828 828 TRP TRP A . n 
A 1 39 TRP 39 829 829 TRP TRP A . n 
A 1 40 ARG 40 830 830 ARG ARG A . n 
A 1 41 GLY 41 831 831 GLY GLY A . n 
A 1 42 ASP 42 832 832 ASP ASP A . n 
A 1 43 TYR 43 833 833 TYR TYR A . n 
A 1 44 GLY 44 834 834 GLY GLY A . n 
A 1 45 GLY 45 835 835 GLY GLY A . n 
A 1 46 LYS 46 836 836 LYS LYS A . n 
A 1 47 LYS 47 837 837 LYS LYS A . n 
A 1 48 GLN 48 838 838 GLN GLN A . n 
A 1 49 LEU 49 839 839 LEU LEU A . n 
A 1 50 TRP 50 840 840 TRP TRP A . n 
A 1 51 PHE 51 841 841 PHE PHE A . n 
A 1 52 PRO 52 842 842 PRO PRO A . n 
A 1 53 SER 53 843 843 SER SER A . n 
A 1 54 ASN 54 844 844 ASN ASN A . n 
A 1 55 TYR 55 845 845 TYR TYR A . n 
A 1 56 VAL 56 846 846 VAL VAL A . n 
A 1 57 GLU 57 847 847 GLU GLU A . n 
A 1 58 GLU 58 848 848 GLU GLU A . n 
A 1 59 MET 59 849 849 MET MET A . n 
A 1 60 ILE 60 850 850 ILE ILE A . n 
A 1 61 ASN 61 851 851 ASN ASN A . n 
# 
loop_
_pdbx_nonpoly_scheme.asym_id 
_pdbx_nonpoly_scheme.entity_id 
_pdbx_nonpoly_scheme.mon_id 
_pdbx_nonpoly_scheme.ndb_seq_num 
_pdbx_nonpoly_scheme.pdb_seq_num 
_pdbx_nonpoly_scheme.auth_seq_num 
_pdbx_nonpoly_scheme.pdb_mon_id 
_pdbx_nonpoly_scheme.auth_mon_id 
_pdbx_nonpoly_scheme.pdb_strand_id 
_pdbx_nonpoly_scheme.pdb_ins_code 
B 2 HOH 1   1   1   HOH HOH A . 
B 2 HOH 2   2   2   HOH HOH A . 
B 2 HOH 3   3   3   HOH HOH A . 
B 2 HOH 4   4   4   HOH HOH A . 
B 2 HOH 5   5   5   HOH HOH A . 
B 2 HOH 6   6   6   HOH HOH A . 
B 2 HOH 7   7   7   HOH HOH A . 
B 2 HOH 8   8   8   HOH HOH A . 
B 2 HOH 9   9   9   HOH HOH A . 
B 2 HOH 10  10  10  HOH HOH A . 
B 2 HOH 11  11  11  HOH HOH A . 
B 2 HOH 12  12  12  HOH HOH A . 
B 2 HOH 13  13  13  HOH HOH A . 
B 2 HOH 14  14  14  HOH HOH A . 
B 2 HOH 15  15  15  HOH HOH A . 
B 2 HOH 16  16  16  HOH HOH A . 
B 2 HOH 17  17  17  HOH HOH A . 
B 2 HOH 18  18  18  HOH HOH A . 
B 2 HOH 19  19  19  HOH HOH A . 
B 2 HOH 20  20  20  HOH HOH A . 
B 2 HOH 21  21  21  HOH HOH A . 
B 2 HOH 22  22  22  HOH HOH A . 
B 2 HOH 23  23  23  HOH HOH A . 
B 2 HOH 24  24  24  HOH HOH A . 
B 2 HOH 25  25  25  HOH HOH A . 
B 2 HOH 26  26  26  HOH HOH A . 
B 2 HOH 27  27  27  HOH HOH A . 
B 2 HOH 28  28  28  HOH HOH A . 
B 2 HOH 29  29  29  HOH HOH A . 
B 2 HOH 30  30  30  HOH HOH A . 
B 2 HOH 31  31  31  HOH HOH A . 
B 2 HOH 32  32  32  HOH HOH A . 
B 2 HOH 33  33  33  HOH HOH A . 
B 2 HOH 34  34  34  HOH HOH A . 
B 2 HOH 35  35  35  HOH HOH A . 
B 2 HOH 36  36  36  HOH HOH A . 
B 2 HOH 37  37  37  HOH HOH A . 
B 2 HOH 38  38  38  HOH HOH A . 
B 2 HOH 39  39  39  HOH HOH A . 
B 2 HOH 40  40  40  HOH HOH A . 
B 2 HOH 41  41  41  HOH HOH A . 
B 2 HOH 42  42  42  HOH HOH A . 
B 2 HOH 43  43  43  HOH HOH A . 
B 2 HOH 44  44  44  HOH HOH A . 
B 2 HOH 45  45  45  HOH HOH A . 
B 2 HOH 46  46  46  HOH HOH A . 
B 2 HOH 47  47  47  HOH HOH A . 
B 2 HOH 48  48  48  HOH HOH A . 
B 2 HOH 49  49  49  HOH HOH A . 
B 2 HOH 50  50  50  HOH HOH A . 
B 2 HOH 51  51  51  HOH HOH A . 
B 2 HOH 52  52  52  HOH HOH A . 
B 2 HOH 53  53  53  HOH HOH A . 
B 2 HOH 54  54  54  HOH HOH A . 
B 2 HOH 55  55  55  HOH HOH A . 
B 2 HOH 56  56  56  HOH HOH A . 
B 2 HOH 57  57  57  HOH HOH A . 
B 2 HOH 58  58  58  HOH HOH A . 
B 2 HOH 59  59  59  HOH HOH A . 
B 2 HOH 60  60  60  HOH HOH A . 
B 2 HOH 61  61  61  HOH HOH A . 
B 2 HOH 62  62  62  HOH HOH A . 
B 2 HOH 63  63  63  HOH HOH A . 
B 2 HOH 64  64  64  HOH HOH A . 
B 2 HOH 65  65  65  HOH HOH A . 
B 2 HOH 66  66  66  HOH HOH A . 
B 2 HOH 67  67  67  HOH HOH A . 
B 2 HOH 68  68  68  HOH HOH A . 
B 2 HOH 69  69  69  HOH HOH A . 
B 2 HOH 70  70  70  HOH HOH A . 
B 2 HOH 71  71  71  HOH HOH A . 
B 2 HOH 72  72  72  HOH HOH A . 
B 2 HOH 73  73  73  HOH HOH A . 
B 2 HOH 74  74  74  HOH HOH A . 
B 2 HOH 75  75  75  HOH HOH A . 
B 2 HOH 76  76  76  HOH HOH A . 
B 2 HOH 77  77  77  HOH HOH A . 
B 2 HOH 78  78  78  HOH HOH A . 
B 2 HOH 79  79  79  HOH HOH A . 
B 2 HOH 80  80  80  HOH HOH A . 
B 2 HOH 81  81  81  HOH HOH A . 
B 2 HOH 82  82  82  HOH HOH A . 
B 2 HOH 83  83  83  HOH HOH A . 
B 2 HOH 84  84  84  HOH HOH A . 
B 2 HOH 85  85  85  HOH HOH A . 
B 2 HOH 86  86  86  HOH HOH A . 
B 2 HOH 87  87  87  HOH HOH A . 
B 2 HOH 88  88  88  HOH HOH A . 
B 2 HOH 89  89  89  HOH HOH A . 
B 2 HOH 90  90  90  HOH HOH A . 
B 2 HOH 91  91  91  HOH HOH A . 
B 2 HOH 92  92  92  HOH HOH A . 
B 2 HOH 93  93  93  HOH HOH A . 
B 2 HOH 94  94  94  HOH HOH A . 
B 2 HOH 95  95  95  HOH HOH A . 
B 2 HOH 96  96  96  HOH HOH A . 
B 2 HOH 97  97  97  HOH HOH A . 
B 2 HOH 98  98  98  HOH HOH A . 
B 2 HOH 99  99  99  HOH HOH A . 
B 2 HOH 100 100 100 HOH HOH A . 
B 2 HOH 101 101 101 HOH HOH A . 
B 2 HOH 102 102 102 HOH HOH A . 
B 2 HOH 103 103 103 HOH HOH A . 
B 2 HOH 104 104 104 HOH HOH A . 
B 2 HOH 105 105 105 HOH HOH A . 
B 2 HOH 106 106 106 HOH HOH A . 
B 2 HOH 107 107 107 HOH HOH A . 
B 2 HOH 108 108 108 HOH HOH A . 
B 2 HOH 109 109 109 HOH HOH A . 
B 2 HOH 110 110 110 HOH HOH A . 
B 2 HOH 111 111 111 HOH HOH A . 
B 2 HOH 112 112 112 HOH HOH A . 
B 2 HOH 113 113 113 HOH HOH A . 
B 2 HOH 114 114 114 HOH HOH A . 
B 2 HOH 115 115 115 HOH HOH A . 
B 2 HOH 116 116 116 HOH HOH A . 
B 2 HOH 117 117 117 HOH HOH A . 
B 2 HOH 118 118 118 HOH HOH A . 
B 2 HOH 119 119 119 HOH HOH A . 
B 2 HOH 120 120 120 HOH HOH A . 
B 2 HOH 121 121 121 HOH HOH A . 
B 2 HOH 122 122 122 HOH HOH A . 
# 
loop_
_software.name 
_software.version 
_software.date 
_software.type 
_software.contact_author 
_software.contact_author_email 
_software.classification 
_software.location 
_software.language 
_software.citation_id 
_software.pdbx_ordinal 
DENZO       .     ?               package 'Zbyszek Otwinowski' zbyszek@mix.swmed.edu    'data reduction'  
http://www.lnls.br/infra/linhasluz/denzo-hkl.htm ?       ? 1 
SCALEPACK   .     ?               package 'Zbyszek Otwinowski' zbyszek@mix.swmed.edu    'data scaling'    
http://www.lnls.br/infra/linhasluz/denzo-hkl.htm ?       ? 2 
MOLREP      .     ?               program 'A. Vagin'           alexei@ysbl.york.ac.uk   phasing           
http://www.ccp4.ac.uk/dist/html/molrep.html      Fortran ? 3 
REFMAC      .     ?               program 'Murshudov, G.N.'    ccp4@dl.ac.uk            refinement        
http://www.ccp4.ac.uk/main.html                  Fortran ? 4 
PDB_EXTRACT 1.501 'July 12, 2004' program H.Yang               sw-help@rcsb.rutgers.edu 'data extraction' 
http://pdb.rutgers.edu/software/                 C/C++   ? 5 
# 
_cell.entry_id           1Y0M 
_cell.length_a           28.748 
_cell.length_b           30.978 
_cell.length_c           29.753 
_cell.angle_alpha        90.00 
_cell.angle_beta         92.12 
_cell.angle_gamma        90.00 
_cell.Z_PDB              2 
_cell.pdbx_unique_axis   ? 
_cell.length_a_esd       ? 
_cell.length_b_esd       ? 
_cell.length_c_esd       ? 
_cell.angle_alpha_esd    ? 
_cell.angle_beta_esd     ? 
_cell.angle_gamma_esd    ? 
# 
_symmetry.entry_id                         1Y0M 
_symmetry.space_group_name_H-M             'P 1 21 1' 
_symmetry.pdbx_full_space_group_name_H-M   ? 
_symmetry.cell_setting                     ? 
_symmetry.Int_Tables_number                4 
_symmetry.space_group_name_Hall            ? 
# 
_exptl.method            'X-RAY DIFFRACTION' 
_exptl.entry_id          1Y0M 
_exptl.crystals_number   1 
# 
_exptl_crystal.id                    1 
_exptl_crystal.density_meas          ? 
_exptl_crystal.density_percent_sol   39.1 
_exptl_crystal.density_Matthews      2.0 
_exptl_crystal.description           ? 
_exptl_crystal.F_000                 ? 
_exptl_crystal.preparation           ? 
# 
_exptl_crystal_grow.crystal_id      1 
_exptl_crystal_grow.method          'VAPOR DIFFUSION, HANGING DROP' 
_exptl_crystal_grow.pH              7.0 
_exptl_crystal_grow.temp            298 
_exptl_crystal_grow.temp_details    ? 
_exptl_crystal_grow.pdbx_details    'Tacsimate, pH 7.0, VAPOR DIFFUSION, HANGING DROP, temperature 298K' 
_exptl_crystal_grow.pdbx_pH_range   . 
# 
_diffrn.id                     1 
_diffrn.ambient_temp           105 
_diffrn.ambient_temp_details   ? 
_diffrn.crystal_id             1 
# 
_diffrn_detector.diffrn_id              1 
_diffrn_detector.detector               CCD 
_diffrn_detector.type                   'ADSC QUANTUM 4' 
_diffrn_detector.pdbx_collection_date   2003-12-16 
_diffrn_detector.details                ? 
# 
_diffrn_radiation.diffrn_id                        1 
_diffrn_radiation.wavelength_id                    1 
_diffrn_radiation.pdbx_diffrn_protocol             'SINGLE WAVELENGTH' 
_diffrn_radiation.monochromator                    ? 
_diffrn_radiation.pdbx_monochromatic_or_laue_m_l   M 
_diffrn_radiation.pdbx_scattering_type             x-ray 
# 
_diffrn_radiation_wavelength.id           1 
_diffrn_radiation_wavelength.wavelength   0.91 
_diffrn_radiation_wavelength.wt           1.0 
# 
_diffrn_source.diffrn_id                   1 
_diffrn_source.source                      SYNCHROTRON 
_diffrn_source.type                        'CHESS BEAMLINE F1' 
_diffrn_source.pdbx_wavelength             ? 
_diffrn_source.pdbx_wavelength_list        0.91 
_diffrn_source.pdbx_synchrotron_site       CHESS 
_diffrn_source.pdbx_synchrotron_beamline   F1 
# 
_reflns.d_resolution_low             50.00 
_reflns.d_resolution_high            1.20 
_reflns.number_obs                   16059 
_reflns.percent_possible_obs         96.8 
_reflns.pdbx_Rmerge_I_obs            0.077 
_reflns.pdbx_chi_squared             2.144 
_reflns.entry_id                     1Y0M 
_reflns.observed_criterion_sigma_F   2.0 
_reflns.observed_criterion_sigma_I   4.0 
_reflns.number_all                   ? 
_reflns.pdbx_Rsym_value              ? 
_reflns.pdbx_netI_over_sigmaI        ? 
_reflns.B_iso_Wilson_estimate        ? 
_reflns.pdbx_redundancy              ? 
_reflns.R_free_details               ? 
_reflns.limit_h_max                  ? 
_reflns.limit_h_min                  ? 
_reflns.limit_k_max                  ? 
_reflns.limit_k_min                  ? 
_reflns.limit_l_max                  ? 
_reflns.limit_l_min                  ? 
_reflns.observed_criterion_F_max     ? 
_reflns.observed_criterion_F_min     ? 
_reflns.pdbx_scaling_rejects         ? 
_reflns.pdbx_diffrn_id               1 
_reflns.pdbx_ordinal                 1 
# 
_reflns_shell.d_res_low              1.24 
_reflns_shell.d_res_high             1.20 
_reflns_shell.number_unique_all      1302 
_reflns_shell.percent_possible_all   79.0 
_reflns_shell.Rmerge_I_obs           0.181 
_reflns_shell.pdbx_redundancy        ? 
_reflns_shell.pdbx_chi_squared       2.176 
_reflns_shell.number_unique_obs      ? 
_reflns_shell.meanI_over_sigI_obs    ? 
_reflns_shell.pdbx_Rsym_value        ? 
_reflns_shell.percent_possible_obs   ? 
_reflns_shell.number_measured_all    ? 
_reflns_shell.number_measured_obs    ? 
_reflns_shell.pdbx_diffrn_id         ? 
_reflns_shell.pdbx_ordinal           1 
# 
_refine.ls_d_res_high                            1.200 
_refine.ls_d_res_low                             29.750 
_refine.pdbx_ls_sigma_F                          ? 
_refine.ls_percent_reflns_obs                    96.980 
_refine.ls_number_reflns_obs                     15999 
_refine.pdbx_ls_cross_valid_method               THROUGHOUT 
_refine.pdbx_R_Free_selection_details            RANDOM 
_refine.ls_R_factor_all                          0.153 
_refine.ls_R_factor_R_work                       0.151 
_refine.ls_R_factor_R_free                       0.177 
_refine.ls_percent_reflns_R_free                 5.100 
_refine.ls_number_reflns_R_free                  808 
_refine.B_iso_mean                               9.503 
_refine.aniso_B[1][1]                            1.050 
_refine.aniso_B[2][2]                            -0.760 
_refine.aniso_B[3][3]                            -0.260 
_refine.aniso_B[1][2]                            0.000 
_refine.aniso_B[1][3]                            0.360 
_refine.aniso_B[2][3]                            0.000 
_refine.correlation_coeff_Fo_to_Fc               0.972 
_refine.correlation_coeff_Fo_to_Fc_free          0.968 
_refine.overall_SU_R_Cruickshank_DPI             0.049 
_refine.pdbx_overall_ESU_R_Free                  0.045 
_refine.overall_SU_ML                            0.028 
_refine.overall_SU_B                             0.598 
_refine.solvent_model_details                    'BABINET MODEL WITH MASK' 
_refine.pdbx_solvent_vdw_probe_radii             1.400 
_refine.pdbx_solvent_ion_probe_radii             0.800 
_refine.pdbx_solvent_shrinkage_radii             0.800 
_refine.entry_id                                 1Y0M 
_refine.pdbx_ls_sigma_I                          ? 
_refine.ls_number_reflns_all                     ? 
_refine.ls_R_factor_obs                          ? 
_refine.ls_redundancy_reflns_obs                 ? 
_refine.pdbx_data_cutoff_high_absF               ? 
_refine.pdbx_data_cutoff_low_absF                ? 
_refine.ls_number_parameters                     ? 
_refine.ls_number_restraints                     ? 
_refine.ls_R_factor_R_free_error                 ? 
_refine.ls_R_factor_R_free_error_details         ? 
_refine.pdbx_method_to_determine_struct          'MOLECULAR REPLACEMENT' 
_refine.pdbx_starting_model                      ? 
_refine.pdbx_stereochem_target_val_spec_case     ? 
_refine.pdbx_stereochemistry_target_values       ? 
_refine.solvent_model_param_bsol                 ? 
_refine.solvent_model_param_ksol                 ? 
_refine.occupancy_max                            ? 
_refine.occupancy_min                            ? 
_refine.pdbx_isotropic_thermal_model             ? 
_refine.details                                  ? 
_refine.B_iso_min                                ? 
_refine.B_iso_max                                ? 
_refine.overall_SU_R_free                        ? 
_refine.pdbx_overall_ESU_R                       ? 
_refine.pdbx_data_cutoff_high_rms_absF           ? 
_refine.ls_wR_factor_R_free                      ? 
_refine.ls_wR_factor_R_work                      ? 
_refine.overall_FOM_free_R_set                   ? 
_refine.overall_FOM_work_R_set                   ? 
_refine.pdbx_refine_id                           'X-RAY DIFFRACTION' 
_refine.pdbx_diffrn_id                           1 
_refine.pdbx_TLS_residual_ADP_flag               ? 
_refine.pdbx_overall_phase_error                 ? 
_refine.pdbx_overall_SU_R_free_Cruickshank_DPI   ? 
_refine.pdbx_overall_SU_R_Blow_DPI               ? 
_refine.pdbx_overall_SU_R_free_Blow_DPI          ? 
# 
_refine_hist.pdbx_refine_id                   'X-RAY DIFFRACTION' 
_refine_hist.cycle_id                         LAST 
_refine_hist.pdbx_number_atoms_protein        526 
_refine_hist.pdbx_number_atoms_nucleic_acid   0 
_refine_hist.pdbx_number_atoms_ligand         0 
_refine_hist.number_atoms_solvent             122 
_refine_hist.number_atoms_total               648 
_refine_hist.d_res_high                       1.200 
_refine_hist.d_res_low                        29.750 
# 
loop_
_refine_ls_restr.type 
_refine_ls_restr.number 
_refine_ls_restr.dev_ideal 
_refine_ls_restr.weight 
_refine_ls_restr.dev_ideal_target 
_refine_ls_restr.pdbx_refine_id 
_refine_ls_restr.pdbx_restraint_function 
r_bond_refined_d                        532  0.010 0.022 ? 'X-RAY DIFFRACTION' ? 
r_bond_other_d                          449  0.002 0.020 ? 'X-RAY DIFFRACTION' ? 
r_angle_refined_deg                     714  1.291 1.916 ? 'X-RAY DIFFRACTION' ? 
r_angle_other_deg                       1059 0.787 3.000 ? 'X-RAY DIFFRACTION' ? 
r_dihedral_angle_1_deg                  60   6.459 5.000 ? 'X-RAY DIFFRACTION' ? 
r_chiral_restr                          69   0.080 0.200 ? 'X-RAY DIFFRACTION' ? 
r_gen_planes_refined                    589  0.007 0.020 ? 'X-RAY DIFFRACTION' ? 
r_gen_planes_other                      114  0.001 0.020 ? 'X-RAY DIFFRACTION' ? 
r_nbd_refined                           82   0.222 0.200 ? 'X-RAY DIFFRACTION' ? 
r_nbd_other                             517  0.249 0.200 ? 'X-RAY DIFFRACTION' ? 
r_nbtor_other                           304  0.083 0.200 ? 'X-RAY DIFFRACTION' ? 
r_xyhbond_nbd_refined                   78   0.238 0.200 ? 'X-RAY DIFFRACTION' ? 
r_symmetry_vdw_refined                  17   0.134 0.200 ? 'X-RAY DIFFRACTION' ? 
r_symmetry_vdw_other                    64   0.232 0.200 ? 'X-RAY DIFFRACTION' ? 
r_symmetry_hbond_refined                39   0.160 0.200 ? 'X-RAY DIFFRACTION' ? 
r_mcbond_it                             302  0.964 1.500 ? 'X-RAY DIFFRACTION' ? 
r_mcangle_it                            484  1.526 2.000 ? 'X-RAY DIFFRACTION' ? 
r_scbond_it                             230  1.815 3.000 ? 'X-RAY DIFFRACTION' ? 
r_scangle_it                            230  2.725 4.500 ? 'X-RAY DIFFRACTION' ? 
'RIGID-BOND RESTRAINTS          (A**2)' 532  0.969 2.000 ? 'X-RAY DIFFRACTION' ? 
'SPHERICITY; FREE ATOMS         (A**2)' 122  ?     2.327 ? 'X-RAY DIFFRACTION' ? 
'SPHERICITY; BONDED ATOMS       (A**2)' 519  ?     1.940 ? 'X-RAY DIFFRACTION' ? 
# 
_refine_ls_shell.d_res_high                       1.200 
_refine_ls_shell.d_res_low                        1.231 
_refine_ls_shell.pdbx_total_number_of_bins_used   20 
_refine_ls_shell.percent_reflns_obs               ? 
_refine_ls_shell.number_reflns_R_work             888 
_refine_ls_shell.R_factor_R_work                  0.191 
_refine_ls_shell.R_factor_R_free                  0.338 
_refine_ls_shell.percent_reflns_R_free            ? 
_refine_ls_shell.number_reflns_R_free             48 
_refine_ls_shell.R_factor_R_free_error            ? 
_refine_ls_shell.number_reflns_obs                ? 
_refine_ls_shell.redundancy_reflns_obs            ? 
_refine_ls_shell.number_reflns_all                ? 
_refine_ls_shell.R_factor_all                     ? 
_refine_ls_shell.pdbx_refine_id                   'X-RAY DIFFRACTION' 
# 
_struct.entry_id                  1Y0M 
_struct.title                     'Crystal structure of of the SH3 domain of phospholipase C Gamma-1' 
_struct.pdbx_model_details        ? 
_struct.pdbx_CASP_flag            ? 
_struct.pdbx_model_type_details   ? 
# 
_struct_keywords.entry_id        1Y0M 
_struct_keywords.pdbx_keywords   HYDROLASE 
_struct_keywords.text            'SH3 domain, HYDROLASE' 
# 
loop_
_struct_asym.id 
_struct_asym.pdbx_blank_PDB_chainid_flag 
_struct_asym.pdbx_modified 
_struct_asym.entity_id 
_struct_asym.details 
A N N 1 ? 
B N N 2 ? 
# 
_struct_ref.id                         1 
_struct_ref.db_name                    UNP 
_struct_ref.db_code                    PIG1_RAT 
_struct_ref.pdbx_db_accession          P10686 
_struct_ref.entity_id                  1 
_struct_ref.pdbx_seq_one_letter_code   TFKCAVKALFDYKAQREDELTFTKSAIIQNVEKQDGGWWRGDYGGKKQLWFPSNYVEEMIN 
_struct_ref.pdbx_align_begin           791 
_struct_ref.pdbx_db_isoform            ? 
# 
_struct_ref_seq.align_id                      1 
_struct_ref_seq.ref_id                        1 
_struct_ref_seq.pdbx_PDB_id_code              1Y0M 
_struct_ref_seq.pdbx_strand_id                A 
_struct_ref_seq.seq_align_beg                 1 
_struct_ref_seq.pdbx_seq_align_beg_ins_code   ? 
_struct_ref_seq.seq_align_end                 61 
_struct_ref_seq.pdbx_seq_align_end_ins_code   ? 
_struct_ref_seq.pdbx_db_accession             P10686 
_struct_ref_seq.db_align_beg                  791 
_struct_ref_seq.pdbx_db_align_beg_ins_code    ? 
_struct_ref_seq.db_align_end                  851 
_struct_ref_seq.pdbx_db_align_end_ins_code    ? 
_struct_ref_seq.pdbx_auth_seq_align_beg       791 
_struct_ref_seq.pdbx_auth_seq_align_end       851 
# 
_struct_ref_seq_dif.align_id                     1 
_struct_ref_seq_dif.pdbx_pdb_id_code             1Y0M 
_struct_ref_seq_dif.mon_id                       SER 
_struct_ref_seq_dif.pdbx_pdb_strand_id           A 
_struct_ref_seq_dif.seq_num                      4 
_struct_ref_seq_dif.pdbx_pdb_ins_code            ? 
_struct_ref_seq_dif.pdbx_seq_db_name             UNP 
_struct_ref_seq_dif.pdbx_seq_db_accession_code   P10686 
_struct_ref_seq_dif.db_mon_id                    CYS 
_struct_ref_seq_dif.pdbx_seq_db_seq_num          794 
_struct_ref_seq_dif.details                      'engineered mutation' 
_struct_ref_seq_dif.pdbx_auth_seq_num            794 
_struct_ref_seq_dif.pdbx_ordinal                 1 
# 
_pdbx_struct_assembly.id                   1 
_pdbx_struct_assembly.details              author_defined_assembly 
_pdbx_struct_assembly.method_details       ? 
_pdbx_struct_assembly.oligomeric_details   monomeric 
_pdbx_struct_assembly.oligomeric_count     1 
# 
_pdbx_struct_assembly_gen.assembly_id       1 
_pdbx_struct_assembly_gen.oper_expression   1 
_pdbx_struct_assembly_gen.asym_id_list      A,B 
# 
_pdbx_struct_oper_list.id                   1 
_pdbx_struct_oper_list.type                 'identity operation' 
_pdbx_struct_oper_list.name                 1_555 
_pdbx_struct_oper_list.symmetry_operation   x,y,z 
_pdbx_struct_oper_list.matrix[1][1]         1.0000000000 
_pdbx_struct_oper_list.matrix[1][2]         0.0000000000 
_pdbx_struct_oper_list.matrix[1][3]         0.0000000000 
_pdbx_struct_oper_list.vector[1]            0.0000000000 
_pdbx_struct_oper_list.matrix[2][1]         0.0000000000 
_pdbx_struct_oper_list.matrix[2][2]         1.0000000000 
_pdbx_struct_oper_list.matrix[2][3]         0.0000000000 
_pdbx_struct_oper_list.vector[2]            0.0000000000 
_pdbx_struct_oper_list.matrix[3][1]         0.0000000000 
_pdbx_struct_oper_list.matrix[3][2]         0.0000000000 
_pdbx_struct_oper_list.matrix[3][3]         1.0000000000 
_pdbx_struct_oper_list.vector[3]            0.0000000000 
# 
_struct_biol.id                    1 
_struct_biol.pdbx_parent_biol_id   ? 
_struct_biol.details               ? 
# 
_struct_sheet.id               A 
_struct_sheet.type             ? 
_struct_sheet.number_strands   5 
_struct_sheet.details          ? 
# 
loop_
_struct_sheet_order.sheet_id 
_struct_sheet_order.range_id_1 
_struct_sheet_order.range_id_2 
_struct_sheet_order.offset 
_struct_sheet_order.sense 
A 1 2 ? anti-parallel 
A 2 3 ? anti-parallel 
A 3 4 ? anti-parallel 
A 4 5 ? anti-parallel 
# 
loop_
_struct_sheet_range.sheet_id 
_struct_sheet_range.id 
_struct_sheet_range.beg_label_comp_id 
_struct_sheet_range.beg_label_asym_id 
_struct_sheet_range.beg_label_seq_id 
_struct_sheet_range.pdbx_beg_PDB_ins_code 
_struct_sheet_range.end_label_comp_id 
_struct_sheet_range.end_label_asym_id 
_struct_sheet_range.end_label_seq_id 
_struct_sheet_range.pdbx_end_PDB_ins_code 
_struct_sheet_range.beg_auth_comp_id 
_struct_sheet_range.beg_auth_asym_id 
_struct_sheet_range.beg_auth_seq_id 
_struct_sheet_range.end_auth_comp_id 
_struct_sheet_range.end_auth_asym_id 
_struct_sheet_range.end_auth_seq_id 
A 1 LYS A 46 ? PRO A 52 ? LYS A 836 PRO A 842 
A 2 TRP A 38 ? TYR A 43 ? TRP A 828 TYR A 833 
A 3 ILE A 27 ? GLU A 32 ? ILE A 817 GLU A 822 
A 4 VAL A 6  ? ALA A 8  ? VAL A 796 ALA A 798 
A 5 VAL A 56 ? GLU A 58 ? VAL A 846 GLU A 848 
# 
loop_
_pdbx_struct_sheet_hbond.sheet_id 
_pdbx_struct_sheet_hbond.range_id_1 
_pdbx_struct_sheet_hbond.range_id_2 
_pdbx_struct_sheet_hbond.range_1_label_atom_id 
_pdbx_struct_sheet_hbond.range_1_label_comp_id 
_pdbx_struct_sheet_hbond.range_1_label_asym_id 
_pdbx_struct_sheet_hbond.range_1_label_seq_id 
_pdbx_struct_sheet_hbond.range_1_PDB_ins_code 
_pdbx_struct_sheet_hbond.range_1_auth_atom_id 
_pdbx_struct_sheet_hbond.range_1_auth_comp_id 
_pdbx_struct_sheet_hbond.range_1_auth_asym_id 
_pdbx_struct_sheet_hbond.range_1_auth_seq_id 
_pdbx_struct_sheet_hbond.range_2_label_atom_id 
_pdbx_struct_sheet_hbond.range_2_label_comp_id 
_pdbx_struct_sheet_hbond.range_2_label_asym_id 
_pdbx_struct_sheet_hbond.range_2_label_seq_id 
_pdbx_struct_sheet_hbond.range_2_PDB_ins_code 
_pdbx_struct_sheet_hbond.range_2_auth_atom_id 
_pdbx_struct_sheet_hbond.range_2_auth_comp_id 
_pdbx_struct_sheet_hbond.range_2_auth_asym_id 
_pdbx_struct_sheet_hbond.range_2_auth_seq_id 
A 1 2 O PHE A 51 ? O PHE A 841 N TRP A 39 ? N TRP A 829 
A 2 3 O ASP A 42 ? O ASP A 832 N GLN A 29 ? N GLN A 819 
A 3 4 O ILE A 28 ? O ILE A 818 N VAL A 6  ? N VAL A 796 
A 4 5 N LYS A 7  ? N LYS A 797 O GLU A 57 ? O GLU A 847 
# 
loop_
_pdbx_validate_close_contact.id 
_pdbx_validate_close_contact.PDB_model_num 
_pdbx_validate_close_contact.auth_atom_id_1 
_pdbx_validate_close_contact.auth_asym_id_1 
_pdbx_validate_close_contact.auth_comp_id_1 
_pdbx_validate_close_contact.auth_seq_id_1 
_pdbx_validate_close_contact.PDB_ins_code_1 
_pdbx_validate_close_contact.label_alt_id_1 
_pdbx_validate_close_contact.auth_atom_id_2 
_pdbx_validate_close_contact.auth_asym_id_2 
_pdbx_validate_close_contact.auth_comp_id_2 
_pdbx_validate_close_contact.auth_seq_id_2 
_pdbx_validate_close_contact.PDB_ins_code_2 
_pdbx_validate_close_contact.label_alt_id_2 
_pdbx_validate_close_contact.dist 
1 1 NZ  A LYS 837 ? B O A HOH 122 ? ? 0.43 
2 1 CE  A LYS 837 ? B O A HOH 122 ? ? 1.65 
3 1 NZ  A LYS 837 ? A O A HOH 120 ? ? 1.91 
4 1 ND2 A ASN 820 ? B O A HOH 88  ? ? 1.92 
5 1 ND2 A ASN 820 ? A O A HOH 42  ? ? 2.01 
6 1 ND2 A ASN 851 ? ? O A HOH 87  ? ? 2.15 
7 1 OG1 A THR 791 ? ? O A HOH 75  ? ? 2.18 
8 1 NZ  A LYS 797 ? ? O A HOH 56  ? ? 2.18 
# 
loop_
_pdbx_validate_rmsd_angle.id 
_pdbx_validate_rmsd_angle.PDB_model_num 
_pdbx_validate_rmsd_angle.auth_atom_id_1 
_pdbx_validate_rmsd_angle.auth_asym_id_1 
_pdbx_validate_rmsd_angle.auth_comp_id_1 
_pdbx_validate_rmsd_angle.auth_seq_id_1 
_pdbx_validate_rmsd_angle.PDB_ins_code_1 
_pdbx_validate_rmsd_angle.label_alt_id_1 
_pdbx_validate_rmsd_angle.auth_atom_id_2 
_pdbx_validate_rmsd_angle.auth_asym_id_2 
_pdbx_validate_rmsd_angle.auth_comp_id_2 
_pdbx_validate_rmsd_angle.auth_seq_id_2 
_pdbx_validate_rmsd_angle.PDB_ins_code_2 
_pdbx_validate_rmsd_angle.label_alt_id_2 
_pdbx_validate_rmsd_angle.auth_atom_id_3 
_pdbx_validate_rmsd_angle.auth_asym_id_3 
_pdbx_validate_rmsd_angle.auth_comp_id_3 
_pdbx_validate_rmsd_angle.auth_seq_id_3 
_pdbx_validate_rmsd_angle.PDB_ins_code_3 
_pdbx_validate_rmsd_angle.label_alt_id_3 
_pdbx_validate_rmsd_angle.angle_value 
_pdbx_validate_rmsd_angle.angle_target_value 
_pdbx_validate_rmsd_angle.angle_deviation 
_pdbx_validate_rmsd_angle.angle_standard_deviation 
_pdbx_validate_rmsd_angle.linker_flag 
1 1 CB A ASP 801 ? ? CG A ASP 801 ? ? OD2 A ASP 801 ? ? 124.00 118.30 5.70 0.90 N 
2 1 CB A ASP 825 ? ? CG A ASP 825 ? B OD2 A ASP 825 ? B 124.02 118.30 5.72 0.90 N 
# 
_pdbx_validate_torsion.id              1 
_pdbx_validate_torsion.PDB_model_num   1 
_pdbx_validate_torsion.auth_comp_id    SER 
_pdbx_validate_torsion.auth_asym_id    A 
_pdbx_validate_torsion.auth_seq_id     815 
_pdbx_validate_torsion.PDB_ins_code    ? 
_pdbx_validate_torsion.label_alt_id    ? 
_pdbx_validate_torsion.phi             88.08 
_pdbx_validate_torsion.psi             -9.97 
# 
_pdbx_phasing_MR.entry_id                     1Y0M 
_pdbx_phasing_MR.d_res_high_rotation          3.000 
_pdbx_phasing_MR.d_res_low_rotation           29.730 
_pdbx_phasing_MR.d_res_high_translation       3.000 
_pdbx_phasing_MR.d_res_low_translation        29.730 
_pdbx_phasing_MR.correlation_coeff_Fo_to_Fc   0.592 
_pdbx_phasing_MR.R_factor                     0.395 
# 
loop_
_chem_comp_atom.comp_id 
_chem_comp_atom.atom_id 
_chem_comp_atom.type_symbol 
_chem_comp_atom.pdbx_aromatic_flag 
_chem_comp_atom.pdbx_stereo_config 
_chem_comp_atom.pdbx_ordinal 
ALA N    N N N 1   
ALA CA   C N S 2   
ALA C    C N N 3   
ALA O    O N N 4   
ALA CB   C N N 5   
ALA OXT  O N N 6   
ALA H    H N N 7   
ALA H2   H N N 8   
ALA HA   H N N 9   
ALA HB1  H N N 10  
ALA HB2  H N N 11  
ALA HB3  H N N 12  
ALA HXT  H N N 13  
ARG N    N N N 14  
ARG CA   C N S 15  
ARG C    C N N 16  
ARG O    O N N 17  
ARG CB   C N N 18  
ARG CG   C N N 19  
ARG CD   C N N 20  
ARG NE   N N N 21  
ARG CZ   C N N 22  
ARG NH1  N N N 23  
ARG NH2  N N N 24  
ARG OXT  O N N 25  
ARG H    H N N 26  
ARG H2   H N N 27  
ARG HA   H N N 28  
ARG HB2  H N N 29  
ARG HB3  H N N 30  
ARG HG2  H N N 31  
ARG HG3  H N N 32  
ARG HD2  H N N 33  
ARG HD3  H N N 34  
ARG HE   H N N 35  
ARG HH11 H N N 36  
ARG HH12 H N N 37  
ARG HH21 H N N 38  
ARG HH22 H N N 39  
ARG HXT  H N N 40  
ASN N    N N N 41  
ASN CA   C N S 42  
ASN C    C N N 43  
ASN O    O N N 44  
ASN CB   C N N 45  
ASN CG   C N N 46  
ASN OD1  O N N 47  
ASN ND2  N N N 48  
ASN OXT  O N N 49  
ASN H    H N N 50  
ASN H2   H N N 51  
ASN HA   H N N 52  
ASN HB2  H N N 53  
ASN HB3  H N N 54  
ASN HD21 H N N 55  
ASN HD22 H N N 56  
ASN HXT  H N N 57  
ASP N    N N N 58  
ASP CA   C N S 59  
ASP C    C N N 60  
ASP O    O N N 61  
ASP CB   C N N 62  
ASP CG   C N N 63  
ASP OD1  O N N 64  
ASP OD2  O N N 65  
ASP OXT  O N N 66  
ASP H    H N N 67  
ASP H2   H N N 68  
ASP HA   H N N 69  
ASP HB2  H N N 70  
ASP HB3  H N N 71  
ASP HD2  H N N 72  
ASP HXT  H N N 73  
CYS N    N N N 74  
CYS CA   C N R 75  
CYS C    C N N 76  
CYS O    O N N 77  
CYS CB   C N N 78  
CYS SG   S N N 79  
CYS OXT  O N N 80  
CYS H    H N N 81  
CYS H2   H N N 82  
CYS HA   H N N 83  
CYS HB2  H N N 84  
CYS HB3  H N N 85  
CYS HG   H N N 86  
CYS HXT  H N N 87  
GLN N    N N N 88  
GLN CA   C N S 89  
GLN C    C N N 90  
GLN O    O N N 91  
GLN CB   C N N 92  
GLN CG   C N N 93  
GLN CD   C N N 94  
GLN OE1  O N N 95  
GLN NE2  N N N 96  
GLN OXT  O N N 97  
GLN H    H N N 98  
GLN H2   H N N 99  
GLN HA   H N N 100 
GLN HB2  H N N 101 
GLN HB3  H N N 102 
GLN HG2  H N N 103 
GLN HG3  H N N 104 
GLN HE21 H N N 105 
GLN HE22 H N N 106 
GLN HXT  H N N 107 
GLU N    N N N 108 
GLU CA   C N S 109 
GLU C    C N N 110 
GLU O    O N N 111 
GLU CB   C N N 112 
GLU CG   C N N 113 
GLU CD   C N N 114 
GLU OE1  O N N 115 
GLU OE2  O N N 116 
GLU OXT  O N N 117 
GLU H    H N N 118 
GLU H2   H N N 119 
GLU HA   H N N 120 
GLU HB2  H N N 121 
GLU HB3  H N N 122 
GLU HG2  H N N 123 
GLU HG3  H N N 124 
GLU HE2  H N N 125 
GLU HXT  H N N 126 
GLY N    N N N 127 
GLY CA   C N N 128 
GLY C    C N N 129 
GLY O    O N N 130 
GLY OXT  O N N 131 
GLY H    H N N 132 
GLY H2   H N N 133 
GLY HA2  H N N 134 
GLY HA3  H N N 135 
GLY HXT  H N N 136 
HOH O    O N N 137 
HOH H1   H N N 138 
HOH H2   H N N 139 
ILE N    N N N 140 
ILE CA   C N S 141 
ILE C    C N N 142 
ILE O    O N N 143 
ILE CB   C N S 144 
ILE CG1  C N N 145 
ILE CG2  C N N 146 
ILE CD1  C N N 147 
ILE OXT  O N N 148 
ILE H    H N N 149 
ILE H2   H N N 150 
ILE HA   H N N 151 
ILE HB   H N N 152 
ILE HG12 H N N 153 
ILE HG13 H N N 154 
ILE HG21 H N N 155 
ILE HG22 H N N 156 
ILE HG23 H N N 157 
ILE HD11 H N N 158 
ILE HD12 H N N 159 
ILE HD13 H N N 160 
ILE HXT  H N N 161 
LEU N    N N N 162 
LEU CA   C N S 163 
LEU C    C N N 164 
LEU O    O N N 165 
LEU CB   C N N 166 
LEU CG   C N N 167 
LEU CD1  C N N 168 
LEU CD2  C N N 169 
LEU OXT  O N N 170 
LEU H    H N N 171 
LEU H2   H N N 172 
LEU HA   H N N 173 
LEU HB2  H N N 174 
LEU HB3  H N N 175 
LEU HG   H N N 176 
LEU HD11 H N N 177 
LEU HD12 H N N 178 
LEU HD13 H N N 179 
LEU HD21 H N N 180 
LEU HD22 H N N 181 
LEU HD23 H N N 182 
LEU HXT  H N N 183 
LYS N    N N N 184 
LYS CA   C N S 185 
LYS C    C N N 186 
LYS O    O N N 187 
LYS CB   C N N 188 
LYS CG   C N N 189 
LYS CD   C N N 190 
LYS CE   C N N 191 
LYS NZ   N N N 192 
LYS OXT  O N N 193 
LYS H    H N N 194 
LYS H2   H N N 195 
LYS HA   H N N 196 
LYS HB2  H N N 197 
LYS HB3  H N N 198 
LYS HG2  H N N 199 
LYS HG3  H N N 200 
LYS HD2  H N N 201 
LYS HD3  H N N 202 
LYS HE2  H N N 203 
LYS HE3  H N N 204 
LYS HZ1  H N N 205 
LYS HZ2  H N N 206 
LYS HZ3  H N N 207 
LYS HXT  H N N 208 
MET N    N N N 209 
MET CA   C N S 210 
MET C    C N N 211 
MET O    O N N 212 
MET CB   C N N 213 
MET CG   C N N 214 
MET SD   S N N 215 
MET CE   C N N 216 
MET OXT  O N N 217 
MET H    H N N 218 
MET H2   H N N 219 
MET HA   H N N 220 
MET HB2  H N N 221 
MET HB3  H N N 222 
MET HG2  H N N 223 
MET HG3  H N N 224 
MET HE1  H N N 225 
MET HE2  H N N 226 
MET HE3  H N N 227 
MET HXT  H N N 228 
PHE N    N N N 229 
PHE CA   C N S 230 
PHE C    C N N 231 
PHE O    O N N 232 
PHE CB   C N N 233 
PHE CG   C Y N 234 
PHE CD1  C Y N 235 
PHE CD2  C Y N 236 
PHE CE1  C Y N 237 
PHE CE2  C Y N 238 
PHE CZ   C Y N 239 
PHE OXT  O N N 240 
PHE H    H N N 241 
PHE H2   H N N 242 
PHE HA   H N N 243 
PHE HB2  H N N 244 
PHE HB3  H N N 245 
PHE HD1  H N N 246 
PHE HD2  H N N 247 
PHE HE1  H N N 248 
PHE HE2  H N N 249 
PHE HZ   H N N 250 
PHE HXT  H N N 251 
PRO N    N N N 252 
PRO CA   C N S 253 
PRO C    C N N 254 
PRO O    O N N 255 
PRO CB   C N N 256 
PRO CG   C N N 257 
PRO CD   C N N 258 
PRO OXT  O N N 259 
PRO H    H N N 260 
PRO HA   H N N 261 
PRO HB2  H N N 262 
PRO HB3  H N N 263 
PRO HG2  H N N 264 
PRO HG3  H N N 265 
PRO HD2  H N N 266 
PRO HD3  H N N 267 
PRO HXT  H N N 268 
SER N    N N N 269 
SER CA   C N S 270 
SER C    C N N 271 
SER O    O N N 272 
SER CB   C N N 273 
SER OG   O N N 274 
SER OXT  O N N 275 
SER H    H N N 276 
SER H2   H N N 277 
SER HA   H N N 278 
SER HB2  H N N 279 
SER HB3  H N N 280 
SER HG   H N N 281 
SER HXT  H N N 282 
THR N    N N N 283 
THR CA   C N S 284 
THR C    C N N 285 
THR O    O N N 286 
THR CB   C N R 287 
THR OG1  O N N 288 
THR CG2  C N N 289 
THR OXT  O N N 290 
THR H    H N N 291 
THR H2   H N N 292 
THR HA   H N N 293 
THR HB   H N N 294 
THR HG1  H N N 295 
THR HG21 H N N 296 
THR HG22 H N N 297 
THR HG23 H N N 298 
THR HXT  H N N 299 
TRP N    N N N 300 
TRP CA   C N S 301 
TRP C    C N N 302 
TRP O    O N N 303 
TRP CB   C N N 304 
TRP CG   C Y N 305 
TRP CD1  C Y N 306 
TRP CD2  C Y N 307 
TRP NE1  N Y N 308 
TRP CE2  C Y N 309 
TRP CE3  C Y N 310 
TRP CZ2  C Y N 311 
TRP CZ3  C Y N 312 
TRP CH2  C Y N 313 
TRP OXT  O N N 314 
TRP H    H N N 315 
TRP H2   H N N 316 
TRP HA   H N N 317 
TRP HB2  H N N 318 
TRP HB3  H N N 319 
TRP HD1  H N N 320 
TRP HE1  H N N 321 
TRP HE3  H N N 322 
TRP HZ2  H N N 323 
TRP HZ3  H N N 324 
TRP HH2  H N N 325 
TRP HXT  H N N 326 
TYR N    N N N 327 
TYR CA   C N S 328 
TYR C    C N N 329 
TYR O    O N N 330 
TYR CB   C N N 331 
TYR CG   C Y N 332 
TYR CD1  C Y N 333 
TYR CD2  C Y N 334 
TYR CE1  C Y N 335 
TYR CE2  C Y N 336 
TYR CZ   C Y N 337 
TYR OH   O N N 338 
TYR OXT  O N N 339 
TYR H    H N N 340 
TYR H2   H N N 341 
TYR HA   H N N 342 
TYR HB2  H N N 343 
TYR HB3  H N N 344 
TYR HD1  H N N 345 
TYR HD2  H N N 346 
TYR HE1  H N N 347 
TYR HE2  H N N 348 
TYR HH   H N N 349 
TYR HXT  H N N 350 
VAL N    N N N 351 
VAL CA   C N S 352 
VAL C    C N N 353 
VAL O    O N N 354 
VAL CB   C N N 355 
VAL CG1  C N N 356 
VAL CG2  C N N 357 
VAL OXT  O N N 358 
VAL H    H N N 359 
VAL H2   H N N 360 
VAL HA   H N N 361 
VAL HB   H N N 362 
VAL HG11 H N N 363 
VAL HG12 H N N 364 
VAL HG13 H N N 365 
VAL HG21 H N N 366 
VAL HG22 H N N 367 
VAL HG23 H N N 368 
VAL HXT  H N N 369 
# 
loop_
_chem_comp_bond.comp_id 
_chem_comp_bond.atom_id_1 
_chem_comp_bond.atom_id_2 
_chem_comp_bond.value_order 
_chem_comp_bond.pdbx_aromatic_flag 
_chem_comp_bond.pdbx_stereo_config 
_chem_comp_bond.pdbx_ordinal 
ALA N   CA   sing N N 1   
ALA N   H    sing N N 2   
ALA N   H2   sing N N 3   
ALA CA  C    sing N N 4   
ALA CA  CB   sing N N 5   
ALA CA  HA   sing N N 6   
ALA C   O    doub N N 7   
ALA C   OXT  sing N N 8   
ALA CB  HB1  sing N N 9   
ALA CB  HB2  sing N N 10  
ALA CB  HB3  sing N N 11  
ALA OXT HXT  sing N N 12  
ARG N   CA   sing N N 13  
ARG N   H    sing N N 14  
ARG N   H2   sing N N 15  
ARG CA  C    sing N N 16  
ARG CA  CB   sing N N 17  
ARG CA  HA   sing N N 18  
ARG C   O    doub N N 19  
ARG C   OXT  sing N N 20  
ARG CB  CG   sing N N 21  
ARG CB  HB2  sing N N 22  
ARG CB  HB3  sing N N 23  
ARG CG  CD   sing N N 24  
ARG CG  HG2  sing N N 25  
ARG CG  HG3  sing N N 26  
ARG CD  NE   sing N N 27  
ARG CD  HD2  sing N N 28  
ARG CD  HD3  sing N N 29  
ARG NE  CZ   sing N N 30  
ARG NE  HE   sing N N 31  
ARG CZ  NH1  sing N N 32  
ARG CZ  NH2  doub N N 33  
ARG NH1 HH11 sing N N 34  
ARG NH1 HH12 sing N N 35  
ARG NH2 HH21 sing N N 36  
ARG NH2 HH22 sing N N 37  
ARG OXT HXT  sing N N 38  
ASN N   CA   sing N N 39  
ASN N   H    sing N N 40  
ASN N   H2   sing N N 41  
ASN CA  C    sing N N 42  
ASN CA  CB   sing N N 43  
ASN CA  HA   sing N N 44  
ASN C   O    doub N N 45  
ASN C   OXT  sing N N 46  
ASN CB  CG   sing N N 47  
ASN CB  HB2  sing N N 48  
ASN CB  HB3  sing N N 49  
ASN CG  OD1  doub N N 50  
ASN CG  ND2  sing N N 51  
ASN ND2 HD21 sing N N 52  
ASN ND2 HD22 sing N N 53  
ASN OXT HXT  sing N N 54  
ASP N   CA   sing N N 55  
ASP N   H    sing N N 56  
ASP N   H2   sing N N 57  
ASP CA  C    sing N N 58  
ASP CA  CB   sing N N 59  
ASP CA  HA   sing N N 60  
ASP C   O    doub N N 61  
ASP C   OXT  sing N N 62  
ASP CB  CG   sing N N 63  
ASP CB  HB2  sing N N 64  
ASP CB  HB3  sing N N 65  
ASP CG  OD1  doub N N 66  
ASP CG  OD2  sing N N 67  
ASP OD2 HD2  sing N N 68  
ASP OXT HXT  sing N N 69  
CYS N   CA   sing N N 70  
CYS N   H    sing N N 71  
CYS N   H2   sing N N 72  
CYS CA  C    sing N N 73  
CYS CA  CB   sing N N 74  
CYS CA  HA   sing N N 75  
CYS C   O    doub N N 76  
CYS C   OXT  sing N N 77  
CYS CB  SG   sing N N 78  
CYS CB  HB2  sing N N 79  
CYS CB  HB3  sing N N 80  
CYS SG  HG   sing N N 81  
CYS OXT HXT  sing N N 82  
GLN N   CA   sing N N 83  
GLN N   H    sing N N 84  
GLN N   H2   sing N N 85  
GLN CA  C    sing N N 86  
GLN CA  CB   sing N N 87  
GLN CA  HA   sing N N 88  
GLN C   O    doub N N 89  
GLN C   OXT  sing N N 90  
GLN CB  CG   sing N N 91  
GLN CB  HB2  sing N N 92  
GLN CB  HB3  sing N N 93  
GLN CG  CD   sing N N 94  
GLN CG  HG2  sing N N 95  
GLN CG  HG3  sing N N 96  
GLN CD  OE1  doub N N 97  
GLN CD  NE2  sing N N 98  
GLN NE2 HE21 sing N N 99  
GLN NE2 HE22 sing N N 100 
GLN OXT HXT  sing N N 101 
GLU N   CA   sing N N 102 
GLU N   H    sing N N 103 
GLU N   H2   sing N N 104 
GLU CA  C    sing N N 105 
GLU CA  CB   sing N N 106 
GLU CA  HA   sing N N 107 
GLU C   O    doub N N 108 
GLU C   OXT  sing N N 109 
GLU CB  CG   sing N N 110 
GLU CB  HB2  sing N N 111 
GLU CB  HB3  sing N N 112 
GLU CG  CD   sing N N 113 
GLU CG  HG2  sing N N 114 
GLU CG  HG3  sing N N 115 
GLU CD  OE1  doub N N 116 
GLU CD  OE2  sing N N 117 
GLU OE2 HE2  sing N N 118 
GLU OXT HXT  sing N N 119 
GLY N   CA   sing N N 120 
GLY N   H    sing N N 121 
GLY N   H2   sing N N 122 
GLY CA  C    sing N N 123 
GLY CA  HA2  sing N N 124 
GLY CA  HA3  sing N N 125 
GLY C   O    doub N N 126 
GLY C   OXT  sing N N 127 
GLY OXT HXT  sing N N 128 
HOH O   H1   sing N N 129 
HOH O   H2   sing N N 130 
ILE N   CA   sing N N 131 
ILE N   H    sing N N 132 
ILE N   H2   sing N N 133 
ILE CA  C    sing N N 134 
ILE CA  CB   sing N N 135 
ILE CA  HA   sing N N 136 
ILE C   O    doub N N 137 
ILE C   OXT  sing N N 138 
ILE CB  CG1  sing N N 139 
ILE CB  CG2  sing N N 140 
ILE CB  HB   sing N N 141 
ILE CG1 CD1  sing N N 142 
ILE CG1 HG12 sing N N 143 
ILE CG1 HG13 sing N N 144 
ILE CG2 HG21 sing N N 145 
ILE CG2 HG22 sing N N 146 
ILE CG2 HG23 sing N N 147 
ILE CD1 HD11 sing N N 148 
ILE CD1 HD12 sing N N 149 
ILE CD1 HD13 sing N N 150 
ILE OXT HXT  sing N N 151 
LEU N   CA   sing N N 152 
LEU N   H    sing N N 153 
LEU N   H2   sing N N 154 
LEU CA  C    sing N N 155 
LEU CA  CB   sing N N 156 
LEU CA  HA   sing N N 157 
LEU C   O    doub N N 158 
LEU C   OXT  sing N N 159 
LEU CB  CG   sing N N 160 
LEU CB  HB2  sing N N 161 
LEU CB  HB3  sing N N 162 
LEU CG  CD1  sing N N 163 
LEU CG  CD2  sing N N 164 
LEU CG  HG   sing N N 165 
LEU CD1 HD11 sing N N 166 
LEU CD1 HD12 sing N N 167 
LEU CD1 HD13 sing N N 168 
LEU CD2 HD21 sing N N 169 
LEU CD2 HD22 sing N N 170 
LEU CD2 HD23 sing N N 171 
LEU OXT HXT  sing N N 172 
LYS N   CA   sing N N 173 
LYS N   H    sing N N 174 
LYS N   H2   sing N N 175 
LYS CA  C    sing N N 176 
LYS CA  CB   sing N N 177 
LYS CA  HA   sing N N 178 
LYS C   O    doub N N 179 
LYS C   OXT  sing N N 180 
LYS CB  CG   sing N N 181 
LYS CB  HB2  sing N N 182 
LYS CB  HB3  sing N N 183 
LYS CG  CD   sing N N 184 
LYS CG  HG2  sing N N 185 
LYS CG  HG3  sing N N 186 
LYS CD  CE   sing N N 187 
LYS CD  HD2  sing N N 188 
LYS CD  HD3  sing N N 189 
LYS CE  NZ   sing N N 190 
LYS CE  HE2  sing N N 191 
LYS CE  HE3  sing N N 192 
LYS NZ  HZ1  sing N N 193 
LYS NZ  HZ2  sing N N 194 
LYS NZ  HZ3  sing N N 195 
LYS OXT HXT  sing N N 196 
MET N   CA   sing N N 197 
MET N   H    sing N N 198 
MET N   H2   sing N N 199 
MET CA  C    sing N N 200 
MET CA  CB   sing N N 201 
MET CA  HA   sing N N 202 
MET C   O    doub N N 203 
MET C   OXT  sing N N 204 
MET CB  CG   sing N N 205 
MET CB  HB2  sing N N 206 
MET CB  HB3  sing N N 207 
MET CG  SD   sing N N 208 
MET CG  HG2  sing N N 209 
MET CG  HG3  sing N N 210 
MET SD  CE   sing N N 211 
MET CE  HE1  sing N N 212 
MET CE  HE2  sing N N 213 
MET CE  HE3  sing N N 214 
MET OXT HXT  sing N N 215 
PHE N   CA   sing N N 216 
PHE N   H    sing N N 217 
PHE N   H2   sing N N 218 
PHE CA  C    sing N N 219 
PHE CA  CB   sing N N 220 
PHE CA  HA   sing N N 221 
PHE C   O    doub N N 222 
PHE C   OXT  sing N N 223 
PHE CB  CG   sing N N 224 
PHE CB  HB2  sing N N 225 
PHE CB  HB3  sing N N 226 
PHE CG  CD1  doub Y N 227 
PHE CG  CD2  sing Y N 228 
PHE CD1 CE1  sing Y N 229 
PHE CD1 HD1  sing N N 230 
PHE CD2 CE2  doub Y N 231 
PHE CD2 HD2  sing N N 232 
PHE CE1 CZ   doub Y N 233 
PHE CE1 HE1  sing N N 234 
PHE CE2 CZ   sing Y N 235 
PHE CE2 HE2  sing N N 236 
PHE CZ  HZ   sing N N 237 
PHE OXT HXT  sing N N 238 
PRO N   CA   sing N N 239 
PRO N   CD   sing N N 240 
PRO N   H    sing N N 241 
PRO CA  C    sing N N 242 
PRO CA  CB   sing N N 243 
PRO CA  HA   sing N N 244 
PRO C   O    doub N N 245 
PRO C   OXT  sing N N 246 
PRO CB  CG   sing N N 247 
PRO CB  HB2  sing N N 248 
PRO CB  HB3  sing N N 249 
PRO CG  CD   sing N N 250 
PRO CG  HG2  sing N N 251 
PRO CG  HG3  sing N N 252 
PRO CD  HD2  sing N N 253 
PRO CD  HD3  sing N N 254 
PRO OXT HXT  sing N N 255 
SER N   CA   sing N N 256 
SER N   H    sing N N 257 
SER N   H2   sing N N 258 
SER CA  C    sing N N 259 
SER CA  CB   sing N N 260 
SER CA  HA   sing N N 261 
SER C   O    doub N N 262 
SER C   OXT  sing N N 263 
SER CB  OG   sing N N 264 
SER CB  HB2  sing N N 265 
SER CB  HB3  sing N N 266 
SER OG  HG   sing N N 267 
SER OXT HXT  sing N N 268 
THR N   CA   sing N N 269 
THR N   H    sing N N 270 
THR N   H2   sing N N 271 
THR CA  C    sing N N 272 
THR CA  CB   sing N N 273 
THR CA  HA   sing N N 274 
THR C   O    doub N N 275 
THR C   OXT  sing N N 276 
THR CB  OG1  sing N N 277 
THR CB  CG2  sing N N 278 
THR CB  HB   sing N N 279 
THR OG1 HG1  sing N N 280 
THR CG2 HG21 sing N N 281 
THR CG2 HG22 sing N N 282 
THR CG2 HG23 sing N N 283 
THR OXT HXT  sing N N 284 
TRP N   CA   sing N N 285 
TRP N   H    sing N N 286 
TRP N   H2   sing N N 287 
TRP CA  C    sing N N 288 
TRP CA  CB   sing N N 289 
TRP CA  HA   sing N N 290 
TRP C   O    doub N N 291 
TRP C   OXT  sing N N 292 
TRP CB  CG   sing N N 293 
TRP CB  HB2  sing N N 294 
TRP CB  HB3  sing N N 295 
TRP CG  CD1  doub Y N 296 
TRP CG  CD2  sing Y N 297 
TRP CD1 NE1  sing Y N 298 
TRP CD1 HD1  sing N N 299 
TRP CD2 CE2  doub Y N 300 
TRP CD2 CE3  sing Y N 301 
TRP NE1 CE2  sing Y N 302 
TRP NE1 HE1  sing N N 303 
TRP CE2 CZ2  sing Y N 304 
TRP CE3 CZ3  doub Y N 305 
TRP CE3 HE3  sing N N 306 
TRP CZ2 CH2  doub Y N 307 
TRP CZ2 HZ2  sing N N 308 
TRP CZ3 CH2  sing Y N 309 
TRP CZ3 HZ3  sing N N 310 
TRP CH2 HH2  sing N N 311 
TRP OXT HXT  sing N N 312 
TYR N   CA   sing N N 313 
TYR N   H    sing N N 314 
TYR N   H2   sing N N 315 
TYR CA  C    sing N N 316 
TYR CA  CB   sing N N 317 
TYR CA  HA   sing N N 318 
TYR C   O    doub N N 319 
TYR C   OXT  sing N N 320 
TYR CB  CG   sing N N 321 
TYR CB  HB2  sing N N 322 
TYR CB  HB3  sing N N 323 
TYR CG  CD1  doub Y N 324 
TYR CG  CD2  sing Y N 325 
TYR CD1 CE1  sing Y N 326 
TYR CD1 HD1  sing N N 327 
TYR CD2 CE2  doub Y N 328 
TYR CD2 HD2  sing N N 329 
TYR CE1 CZ   doub Y N 330 
TYR CE1 HE1  sing N N 331 
TYR CE2 CZ   sing Y N 332 
TYR CE2 HE2  sing N N 333 
TYR CZ  OH   sing N N 334 
TYR OH  HH   sing N N 335 
TYR OXT HXT  sing N N 336 
VAL N   CA   sing N N 337 
VAL N   H    sing N N 338 
VAL N   H2   sing N N 339 
VAL CA  C    sing N N 340 
VAL CA  CB   sing N N 341 
VAL CA  HA   sing N N 342 
VAL C   O    doub N N 343 
VAL C   OXT  sing N N 344 
VAL CB  CG1  sing N N 345 
VAL CB  CG2  sing N N 346 
VAL CB  HB   sing N N 347 
VAL CG1 HG11 sing N N 348 
VAL CG1 HG12 sing N N 349 
VAL CG1 HG13 sing N N 350 
VAL CG2 HG21 sing N N 351 
VAL CG2 HG22 sing N N 352 
VAL CG2 HG23 sing N N 353 
VAL OXT HXT  sing N N 354 
# 
_atom_sites.entry_id                    1Y0M 
_atom_sites.fract_transf_matrix[1][1]   0.00559959 
_atom_sites.fract_transf_matrix[1][2]   -0.02134448 
_atom_sites.fract_transf_matrix[1][3]   0.02692050 
_atom_sites.fract_transf_matrix[2][1]   0.03049674 
_atom_sites.fract_transf_matrix[2][2]   -0.00423341 
_atom_sites.fract_transf_matrix[2][3]   -0.00970001 
_atom_sites.fract_transf_matrix[3][1]   0.00980186 
_atom_sites.fract_transf_matrix[3][2]   0.02541813 
_atom_sites.fract_transf_matrix[3][3]   0.01972362 
_atom_sites.fract_transf_vector[1]      0.566517 
_atom_sites.fract_transf_vector[2]      0.023365 
_atom_sites.fract_transf_vector[3]      0.301498 
# 
loop_
_atom_type.symbol 
C 
N 
O 
S 
# 
loop_
_atom_site.group_PDB 
_atom_site.id 
_atom_site.type_symbol 
_atom_site.label_atom_id 
_atom_site.label_alt_id 
_atom_site.label_comp_id 
_atom_site.label_asym_id 
_atom_site.label_entity_id 
_atom_site.label_seq_id 
_atom_site.pdbx_PDB_ins_code 
_atom_site.Cartn_x 
_atom_site.Cartn_y 
_atom_site.Cartn_z 
_atom_site.occupancy 
_atom_site.B_iso_or_equiv 
_atom_site.pdbx_formal_charge 
_atom_site.auth_seq_id 
_atom_site.auth_comp_id 
_atom_site.auth_asym_id 
_atom_site.auth_atom_id 
_atom_site.pdbx_PDB_model_num 
ATOM   1   N N   . THR A 1 1  ? 6.645   11.838  -14.343 1.00 16.96 ? 791 THR A N   1 
ATOM   2   C CA  . THR A 1 1  ? 6.577   12.595  -13.071 1.00 16.67 ? 791 THR A CA  1 
ATOM   3   C C   . THR A 1 1  ? 5.425   12.185  -12.146 1.00 15.49 ? 791 THR A C   1 
ATOM   4   O O   . THR A 1 1  ? 5.451   12.563  -10.977 1.00 15.80 ? 791 THR A O   1 
ATOM   5   C CB  . THR A 1 1  ? 6.453   14.105  -13.360 1.00 17.25 ? 791 THR A CB  1 
ATOM   6   O OG1 . THR A 1 1  ? 5.363   14.335  -14.266 1.00 18.75 ? 791 THR A OG1 1 
ATOM   7   C CG2 . THR A 1 1  ? 7.701   14.644  -14.076 1.00 18.31 ? 791 THR A CG2 1 
ATOM   8   N N   . PHE A 1 2  ? 4.423   11.454  -12.642 1.00 14.48 ? 792 PHE A N   1 
ATOM   9   C CA  . PHE A 1 2  ? 3.233   11.164  -11.811 1.00 13.56 ? 792 PHE A CA  1 
ATOM   10  C C   . PHE A 1 2  ? 3.516   10.122  -10.730 1.00 12.61 ? 792 PHE A C   1 
ATOM   11  O O   . PHE A 1 2  ? 3.828   8.982   -11.029 1.00 13.72 ? 792 PHE A O   1 
ATOM   12  C CB  . PHE A 1 2  ? 2.017   10.713  -12.639 1.00 14.35 ? 792 PHE A CB  1 
ATOM   13  C CG  . PHE A 1 2  ? 0.817   10.373  -11.786 1.00 14.96 ? 792 PHE A CG  1 
ATOM   14  C CD1 . PHE A 1 2  ? -0.047  11.363  -11.335 1.00 16.25 ? 792 PHE A CD1 1 
ATOM   15  C CD2 . PHE A 1 2  ? 0.584   9.068   -11.394 1.00 15.26 ? 792 PHE A CD2 1 
ATOM   16  C CE1 . PHE A 1 2  ? -1.133  11.046  -10.525 1.00 16.25 ? 792 PHE A CE1 1 
ATOM   17  C CE2 . PHE A 1 2  ? -0.482  8.745   -10.579 1.00 14.10 ? 792 PHE A CE2 1 
ATOM   18  C CZ  . PHE A 1 2  ? -1.331  9.728   -10.119 1.00 15.06 ? 792 PHE A CZ  1 
ATOM   19  N N   . LYS A 1 3  ? 3.370   10.539  -9.480  1.00 11.00 ? 793 LYS A N   1 
ATOM   20  C CA  . LYS A 1 3  ? 3.626   9.702   -8.322  1.00 9.90  ? 793 LYS A CA  1 
ATOM   21  C C   . LYS A 1 3  ? 2.311   9.346   -7.652  1.00 8.97  ? 793 LYS A C   1 
ATOM   22  O O   . LYS A 1 3  ? 1.401   10.174  -7.570  1.00 9.14  ? 793 LYS A O   1 
ATOM   23  C CB  . LYS A 1 3  ? 4.510   10.452  -7.309  1.00 11.13 ? 793 LYS A CB  1 
ATOM   24  C CG  . LYS A 1 3  ? 5.789   11.053  -7.878  1.00 12.68 ? 793 LYS A CG  1 
ATOM   25  C CD  . LYS A 1 3  ? 6.705   11.579  -6.777  1.00 14.17 ? 793 LYS A CD  1 
ATOM   26  C CE  . LYS A 1 3  ? 6.163   12.822  -6.112  1.00 14.30 ? 793 LYS A CE  1 
ATOM   27  N NZ  . LYS A 1 3  ? 6.081   13.961  -7.050  1.00 14.64 ? 793 LYS A NZ  1 
ATOM   28  N N   . SER A 1 4  ? 2.267   8.142   -7.072  1.00 8.03  ? 794 SER A N   1 
ATOM   29  C CA  . SER A 1 4  ? 1.158   7.700   -6.239  1.00 7.52  ? 794 SER A CA  1 
ATOM   30  C C   . SER A 1 4  ? 1.721   6.858   -5.110  1.00 7.24  ? 794 SER A C   1 
ATOM   31  O O   . SER A 1 4  ? 1.758   5.626   -5.181  1.00 7.59  ? 794 SER A O   1 
ATOM   32  C CB  . SER A 1 4  ? 0.143   6.901   -7.035  1.00 8.03  ? 794 SER A CB  1 
ATOM   33  O OG  . SER A 1 4  ? -1.007  6.618   -6.242  1.00 9.38  ? 794 SER A OG  1 
ATOM   34  N N   . ALA A 1 5  ? 2.203   7.540   -4.082  1.00 6.54  ? 795 ALA A N   1 
ATOM   35  C CA  . ALA A 1 5  ? 2.856   6.899   -2.956  1.00 6.28  ? 795 ALA A CA  1 
ATOM   36  C C   . ALA A 1 5  ? 2.028   7.103   -1.696  1.00 6.04  ? 795 ALA A C   1 
ATOM   37  O O   . ALA A 1 5  ? 1.364   8.129   -1.520  1.00 7.05  ? 795 ALA A O   1 
ATOM   38  C CB  . ALA A 1 5  ? 4.227   7.493   -2.761  1.00 7.11  ? 795 ALA A CB  1 
ATOM   39  N N   . VAL A 1 6  ? 2.105   6.120   -0.807  1.00 5.71  ? 796 VAL A N   1 
ATOM   40  C CA  . VAL A 1 6  ? 1.471   6.205   0.499   1.00 6.55  ? 796 VAL A CA  1 
ATOM   41  C C   . VAL A 1 6  ? 2.477   5.750   1.552   1.00 7.03  ? 796 VAL A C   1 
ATOM   42  O O   . VAL A 1 6  ? 3.413   5.013   1.252   1.00 7.28  ? 796 VAL A O   1 
ATOM   43  C CB  . VAL A 1 6  ? 0.171   5.350   0.572   1.00 6.79  ? 796 VAL A CB  1 
ATOM   44  C CG1 . VAL A 1 6  ? -0.810  5.746   -0.517  1.00 6.75  ? 796 VAL A CG1 1 
ATOM   45  C CG2 . VAL A 1 6  ? 0.490   3.866   0.519   1.00 7.04  ? 796 VAL A CG2 1 
ATOM   46  N N   . LYS A 1 7  ? 2.295   6.238   2.771   1.00 7.39  ? 797 LYS A N   1 
ATOM   47  C CA  . LYS A 1 7  ? 3.139   5.862   3.889   1.00 7.91  ? 797 LYS A CA  1 
ATOM   48  C C   . LYS A 1 7  ? 2.348   5.016   4.874   1.00 7.14  ? 797 LYS A C   1 
ATOM   49  O O   . LYS A 1 7  ? 1.278   5.422   5.329   1.00 7.35  ? 797 LYS A O   1 
ATOM   50  C CB  . LYS A 1 7  ? 3.657   7.122   4.567   1.00 8.82  ? 797 LYS A CB  1 
ATOM   51  C CG  . LYS A 1 7  ? 4.589   6.842   5.724   1.00 11.70 ? 797 LYS A CG  1 
ATOM   52  C CD  . LYS A 1 7  ? 4.931   8.115   6.473   1.00 15.63 ? 797 LYS A CD  1 
ATOM   53  C CE  . LYS A 1 7  ? 3.831   8.504   7.418   1.00 17.67 ? 797 LYS A CE  1 
ATOM   54  N NZ  . LYS A 1 7  ? 4.145   9.760   8.127   1.00 20.06 ? 797 LYS A NZ  1 
ATOM   55  N N   . ALA A 1 8  ? 2.842   3.838   5.226   1.00 7.23  ? 798 ALA A N   1 
ATOM   56  C CA  . ALA A 1 8  ? 2.141   2.998   6.186   1.00 7.05  ? 798 ALA A CA  1 
ATOM   57  C C   . ALA A 1 8  ? 2.143   3.660   7.554   1.00 6.43  ? 798 ALA A C   1 
ATOM   58  O O   . ALA A 1 8  ? 3.186   4.097   8.044   1.00 6.88  ? 798 ALA A O   1 
ATOM   59  C CB  . ALA A 1 8  ? 2.789   1.627   6.269   1.00 7.00  ? 798 ALA A CB  1 
ATOM   60  N N   . LEU A 1 9  ? 0.963   3.745   8.159   1.00 6.52  ? 799 LEU A N   1 
ATOM   61  C CA  . LEU A 1 9  ? 0.825   4.225   9.531   1.00 6.69  ? 799 LEU A CA  1 
ATOM   62  C C   . LEU A 1 9  ? 0.768   3.092   10.557  1.00 7.09  ? 799 LEU A C   1 
ATOM   63  O O   . LEU A 1 9  ? 0.903   3.340   11.750  1.00 7.95  ? 799 LEU A O   1 
ATOM   64  C CB  . LEU A 1 9  ? -0.417  5.105   9.672   1.00 7.80  ? 799 LEU A CB  1 
ATOM   65  C CG  . LEU A 1 9  ? -0.401  6.424   8.912   1.00 9.82  ? 799 LEU A CG  1 
ATOM   66  C CD1 . LEU A 1 9  ? -1.729  7.131   9.062   1.00 12.48 ? 799 LEU A CD1 1 
ATOM   67  C CD2 . LEU A 1 9  ? 0.709   7.315   9.404   1.00 12.16 ? 799 LEU A CD2 1 
ATOM   68  N N   . PHE A 1 10 ? 0.526   1.875   10.071  1.00 7.21  ? 800 PHE A N   1 
ATOM   69  C CA  . PHE A 1 10 ? 0.382   0.667   10.882  1.00 7.73  ? 800 PHE A CA  1 
ATOM   70  C C   . PHE A 1 10 ? 0.994   -0.483  10.118  1.00 7.98  ? 800 PHE A C   1 
ATOM   71  O O   . PHE A 1 10 ? 1.032   -0.471  8.879   1.00 9.29  ? 800 PHE A O   1 
ATOM   72  C CB  . PHE A 1 10 ? -1.104  0.382   11.138  1.00 8.27  ? 800 PHE A CB  1 
ATOM   73  C CG  . PHE A 1 10 ? -1.813  1.516   11.806  1.00 8.22  ? 800 PHE A CG  1 
ATOM   74  C CD1 . PHE A 1 10 ? -1.792  1.637   13.187  1.00 8.89  ? 800 PHE A CD1 1 
ATOM   75  C CD2 . PHE A 1 10 ? -2.471  2.481   11.058  1.00 8.98  ? 800 PHE A CD2 1 
ATOM   76  C CE1 . PHE A 1 10 ? -2.405  2.701   13.804  1.00 9.80  ? 800 PHE A CE1 1 
ATOM   77  C CE2 . PHE A 1 10 ? -3.080  3.551   11.676  1.00 10.45 ? 800 PHE A CE2 1 
ATOM   78  C CZ  . PHE A 1 10 ? -3.050  3.655   13.049  1.00 10.00 ? 800 PHE A CZ  1 
ATOM   79  N N   . ASP A 1 11 ? 1.465   -1.479  10.864  1.00 8.22  ? 801 ASP A N   1 
ATOM   80  C CA  . ASP A 1 11 ? 1.933   -2.719  10.258  1.00 8.21  ? 801 ASP A CA  1 
ATOM   81  C C   . ASP A 1 11 ? 0.759   -3.464  9.636   1.00 8.47  ? 801 ASP A C   1 
ATOM   82  O O   . ASP A 1 11 ? -0.365  -3.376  10.136  1.00 9.11  ? 801 ASP A O   1 
ATOM   83  C CB  . ASP A 1 11 ? 2.487   -3.668  11.319  1.00 8.74  ? 801 ASP A CB  1 
ATOM   84  C CG  . ASP A 1 11 ? 3.703   -3.127  12.049  1.00 8.91  ? 801 ASP A CG  1 
ATOM   85  O OD1 . ASP A 1 11 ? 3.998   -3.680  13.133  1.00 11.40 ? 801 ASP A OD1 1 
ATOM   86  O OD2 . ASP A 1 11 ? 4.451   -2.244  11.595  1.00 10.97 ? 801 ASP A OD2 1 
ATOM   87  N N   . TYR A 1 12 ? 1.023   -4.246  8.595   1.00 9.07  ? 802 TYR A N   1 
ATOM   88  C CA  . TYR A 1 12 ? 0.025   -5.145  8.031   1.00 9.29  ? 802 TYR A CA  1 
ATOM   89  C C   . TYR A 1 12 ? 0.671   -6.436  7.552   1.00 9.72  ? 802 TYR A C   1 
ATOM   90  O O   . TYR A 1 12 ? 1.599   -6.416  6.754   1.00 9.60  ? 802 TYR A O   1 
ATOM   91  C CB  . TYR A 1 12 ? -0.730  -4.499  6.859   1.00 9.21  ? 802 TYR A CB  1 
ATOM   92  C CG  . TYR A 1 12 ? -1.827  -5.413  6.343   1.00 9.18  ? 802 TYR A CG  1 
ATOM   93  C CD1 . TYR A 1 12 ? -1.726  -6.065  5.107   1.00 8.55  ? 802 TYR A CD1 1 
ATOM   94  C CD2 . TYR A 1 12 ? -2.955  -5.653  7.109   1.00 10.72 ? 802 TYR A CD2 1 
ATOM   95  C CE1 . TYR A 1 12 ? -2.726  -6.935  4.670   1.00 9.59  ? 802 TYR A CE1 1 
ATOM   96  C CE2 . TYR A 1 12 ? -3.956  -6.502  6.674   1.00 10.57 ? 802 TYR A CE2 1 
ATOM   97  C CZ  . TYR A 1 12 ? -3.836  -7.146  5.465   1.00 10.03 ? 802 TYR A CZ  1 
ATOM   98  O OH  . TYR A 1 12 ? -4.866  -7.972  5.082   1.00 10.76 ? 802 TYR A OH  1 
ATOM   99  N N   . LYS A 1 13 ? 0.156   -7.553  8.054   1.00 9.98  ? 803 LYS A N   1 
ATOM   100 C CA  . LYS A 1 13 ? 0.552   -8.880  7.608   1.00 10.69 ? 803 LYS A CA  1 
ATOM   101 C C   . LYS A 1 13 ? -0.442  -9.413  6.581   1.00 10.08 ? 803 LYS A C   1 
ATOM   102 O O   . LYS A 1 13 ? -1.630  -9.524  6.883   1.00 10.36 ? 803 LYS A O   1 
ATOM   103 C CB  . LYS A 1 13 ? 0.610   -9.843  8.800   1.00 11.75 ? 803 LYS A CB  1 
ATOM   104 C CG  A LYS A 1 13 ? 0.988   -11.290 8.488   0.50 12.97 ? 803 LYS A CG  1 
ATOM   105 C CG  B LYS A 1 13 ? 1.015   -11.251 8.407   0.50 13.15 ? 803 LYS A CG  1 
ATOM   106 C CD  A LYS A 1 13 ? 2.430   -11.430 8.017   0.50 14.52 ? 803 LYS A CD  1 
ATOM   107 C CD  B LYS A 1 13 ? 1.199   -12.161 9.595   0.50 14.67 ? 803 LYS A CD  1 
ATOM   108 C CE  A LYS A 1 13 ? 2.891   -12.894 8.015   0.50 16.32 ? 803 LYS A CE  1 
ATOM   109 C CE  B LYS A 1 13 ? 1.425   -13.596 9.156   0.50 15.88 ? 803 LYS A CE  1 
ATOM   110 N NZ  A LYS A 1 13 ? 4.365   -13.031 8.214   0.50 17.74 ? 803 LYS A NZ  1 
ATOM   111 N NZ  B LYS A 1 13 ? 2.497   -13.712 8.127   0.50 16.77 ? 803 LYS A NZ  1 
ATOM   112 N N   . ALA A 1 14 ? 0.040   -9.758  5.384   1.00 9.81  ? 804 ALA A N   1 
ATOM   113 C CA  . ALA A 1 14 ? -0.802  -10.339 4.337   1.00 10.53 ? 804 ALA A CA  1 
ATOM   114 C C   . ALA A 1 14 ? -1.602  -11.516 4.883   1.00 10.77 ? 804 ALA A C   1 
ATOM   115 O O   . ALA A 1 14 ? -1.056  -12.381 5.580   1.00 11.49 ? 804 ALA A O   1 
ATOM   116 C CB  . ALA A 1 14 ? 0.037   -10.807 3.178   1.00 10.53 ? 804 ALA A CB  1 
ATOM   117 N N   . GLN A 1 15 ? -2.897  -11.526 4.571   1.00 11.17 ? 805 GLN A N   1 
ATOM   118 C CA  . GLN A 1 15 ? -3.827  -12.600 4.941   1.00 12.65 ? 805 GLN A CA  1 
ATOM   119 C C   . GLN A 1 15 ? -4.256  -13.457 3.758   1.00 13.46 ? 805 GLN A C   1 
ATOM   120 O O   . GLN A 1 15 ? -4.848  -14.529 3.938   1.00 14.57 ? 805 GLN A O   1 
ATOM   121 C CB  . GLN A 1 15 ? -5.079  -11.991 5.562   1.00 13.27 ? 805 GLN A CB  1 
ATOM   122 C CG  . GLN A 1 15 ? -4.797  -11.181 6.813   1.00 14.49 ? 805 GLN A CG  1 
ATOM   123 C CD  . GLN A 1 15 ? -4.293  -12.044 7.948   1.00 17.67 ? 805 GLN A CD  1 
ATOM   124 O OE1 . GLN A 1 15 ? -5.036  -12.886 8.463   1.00 19.62 ? 805 GLN A OE1 1 
ATOM   125 N NE2 . GLN A 1 15 ? -3.026  -11.861 8.329   1.00 19.83 ? 805 GLN A NE2 1 
ATOM   126 N N   . ARG A 1 16 ? -4.015  -12.945 2.556   1.00 14.16 ? 806 ARG A N   1 
ATOM   127 C CA  . ARG A 1 16 ? -4.322  -13.645 1.306   1.00 14.70 ? 806 ARG A CA  1 
ATOM   128 C C   . ARG A 1 16 ? -3.062  -13.585 0.441   1.00 14.78 ? 806 ARG A C   1 
ATOM   129 O O   . ARG A 1 16 ? -2.159  -12.753 0.658   1.00 14.37 ? 806 ARG A O   1 
ATOM   130 C CB  . ARG A 1 16 ? -5.548  -13.024 0.608   1.00 15.33 ? 806 ARG A CB  1 
ATOM   131 C CG  . ARG A 1 16 ? -6.875  -13.080 1.423   1.00 16.62 ? 806 ARG A CG  1 
ATOM   132 C CD  . ARG A 1 16 ? -8.032  -12.230 0.843   1.00 17.69 ? 806 ARG A CD  1 
ATOM   133 N NE  . ARG A 1 16 ? -8.401  -12.667 -0.503  1.00 18.56 ? 806 ARG A NE  1 
ATOM   134 C CZ  . ARG A 1 16 ? -9.210  -13.682 -0.785  1.00 18.22 ? 806 ARG A CZ  1 
ATOM   135 N NH1 . ARG A 1 16 ? -9.790  -14.403 0.170   1.00 18.06 ? 806 ARG A NH1 1 
ATOM   136 N NH2 . ARG A 1 16 ? -9.432  -13.986 -2.051  1.00 19.19 ? 806 ARG A NH2 1 
ATOM   137 N N   . GLU A 1 17 ? -3.008  -14.472 -0.546  1.00 15.41 ? 807 GLU A N   1 
ATOM   138 C CA  . GLU A 1 17 ? -1.803  -14.674 -1.342  1.00 15.47 ? 807 GLU A CA  1 
ATOM   139 C C   . GLU A 1 17 ? -1.398  -13.431 -2.152  1.00 14.10 ? 807 GLU A C   1 
ATOM   140 O O   . GLU A 1 17 ? -0.215  -13.178 -2.395  1.00 14.32 ? 807 GLU A O   1 
ATOM   141 C CB  . GLU A 1 17 ? -2.012  -15.875 -2.273  1.00 16.50 ? 807 GLU A CB  1 
ATOM   142 C CG  . GLU A 1 17 ? -0.736  -16.449 -2.856  1.00 19.05 ? 807 GLU A CG  1 
ATOM   143 C CD  . GLU A 1 17 ? 0.153   -17.124 -1.834  1.00 22.26 ? 807 GLU A CD  1 
ATOM   144 O OE1 . GLU A 1 17 ? 1.306   -17.456 -2.194  1.00 24.92 ? 807 GLU A OE1 1 
ATOM   145 O OE2 . GLU A 1 17 ? -0.292  -17.330 -0.682  1.00 24.02 ? 807 GLU A OE2 1 
ATOM   146 N N   . ASP A 1 18 ? -2.400  -12.660 -2.540  1.00 12.33 ? 808 ASP A N   1 
ATOM   147 C CA  . ASP A 1 18 ? -2.198  -11.476 -3.360  1.00 11.05 ? 808 ASP A CA  1 
ATOM   148 C C   . ASP A 1 18 ? -2.123  -10.178 -2.540  1.00 10.11 ? 808 ASP A C   1 
ATOM   149 O O   . ASP A 1 18 ? -2.324  -9.108  -3.095  1.00 8.94  ? 808 ASP A O   1 
ATOM   150 C CB  . ASP A 1 18 ? -3.294  -11.394 -4.436  1.00 12.01 ? 808 ASP A CB  1 
ATOM   151 C CG  . ASP A 1 18 ? -4.699  -11.322 -3.855  1.00 12.41 ? 808 ASP A CG  1 
ATOM   152 O OD1 . ASP A 1 18 ? -5.665  -11.222 -4.637  1.00 14.76 ? 808 ASP A OD1 1 
ATOM   153 O OD2 . ASP A 1 18 ? -4.912  -11.343 -2.627  1.00 13.99 ? 808 ASP A OD2 1 
ATOM   154 N N   . GLU A 1 19 ? -1.828  -10.285 -1.251  1.00 10.22 ? 809 GLU A N   1 
ATOM   155 C CA  . GLU A 1 19 ? -1.750  -9.118  -0.374  1.00 9.73  ? 809 GLU A CA  1 
ATOM   156 C C   . GLU A 1 19 ? -0.311  -8.770  -0.014  1.00 9.78  ? 809 GLU A C   1 
ATOM   157 O O   . GLU A 1 19 ? 0.592   -9.609  -0.008  1.00 10.25 ? 809 GLU A O   1 
ATOM   158 C CB  . GLU A 1 19 ? -2.565  -9.331  0.908   1.00 10.15 ? 809 GLU A CB  1 
ATOM   159 C CG  . GLU A 1 19 ? -4.064  -9.319  0.686   1.00 10.91 ? 809 GLU A CG  1 
ATOM   160 C CD  . GLU A 1 19 ? -4.851  -9.561  1.954   1.00 11.36 ? 809 GLU A CD  1 
ATOM   161 O OE1 . GLU A 1 19 ? -4.243  -9.529  3.057   1.00 10.39 ? 809 GLU A OE1 1 
ATOM   162 O OE2 . GLU A 1 19 ? -6.079  -9.777  1.846   1.00 13.13 ? 809 GLU A OE2 1 
ATOM   163 N N   . LEU A 1 20 ? -0.122  -7.502  0.304   1.00 10.11 ? 810 LEU A N   1 
ATOM   164 C CA  . LEU A 1 20 ? 1.162   -6.962  0.660   1.00 10.99 ? 810 LEU A CA  1 
ATOM   165 C C   . LEU A 1 20 ? 1.404   -7.144  2.172   1.00 11.68 ? 810 LEU A C   1 
ATOM   166 O O   . LEU A 1 20 ? 0.474   -7.181  2.957   1.00 14.43 ? 810 LEU A O   1 
ATOM   167 C CB  . LEU A 1 20 ? 1.116   -5.490  0.263   1.00 11.77 ? 810 LEU A CB  1 
ATOM   168 C CG  . LEU A 1 20 ? 2.360   -4.712  -0.093  1.00 12.68 ? 810 LEU A CG  1 
ATOM   169 C CD1 . LEU A 1 20 ? 3.156   -5.364  -1.199  1.00 12.31 ? 810 LEU A CD1 1 
ATOM   170 C CD2 . LEU A 1 20 ? 1.972   -3.278  -0.478  1.00 10.62 ? 810 LEU A CD2 1 
ATOM   171 N N   . THR A 1 21 ? 2.646   -7.346  2.572   1.00 11.11 ? 811 THR A N   1 
ATOM   172 C CA  . THR A 1 21 ? 3.035   -7.252  3.967   1.00 10.62 ? 811 THR A CA  1 
ATOM   173 C C   . THR A 1 21 ? 3.948   -6.059  4.096   1.00 10.29 ? 811 THR A C   1 
ATOM   174 O O   . THR A 1 21 ? 4.843   -5.874  3.278   1.00 11.61 ? 811 THR A O   1 
ATOM   175 C CB  . THR A 1 21 ? 3.766   -8.524  4.394   1.00 11.42 ? 811 THR A CB  1 
ATOM   176 O OG1 . THR A 1 21 ? 2.827   -9.599  4.510   1.00 12.02 ? 811 THR A OG1 1 
ATOM   177 C CG2 . THR A 1 21 ? 4.369   -8.396  5.777   1.00 11.26 ? 811 THR A CG2 1 
ATOM   178 N N   . PHE A 1 22 ? 3.726   -5.233  5.108   1.00 9.56  ? 812 PHE A N   1 
ATOM   179 C CA  . PHE A 1 22 ? 4.597   -4.093  5.355   1.00 9.04  ? 812 PHE A CA  1 
ATOM   180 C C   . PHE A 1 22 ? 4.579   -3.682  6.801   1.00 9.42  ? 812 PHE A C   1 
ATOM   181 O O   . PHE A 1 22 ? 3.728   -4.106  7.568   1.00 9.78  ? 812 PHE A O   1 
ATOM   182 C CB  . PHE A 1 22 ? 4.226   -2.896  4.471   1.00 8.65  ? 812 PHE A CB  1 
ATOM   183 C CG  . PHE A 1 22 ? 2.763   -2.492  4.550   1.00 8.78  ? 812 PHE A CG  1 
ATOM   184 C CD1 . PHE A 1 22 ? 2.290   -1.696  5.581   1.00 8.08  ? 812 PHE A CD1 1 
ATOM   185 C CD2 . PHE A 1 22 ? 1.863   -2.930  3.596   1.00 10.96 ? 812 PHE A CD2 1 
ATOM   186 C CE1 . PHE A 1 22 ? 0.956   -1.340  5.647   1.00 8.42  ? 812 PHE A CE1 1 
ATOM   187 C CE2 . PHE A 1 22 ? 0.541   -2.568  3.653   1.00 12.03 ? 812 PHE A CE2 1 
ATOM   188 C CZ  . PHE A 1 22 ? 0.082   -1.775  4.673   1.00 10.62 ? 812 PHE A CZ  1 
ATOM   189 N N   . THR A 1 23 ? 5.528   -2.829  7.160   1.00 9.98  ? 813 THR A N   1 
ATOM   190 C CA  . THR A 1 23 ? 5.607   -2.255  8.484   1.00 10.65 ? 813 THR A CA  1 
ATOM   191 C C   . THR A 1 23 ? 5.325   -0.771  8.433   1.00 9.62  ? 813 THR A C   1 
ATOM   192 O O   . THR A 1 23 ? 5.510   -0.110  7.404   1.00 9.63  ? 813 THR A O   1 
ATOM   193 C CB  . THR A 1 23 ? 6.997   -2.472  9.088   1.00 11.70 ? 813 THR A CB  1 
ATOM   194 O OG1 . THR A 1 23 ? 7.999   -2.176  8.106   1.00 14.24 ? 813 THR A OG1 1 
ATOM   195 C CG2 . THR A 1 23 ? 7.218   -3.929  9.458   1.00 13.48 ? 813 THR A CG2 1 
ATOM   196 N N   . LYS A 1 24 ? 4.908   -0.235  9.572   1.00 9.21  ? 814 LYS A N   1 
ATOM   197 C CA  . LYS A 1 24 ? 4.785   1.195   9.763   1.00 9.14  ? 814 LYS A CA  1 
ATOM   198 C C   . LYS A 1 24 ? 6.013   1.935   9.228   1.00 8.16  ? 814 LYS A C   1 
ATOM   199 O O   . LYS A 1 24 ? 7.151   1.502   9.413   1.00 8.69  ? 814 LYS A O   1 
ATOM   200 C CB  . LYS A 1 24 ? 4.623   1.504   11.247  1.00 9.57  ? 814 LYS A CB  1 
ATOM   201 C CG  . LYS A 1 24 ? 4.423   2.973   11.555  1.00 10.37 ? 814 LYS A CG  1 
ATOM   202 C CD  . LYS A 1 24 ? 4.235   3.174   13.032  1.00 12.68 ? 814 LYS A CD  1 
ATOM   203 C CE  . LYS A 1 24 ? 3.829   4.573   13.372  1.00 14.21 ? 814 LYS A CE  1 
ATOM   204 N NZ  . LYS A 1 24 ? 3.205   4.599   14.726  1.00 17.46 ? 814 LYS A NZ  1 
ATOM   205 N N   . SER A 1 25 ? 5.741   3.037   8.528   1.00 8.07  ? 815 SER A N   1 
ATOM   206 C CA  . SER A 1 25 ? 6.746   3.943   7.959   1.00 8.70  ? 815 SER A CA  1 
ATOM   207 C C   . SER A 1 25 ? 7.199   3.536   6.556   1.00 7.93  ? 815 SER A C   1 
ATOM   208 O O   . SER A 1 25 ? 7.895   4.299   5.894   1.00 8.14  ? 815 SER A O   1 
ATOM   209 C CB  . SER A 1 25 ? 7.968   4.148   8.868   1.00 9.20  ? 815 SER A CB  1 
ATOM   210 O OG  . SER A 1 25 ? 7.615   4.487   10.194  1.00 11.07 ? 815 SER A OG  1 
ATOM   211 N N   . ALA A 1 26 ? 6.812   2.345   6.108   1.00 7.67  ? 816 ALA A N   1 
ATOM   212 C CA  . ALA A 1 26 ? 7.094   1.898   4.747   1.00 7.49  ? 816 ALA A CA  1 
ATOM   213 C C   . ALA A 1 26 ? 6.479   2.839   3.721   1.00 7.19  ? 816 ALA A C   1 
ATOM   214 O O   . ALA A 1 26 ? 5.361   3.336   3.920   1.00 7.45  ? 816 ALA A O   1 
ATOM   215 C CB  . ALA A 1 26 ? 6.538   0.496   4.516   1.00 8.13  ? 816 ALA A CB  1 
ATOM   216 N N   . ILE A 1 27 ? 7.184   3.035   2.611   1.00 6.95  ? 817 ILE A N   1 
ATOM   217 C CA  . ILE A 1 27 ? 6.667   3.794   1.476   1.00 6.92  ? 817 ILE A CA  1 
ATOM   218 C C   . ILE A 1 27 ? 6.223   2.808   0.411   1.00 6.72  ? 817 ILE A C   1 
ATOM   219 O O   . ILE A 1 27 ? 7.032   2.053   -0.124  1.00 7.60  ? 817 ILE A O   1 
ATOM   220 C CB  . ILE A 1 27 ? 7.728   4.756   0.900   1.00 7.27  ? 817 ILE A CB  1 
ATOM   221 C CG1 . ILE A 1 27 ? 8.296   5.683   1.991   1.00 8.34  ? 817 ILE A CG1 1 
ATOM   222 C CG2 . ILE A 1 27 ? 7.152   5.544   -0.268  1.00 7.68  ? 817 ILE A CG2 1 
ATOM   223 C CD1 . ILE A 1 27 ? 7.307   6.514   2.732   1.00 9.54  ? 817 ILE A CD1 1 
ATOM   224 N N   . ILE A 1 28 ? 4.929   2.796   0.133   1.00 6.44  ? 818 ILE A N   1 
ATOM   225 C CA  . ILE A 1 28 ? 4.343   1.909   -0.854  1.00 6.26  ? 818 ILE A CA  1 
ATOM   226 C C   . ILE A 1 28 ? 4.093   2.745   -2.097  1.00 6.06  ? 818 ILE A C   1 
ATOM   227 O O   . ILE A 1 28 ? 3.505   3.825   -2.022  1.00 6.79  ? 818 ILE A O   1 
ATOM   228 C CB  . ILE A 1 28 ? 3.039   1.282   -0.307  1.00 6.65  ? 818 ILE A CB  1 
ATOM   229 C CG1 . ILE A 1 28 ? 3.295   0.495   0.972   1.00 7.14  ? 818 ILE A CG1 1 
ATOM   230 C CG2 . ILE A 1 28 ? 2.411   0.377   -1.340  1.00 6.73  ? 818 ILE A CG2 1 
ATOM   231 C CD1 . ILE A 1 28 ? 2.047   0.300   1.807   1.00 10.95 ? 818 ILE A CD1 1 
ATOM   232 N N   . GLN A 1 29 ? 4.538   2.242   -3.243  1.00 5.97  ? 819 GLN A N   1 
ATOM   233 C CA  . GLN A 1 29 ? 4.612   3.020   -4.466  1.00 6.11  ? 819 GLN A CA  1 
ATOM   234 C C   . GLN A 1 29 ? 3.677   2.513   -5.564  1.00 6.32  ? 819 GLN A C   1 
ATOM   235 O O   . GLN A 1 29 ? 3.202   1.378   -5.560  1.00 6.91  ? 819 GLN A O   1 
ATOM   236 C CB  . GLN A 1 29 ? 6.060   3.000   -4.957  1.00 6.88  ? 819 GLN A CB  1 
ATOM   237 C CG  . GLN A 1 29 ? 6.966   3.909   -4.155  1.00 7.38  ? 819 GLN A CG  1 
ATOM   238 C CD  . GLN A 1 29 ? 6.801   5.369   -4.539  1.00 7.07  ? 819 GLN A CD  1 
ATOM   239 O OE1 . GLN A 1 29 ? 5.876   5.732   -5.273  1.00 8.48  ? 819 GLN A OE1 1 
ATOM   240 N NE2 . GLN A 1 29 ? 7.688   6.215   -4.030  1.00 7.32  ? 819 GLN A NE2 1 
ATOM   241 N N   . ASN A 1 30 ? 3.414   3.402   -6.523  1.00 6.94  ? 820 ASN A N   1 
ATOM   242 C CA  . ASN A 1 30 ? 2.615   3.075   -7.705  1.00 7.97  ? 820 ASN A CA  1 
ATOM   243 C C   . ASN A 1 30 ? 1.259   2.527   -7.313  1.00 7.46  ? 820 ASN A C   1 
ATOM   244 O O   . ASN A 1 30 ? 0.774   1.530   -7.845  1.00 8.08  ? 820 ASN A O   1 
ATOM   245 C CB  A ASN A 1 30 ? 3.364   2.166   -8.630  0.50 8.73  ? 820 ASN A CB  1 
ATOM   246 C CB  B ASN A 1 30 ? 3.422   2.062   -8.566  0.50 8.90  ? 820 ASN A CB  1 
ATOM   247 C CG  A ASN A 1 30 ? 4.663   2.746   -8.993  0.50 9.99  ? 820 ASN A CG  1 
ATOM   248 C CG  B ASN A 1 30 ? 2.830   1.802   -9.958  0.50 10.60 ? 820 ASN A CG  1 
ATOM   249 O OD1 A ASN A 1 30 ? 4.741   3.922   -9.370  0.50 11.59 ? 820 ASN A OD1 1 
ATOM   250 O OD1 B ASN A 1 30 ? 2.141   2.636   -10.534 0.50 10.77 ? 820 ASN A OD1 1 
ATOM   251 N ND2 A ASN A 1 30 ? 5.708   1.965   -8.855  0.50 10.94 ? 820 ASN A ND2 1 
ATOM   252 N ND2 B ASN A 1 30 ? 3.131   0.631   -10.504 0.50 11.96 ? 820 ASN A ND2 1 
ATOM   253 N N   . VAL A 1 31 ? 0.641   3.246   -6.384  1.00 7.17  ? 821 VAL A N   1 
ATOM   254 C CA  . VAL A 1 31 ? -0.584  2.797   -5.758  1.00 7.39  ? 821 VAL A CA  1 
ATOM   255 C C   . VAL A 1 31 ? -1.816  3.106   -6.605  1.00 7.65  ? 821 VAL A C   1 
ATOM   256 O O   . VAL A 1 31 ? -2.023  4.243   -7.044  1.00 8.69  ? 821 VAL A O   1 
ATOM   257 C CB  . VAL A 1 31 ? -0.746  3.439   -4.379  1.00 7.14  ? 821 VAL A CB  1 
ATOM   258 C CG1 . VAL A 1 31 ? -2.090  3.073   -3.758  1.00 7.72  ? 821 VAL A CG1 1 
ATOM   259 C CG2 . VAL A 1 31 ? 0.383   3.003   -3.458  1.00 7.55  ? 821 VAL A CG2 1 
ATOM   260 N N   . GLU A 1 32 ? -2.608  2.066   -6.871  1.00 7.98  ? 822 GLU A N   1 
ATOM   261 C CA  . GLU A 1 32 ? -3.940  2.221   -7.432  1.00 8.33  ? 822 GLU A CA  1 
ATOM   262 C C   . GLU A 1 32 ? -4.952  2.240   -6.299  1.00 7.57  ? 822 GLU A C   1 
ATOM   263 O O   . GLU A 1 32 ? -4.998  1.325   -5.465  1.00 8.10  ? 822 GLU A O   1 
ATOM   264 C CB  . GLU A 1 32 ? -4.281  1.106   -8.409  1.00 8.81  ? 822 GLU A CB  1 
ATOM   265 C CG  . GLU A 1 32 ? -5.634  1.355   -9.069  1.00 10.02 ? 822 GLU A CG  1 
ATOM   266 C CD  . GLU A 1 32 ? -6.129  0.223   -9.927  1.00 11.37 ? 822 GLU A CD  1 
ATOM   267 O OE1 . GLU A 1 32 ? -7.336  0.232   -10.247 1.00 12.43 ? 822 GLU A OE1 1 
ATOM   268 O OE2 . GLU A 1 32 ? -5.334  -0.669  -10.267 1.00 13.68 ? 822 GLU A OE2 1 
ATOM   269 N N   . LYS A 1 33 ? -5.738  3.307   -6.272  1.00 7.95  ? 823 LYS A N   1 
ATOM   270 C CA  . LYS A 1 33 ? -6.705  3.571   -5.228  1.00 8.50  ? 823 LYS A CA  1 
ATOM   271 C C   . LYS A 1 33 ? -8.098  3.196   -5.724  1.00 9.18  ? 823 LYS A C   1 
ATOM   272 O O   . LYS A 1 33 ? -8.539  3.638   -6.789  1.00 11.99 ? 823 LYS A O   1 
ATOM   273 C CB  . LYS A 1 33 ? -6.632  5.038   -4.777  1.00 9.05  ? 823 LYS A CB  1 
ATOM   274 C CG  . LYS A 1 33 ? -5.245  5.422   -4.275  1.00 8.67  ? 823 LYS A CG  1 
ATOM   275 C CD  . LYS A 1 33 ? -5.083  6.901   -3.995  1.00 9.18  ? 823 LYS A CD  1 
ATOM   276 C CE  . LYS A 1 33 ? -3.683  7.226   -3.489  1.00 9.20  ? 823 LYS A CE  1 
ATOM   277 N NZ  . LYS A 1 33 ? -3.454  8.690   -3.317  1.00 9.41  ? 823 LYS A NZ  1 
ATOM   278 N N   . GLN A 1 34 ? -8.745  2.318   -4.980  1.00 9.01  ? 824 GLN A N   1 
ATOM   279 C CA  . GLN A 1 34 ? -10.131 1.915   -5.211  1.00 8.48  ? 824 GLN A CA  1 
ATOM   280 C C   . GLN A 1 34 ? -10.922 2.130   -3.934  1.00 9.14  ? 824 GLN A C   1 
ATOM   281 O O   . GLN A 1 34 ? -10.348 2.143   -2.844  1.00 8.67  ? 824 GLN A O   1 
ATOM   282 C CB  . GLN A 1 34 ? -10.183 0.450   -5.640  1.00 8.68  ? 824 GLN A CB  1 
ATOM   283 C CG  . GLN A 1 34 ? -9.531  0.221   -6.987  1.00 9.14  ? 824 GLN A CG  1 
ATOM   284 C CD  . GLN A 1 34 ? -9.525  -1.223  -7.391  1.00 9.50  ? 824 GLN A CD  1 
ATOM   285 O OE1 . GLN A 1 34 ? -10.173 -2.046  -6.754  1.00 10.47 ? 824 GLN A OE1 1 
ATOM   286 N NE2 . GLN A 1 34 ? -8.798  -1.543  -8.446  1.00 10.37 ? 824 GLN A NE2 1 
ATOM   287 N N   . ASP A 1 35 ? -12.245 2.242   -4.049  1.00 9.39  ? 825 ASP A N   1 
ATOM   288 C CA  . ASP A 1 35 ? -13.088 2.689   -2.931  1.00 10.66 ? 825 ASP A CA  1 
ATOM   289 C C   . ASP A 1 35 ? -13.789 1.571   -2.155  1.00 10.48 ? 825 ASP A C   1 
ATOM   290 O O   . ASP A 1 35 ? -14.739 1.839   -1.401  1.00 12.34 ? 825 ASP A O   1 
ATOM   291 C CB  . ASP A 1 35 ? -14.114 3.713   -3.437  1.00 11.30 ? 825 ASP A CB  1 
ATOM   292 C CG  A ASP A 1 35 ? -13.625 5.131   -3.399  0.50 12.31 ? 825 ASP A CG  1 
ATOM   293 C CG  B ASP A 1 35 ? -13.513 5.104   -3.502  0.50 10.97 ? 825 ASP A CG  1 
ATOM   294 O OD1 A ASP A 1 35 ? -13.517 5.685   -2.292  0.50 14.93 ? 825 ASP A OD1 1 
ATOM   295 O OD1 B ASP A 1 35 ? -12.273 5.220   -3.323  0.50 10.94 ? 825 ASP A OD1 1 
ATOM   296 O OD2 A ASP A 1 35 ? -13.400 5.802   -4.429  0.50 13.75 ? 825 ASP A OD2 1 
ATOM   297 O OD2 B ASP A 1 35 ? -14.166 6.133   -3.745  0.50 11.70 ? 825 ASP A OD2 1 
ATOM   298 N N   . GLY A 1 36 ? -13.318 0.337   -2.314  1.00 9.72  ? 826 GLY A N   1 
ATOM   299 C CA  . GLY A 1 36 ? -13.804 -0.786  -1.525  1.00 10.39 ? 826 GLY A CA  1 
ATOM   300 C C   . GLY A 1 36 ? -12.955 -1.163  -0.323  1.00 9.93  ? 826 GLY A C   1 
ATOM   301 O O   . GLY A 1 36 ? -13.074 -2.283  0.183   1.00 11.48 ? 826 GLY A O   1 
ATOM   302 N N   . GLY A 1 37 ? -12.089 -0.252  0.124   1.00 9.37  ? 827 GLY A N   1 
ATOM   303 C CA  . GLY A 1 37 ? -11.226 -0.489  1.267   1.00 9.01  ? 827 GLY A CA  1 
ATOM   304 C C   . GLY A 1 37 ? -9.894  -1.146  0.943   1.00 8.29  ? 827 GLY A C   1 
ATOM   305 O O   . GLY A 1 37 ? -9.129  -1.404  1.865   1.00 8.32  ? 827 GLY A O   1 
ATOM   306 N N   . TRP A 1 38 ? -9.636  -1.441  -0.332  1.00 7.59  ? 828 TRP A N   1 
ATOM   307 C CA  . TRP A 1 38 ? -8.439  -2.148  -0.762  1.00 7.68  ? 828 TRP A CA  1 
ATOM   308 C C   . TRP A 1 38 ? -7.783  -1.400  -1.908  1.00 7.23  ? 828 TRP A C   1 
ATOM   309 O O   . TRP A 1 38 ? -8.430  -1.046  -2.909  1.00 7.35  ? 828 TRP A O   1 
ATOM   310 C CB  . TRP A 1 38 ? -8.806  -3.566  -1.215  1.00 7.67  ? 828 TRP A CB  1 
ATOM   311 C CG  . TRP A 1 38 ? -9.203  -4.420  -0.056  1.00 8.21  ? 828 TRP A CG  1 
ATOM   312 C CD1 . TRP A 1 38 ? -10.463 -4.573  0.445   1.00 8.80  ? 828 TRP A CD1 1 
ATOM   313 C CD2 . TRP A 1 38 ? -8.338  -5.174  0.801   1.00 8.32  ? 828 TRP A CD2 1 
ATOM   314 N NE1 . TRP A 1 38 ? -10.437 -5.402  1.537   1.00 10.09 ? 828 TRP A NE1 1 
ATOM   315 C CE2 . TRP A 1 38 ? -9.144  -5.778  1.786   1.00 9.79  ? 828 TRP A CE2 1 
ATOM   316 C CE3 . TRP A 1 38 ? -6.959  -5.407  0.833   1.00 8.61  ? 828 TRP A CE3 1 
ATOM   317 C CZ2 . TRP A 1 38 ? -8.623  -6.607  2.782   1.00 11.44 ? 828 TRP A CZ2 1 
ATOM   318 C CZ3 . TRP A 1 38 ? -6.446  -6.239  1.815   1.00 10.79 ? 828 TRP A CZ3 1 
ATOM   319 C CH2 . TRP A 1 38 ? -7.272  -6.821  2.779   1.00 12.27 ? 828 TRP A CH2 1 
ATOM   320 N N   . TRP A 1 39 ? -6.491  -1.126  -1.728  1.00 6.73  ? 829 TRP A N   1 
ATOM   321 C CA  . TRP A 1 39 ? -5.635  -0.486  -2.715  1.00 7.02  ? 829 TRP A CA  1 
ATOM   322 C C   . TRP A 1 39 ? -4.546  -1.485  -3.105  1.00 6.79  ? 829 TRP A C   1 
ATOM   323 O O   . TRP A 1 39 ? -4.376  -2.488  -2.428  1.00 7.28  ? 829 TRP A O   1 
ATOM   324 C CB  . TRP A 1 39 ? -4.991  0.760   -2.108  1.00 6.90  ? 829 TRP A CB  1 
ATOM   325 C CG  . TRP A 1 39 ? -5.960  1.885   -1.826  1.00 6.47  ? 829 TRP A CG  1 
ATOM   326 C CD1 . TRP A 1 39 ? -7.296  1.905   -2.098  1.00 7.43  ? 829 TRP A CD1 1 
ATOM   327 C CD2 . TRP A 1 39 ? -5.650  3.175   -1.286  1.00 6.37  ? 829 TRP A CD2 1 
ATOM   328 N NE1 . TRP A 1 39 ? -7.836  3.120   -1.761  1.00 7.15  ? 829 TRP A NE1 1 
ATOM   329 C CE2 . TRP A 1 39 ? -6.847  3.919   -1.257  1.00 6.67  ? 829 TRP A CE2 1 
ATOM   330 C CE3 . TRP A 1 39 ? -4.492  3.767   -0.791  1.00 6.87  ? 829 TRP A CE3 1 
ATOM   331 C CZ2 . TRP A 1 39 ? -6.899  5.217   -0.775  1.00 6.77  ? 829 TRP A CZ2 1 
ATOM   332 C CZ3 . TRP A 1 39 ? -4.552  5.053   -0.313  1.00 7.55  ? 829 TRP A CZ3 1 
ATOM   333 C CH2 . TRP A 1 39 ? -5.740  5.755   -0.307  1.00 7.33  ? 829 TRP A CH2 1 
ATOM   334 N N   . ARG A 1 40 ? -3.824  -1.244  -4.188  1.00 6.89  ? 830 ARG A N   1 
ATOM   335 C CA  . ARG A 1 40 ? -2.711  -2.130  -4.523  1.00 7.09  ? 830 ARG A CA  1 
ATOM   336 C C   . ARG A 1 40 ? -1.483  -1.294  -4.844  1.00 6.33  ? 830 ARG A C   1 
ATOM   337 O O   . ARG A 1 40 ? -1.596  -0.172  -5.320  1.00 7.55  ? 830 ARG A O   1 
ATOM   338 C CB  . ARG A 1 40 ? -3.070  -3.095  -5.664  1.00 7.67  ? 830 ARG A CB  1 
ATOM   339 C CG  . ARG A 1 40 ? -3.294  -2.422  -6.986  1.00 8.76  ? 830 ARG A CG  1 
ATOM   340 C CD  . ARG A 1 40 ? -3.864  -3.307  -8.064  1.00 10.06 ? 830 ARG A CD  1 
ATOM   341 N NE  . ARG A 1 40 ? -3.246  -4.616  -8.128  1.00 11.54 ? 830 ARG A NE  1 
ATOM   342 C CZ  . ARG A 1 40 ? -3.609  -5.574  -8.959  1.00 11.54 ? 830 ARG A CZ  1 
ATOM   343 N NH1 . ARG A 1 40 ? -2.964  -6.729  -8.912  1.00 10.72 ? 830 ARG A NH1 1 
ATOM   344 N NH2 . ARG A 1 40 ? -4.579  -5.365  -9.851  1.00 12.09 ? 830 ARG A NH2 1 
ATOM   345 N N   . GLY A 1 41 ? -0.300  -1.850  -4.622  1.00 6.73  ? 831 GLY A N   1 
ATOM   346 C CA  . GLY A 1 41 ? 0.932   -1.116  -4.809  1.00 6.27  ? 831 GLY A CA  1 
ATOM   347 C C   . GLY A 1 41 ? 2.158   -1.975  -4.644  1.00 6.98  ? 831 GLY A C   1 
ATOM   348 O O   . GLY A 1 41 ? 2.077   -3.215  -4.509  1.00 7.33  ? 831 GLY A O   1 
ATOM   349 N N   . ASP A 1 42 ? 3.300   -1.295  -4.625  1.00 6.70  ? 832 ASP A N   1 
ATOM   350 C CA  . ASP A 1 42 ? 4.608   -1.931  -4.721  1.00 7.48  ? 832 ASP A CA  1 
ATOM   351 C C   . ASP A 1 42 ? 5.432   -1.641  -3.474  1.00 7.06  ? 832 ASP A C   1 
ATOM   352 O O   . ASP A 1 42 ? 5.606   -0.490  -3.064  1.00 7.68  ? 832 ASP A O   1 
ATOM   353 C CB  . ASP A 1 42 ? 5.399   -1.379  -5.908  1.00 8.05  ? 832 ASP A CB  1 
ATOM   354 C CG  . ASP A 1 42 ? 4.697   -1.554  -7.233  1.00 8.16  ? 832 ASP A CG  1 
ATOM   355 O OD1 . ASP A 1 42 ? 5.128   -0.899  -8.219  1.00 9.24  ? 832 ASP A OD1 1 
ATOM   356 O OD2 . ASP A 1 42 ? 3.697   -2.275  -7.372  1.00 8.09  ? 832 ASP A OD2 1 
ATOM   357 N N   . TYR A 1 43 ? 5.932   -2.696  -2.853  1.00 7.19  ? 833 TYR A N   1 
ATOM   358 C CA  . TYR A 1 43 ? 6.792   -2.544  -1.677  1.00 7.87  ? 833 TYR A CA  1 
ATOM   359 C C   . TYR A 1 43 ? 7.535   -3.845  -1.424  1.00 8.70  ? 833 TYR A C   1 
ATOM   360 O O   . TYR A 1 43 ? 6.967   -4.931  -1.580  1.00 8.97  ? 833 TYR A O   1 
ATOM   361 C CB  . TYR A 1 43 ? 5.972   -2.180  -0.423  1.00 8.25  ? 833 TYR A CB  1 
ATOM   362 C CG  . TYR A 1 43 ? 6.810   -2.259  0.822   1.00 8.07  ? 833 TYR A CG  1 
ATOM   363 C CD1 . TYR A 1 43 ? 6.769   -3.374  1.648   1.00 8.84  ? 833 TYR A CD1 1 
ATOM   364 C CD2 . TYR A 1 43 ? 7.695   -1.245  1.144   1.00 8.31  ? 833 TYR A CD2 1 
ATOM   365 C CE1 . TYR A 1 43 ? 7.566   -3.472  2.761   1.00 9.31  ? 833 TYR A CE1 1 
ATOM   366 C CE2 . TYR A 1 43 ? 8.511   -1.340  2.242   1.00 8.64  ? 833 TYR A CE2 1 
ATOM   367 C CZ  . TYR A 1 43 ? 8.443   -2.453  3.062   1.00 9.40  ? 833 TYR A CZ  1 
ATOM   368 O OH  . TYR A 1 43 ? 9.254   -2.568  4.172   1.00 11.77 ? 833 TYR A OH  1 
ATOM   369 N N   . GLY A 1 44 ? 8.796   -3.743  -1.020  1.00 9.79  ? 834 GLY A N   1 
ATOM   370 C CA  . GLY A 1 44 ? 9.505   -4.873  -0.466  1.00 10.55 ? 834 GLY A CA  1 
ATOM   371 C C   . GLY A 1 44 ? 9.673   -6.019  -1.441  1.00 10.86 ? 834 GLY A C   1 
ATOM   372 O O   . GLY A 1 44 ? 9.653   -7.181  -1.020  1.00 12.69 ? 834 GLY A O   1 
ATOM   373 N N   . GLY A 1 45 ? 9.881   -5.691  -2.709  1.00 10.48 ? 835 GLY A N   1 
ATOM   374 C CA  . GLY A 1 45 ? 10.043  -6.682  -3.750  1.00 9.79  ? 835 GLY A CA  1 
ATOM   375 C C   . GLY A 1 45 ? 8.743   -7.287  -4.255  1.00 8.97  ? 835 GLY A C   1 
ATOM   376 O O   . GLY A 1 45 ? 8.771   -8.209  -5.052  1.00 9.87  ? 835 GLY A O   1 
ATOM   377 N N   . LYS A 1 46 ? 7.604   -6.766  -3.803  1.00 8.59  ? 836 LYS A N   1 
ATOM   378 C CA  . LYS A 1 46 ? 6.294   -7.214  -4.265  1.00 8.46  ? 836 LYS A CA  1 
ATOM   379 C C   . LYS A 1 46 ? 5.716   -6.174  -5.221  1.00 8.12  ? 836 LYS A C   1 
ATOM   380 O O   . LYS A 1 46 ? 5.851   -4.958  -4.992  1.00 8.74  ? 836 LYS A O   1 
ATOM   381 C CB  . LYS A 1 46 ? 5.327   -7.402  -3.090  1.00 9.42  ? 836 LYS A CB  1 
ATOM   382 C CG  . LYS A 1 46 ? 5.831   -8.281  -1.963  1.00 12.01 ? 836 LYS A CG  1 
ATOM   383 C CD  . LYS A 1 46 ? 6.106   -9.703  -2.404  1.00 15.05 ? 836 LYS A CD  1 
ATOM   384 C CE  . LYS A 1 46 ? 6.461   -10.586 -1.204  1.00 17.52 ? 836 LYS A CE  1 
ATOM   385 N NZ  . LYS A 1 46 ? 6.782   -11.974 -1.595  1.00 20.36 ? 836 LYS A NZ  1 
ATOM   386 N N   . LYS A 1 47 ? 5.014   -6.659  -6.246  1.00 7.79  ? 837 LYS A N   1 
ATOM   387 C CA  . LYS A 1 47 ? 4.494   -5.821  -7.313  1.00 8.09  ? 837 LYS A CA  1 
ATOM   388 C C   A LYS A 1 47 ? 2.964   -5.912  -7.377  0.50 7.62  ? 837 LYS A C   1 
ATOM   389 C C   B LYS A 1 47 ? 2.964   -5.912  -7.377  0.50 7.62  ? 837 LYS A C   1 
ATOM   390 O O   A LYS A 1 47 ? 2.395   -6.978  -7.625  0.50 8.07  ? 837 LYS A O   1 
ATOM   391 O O   B LYS A 1 47 ? 2.395   -6.978  -7.625  0.50 8.07  ? 837 LYS A O   1 
ATOM   392 C CB  A LYS A 1 47 ? 5.101   -6.284  -8.633  0.30 9.18  ? 837 LYS A CB  1 
ATOM   393 C CB  B LYS A 1 47 ? 5.095   -6.276  -8.649  0.70 9.18  ? 837 LYS A CB  1 
ATOM   394 C CG  A LYS A 1 47 ? 4.664   -5.548  -9.833  0.30 11.68 ? 837 LYS A CG  1 
ATOM   395 C CG  B LYS A 1 47 ? 4.707   -5.398  -9.826  0.70 11.68 ? 837 LYS A CG  1 
ATOM   396 C CD  A LYS A 1 47 ? 5.113   -4.142  -9.845  0.30 15.36 ? 837 LYS A CD  1 
ATOM   397 C CD  B LYS A 1 47 ? 5.181   -3.967  -9.628  0.70 15.36 ? 837 LYS A CD  1 
ATOM   398 C CE  A LYS A 1 47 ? 5.683   -3.814  -11.187 0.30 19.85 ? 837 LYS A CE  1 
ATOM   399 C CE  B LYS A 1 47 ? 6.692   -3.903  -9.484  0.70 19.85 ? 837 LYS A CE  1 
ATOM   400 N NZ  A LYS A 1 47 ? 5.114   -4.609  -12.286 0.30 22.21 ? 837 LYS A NZ  1 
ATOM   401 N NZ  B LYS A 1 47 ? 7.172   -2.506  -9.285  0.70 22.21 ? 837 LYS A NZ  1 
ATOM   402 N N   . GLN A 1 48 ? 2.312   -4.783  -7.117  1.00 7.38  ? 838 GLN A N   1 
ATOM   403 C CA  . GLN A 1 48 ? 0.871   -4.584  -7.322  1.00 7.88  ? 838 GLN A CA  1 
ATOM   404 C C   . GLN A 1 48 ? 0.045   -5.541  -6.460  1.00 7.44  ? 838 GLN A C   1 
ATOM   405 O O   . GLN A 1 48 ? -0.959  -6.096  -6.904  1.00 8.05  ? 838 GLN A O   1 
ATOM   406 C CB  . GLN A 1 48 ? 0.512   -4.658  -8.813  1.00 7.86  ? 838 GLN A CB  1 
ATOM   407 C CG  . GLN A 1 48 ? 1.093   -3.509  -9.619  1.00 8.59  ? 838 GLN A CG  1 
ATOM   408 C CD  . GLN A 1 48 ? 0.504   -2.165  -9.231  1.00 9.51  ? 838 GLN A CD  1 
ATOM   409 O OE1 . GLN A 1 48 ? -0.654  -1.900  -9.532  1.00 11.95 ? 838 GLN A OE1 1 
ATOM   410 N NE2 . GLN A 1 48 ? 1.285   -1.333  -8.556  1.00 9.43  ? 838 GLN A NE2 1 
ATOM   411 N N   . LEU A 1 49 ? 0.466   -5.732  -5.215  1.00 7.33  ? 839 LEU A N   1 
ATOM   412 C CA  . LEU A 1 49 ? -0.296  -6.517  -4.263  1.00 7.04  ? 839 LEU A CA  1 
ATOM   413 C C   . LEU A 1 49 ? -1.210  -5.626  -3.424  1.00 7.49  ? 839 LEU A C   1 
ATOM   414 O O   . LEU A 1 49 ? -0.981  -4.416  -3.271  1.00 7.71  ? 839 LEU A O   1 
ATOM   415 C CB  . LEU A 1 49 ? 0.622   -7.392  -3.399  1.00 7.25  ? 839 LEU A CB  1 
ATOM   416 C CG  . LEU A 1 49 ? 1.532   -8.384  -4.140  1.00 7.59  ? 839 LEU A CG  1 
ATOM   417 C CD1 . LEU A 1 49 ? 2.148   -9.330  -3.150  1.00 7.94  ? 839 LEU A CD1 1 
ATOM   418 C CD2 . LEU A 1 49 ? 0.771   -9.170  -5.195  1.00 8.47  ? 839 LEU A CD2 1 
ATOM   419 N N   . TRP A 1 50 ? -2.245  -6.244  -2.869  1.00 7.48  ? 840 TRP A N   1 
ATOM   420 C CA  . TRP A 1 50 ? -3.354  -5.542  -2.213  1.00 7.83  ? 840 TRP A CA  1 
ATOM   421 C C   . TRP A 1 50 ? -3.112  -5.278  -0.738  1.00 7.74  ? 840 TRP A C   1 
ATOM   422 O O   . TRP A 1 50 ? -2.505  -6.076  -0.034  1.00 8.68  ? 840 TRP A O   1 
ATOM   423 C CB  . TRP A 1 50 ? -4.648  -6.355  -2.353  1.00 8.33  ? 840 TRP A CB  1 
ATOM   424 C CG  . TRP A 1 50 ? -5.096  -6.512  -3.790  1.00 8.58  ? 840 TRP A CG  1 
ATOM   425 C CD1 . TRP A 1 50 ? -4.850  -7.577  -4.616  1.00 9.95  ? 840 TRP A CD1 1 
ATOM   426 C CD2 . TRP A 1 50 ? -5.806  -5.558  -4.578  1.00 8.67  ? 840 TRP A CD2 1 
ATOM   427 N NE1 . TRP A 1 50 ? -5.381  -7.343  -5.857  1.00 9.93  ? 840 TRP A NE1 1 
ATOM   428 C CE2 . TRP A 1 50 ? -5.987  -6.119  -5.861  1.00 9.21  ? 840 TRP A CE2 1 
ATOM   429 C CE3 . TRP A 1 50 ? -6.345  -4.299  -4.322  1.00 9.26  ? 840 TRP A CE3 1 
ATOM   430 C CZ2 . TRP A 1 50 ? -6.656  -5.445  -6.884  1.00 9.78  ? 840 TRP A CZ2 1 
ATOM   431 C CZ3 . TRP A 1 50 ? -6.991  -3.634  -5.338  1.00 10.29 ? 840 TRP A CZ3 1 
ATOM   432 C CH2 . TRP A 1 50 ? -7.152  -4.211  -6.600  1.00 10.73 ? 840 TRP A CH2 1 
ATOM   433 N N   . PHE A 1 51 ? -3.649  -4.172  -0.247  1.00 7.85  ? 841 PHE A N   1 
ATOM   434 C CA  . PHE A 1 51 ? -3.552  -3.826  1.162   1.00 8.13  ? 841 PHE A CA  1 
ATOM   435 C C   . PHE A 1 51 ? -4.750  -2.973  1.562   1.00 7.68  ? 841 PHE A C   1 
ATOM   436 O O   . PHE A 1 51 ? -5.330  -2.282  0.715   1.00 7.56  ? 841 PHE A O   1 
ATOM   437 C CB  . PHE A 1 51 ? -2.239  -3.103  1.490   1.00 8.38  ? 841 PHE A CB  1 
ATOM   438 C CG  . PHE A 1 51 ? -2.055  -1.813  0.752   1.00 8.88  ? 841 PHE A CG  1 
ATOM   439 C CD1 . PHE A 1 51 ? -1.489  -1.788  -0.509  1.00 9.37  ? 841 PHE A CD1 1 
ATOM   440 C CD2 . PHE A 1 51 ? -2.422  -0.602  1.347   1.00 8.30  ? 841 PHE A CD2 1 
ATOM   441 C CE1 . PHE A 1 51 ? -1.328  -0.616  -1.191  1.00 8.92  ? 841 PHE A CE1 1 
ATOM   442 C CE2 . PHE A 1 51 ? -2.261  0.575   0.660   1.00 9.08  ? 841 PHE A CE2 1 
ATOM   443 C CZ  . PHE A 1 51 ? -1.706  0.580   -0.598  1.00 9.05  ? 841 PHE A CZ  1 
ATOM   444 N N   . PRO A 1 52 ? -5.126  -2.981  2.840   1.00 7.99  ? 842 PRO A N   1 
ATOM   445 C CA  . PRO A 1 52 ? -6.286  -2.192  3.244   1.00 8.17  ? 842 PRO A CA  1 
ATOM   446 C C   . PRO A 1 52 ? -5.914  -0.710  3.345   1.00 7.55  ? 842 PRO A C   1 
ATOM   447 O O   . PRO A 1 52 ? -4.900  -0.323  3.946   1.00 6.97  ? 842 PRO A O   1 
ATOM   448 C CB  . PRO A 1 52 ? -6.676  -2.796  4.606   1.00 9.11  ? 842 PRO A CB  1 
ATOM   449 C CG  . PRO A 1 52 ? -5.868  -4.020  4.786   1.00 10.89 ? 842 PRO A CG  1 
ATOM   450 C CD  . PRO A 1 52 ? -4.617  -3.797  3.960   1.00 8.74  ? 842 PRO A CD  1 
ATOM   451 N N   . SER A 1 53 ? -6.738  0.133   2.738   1.00 7.69  ? 843 SER A N   1 
ATOM   452 C CA  . SER A 1 53 ? -6.430  1.559   2.635   1.00 7.41  ? 843 SER A CA  1 
ATOM   453 C C   . SER A 1 53 ? -6.432  2.307   3.969   1.00 7.42  ? 843 SER A C   1 
ATOM   454 O O   . SER A 1 53 ? -5.782  3.339   4.094   1.00 7.37  ? 843 SER A O   1 
ATOM   455 C CB  . SER A 1 53 ? -7.371  2.237   1.646   1.00 7.90  ? 843 SER A CB  1 
ATOM   456 O OG  . SER A 1 53 ? -8.703  1.969   1.993   1.00 8.46  ? 843 SER A OG  1 
ATOM   457 N N   . ASN A 1 54 ? -7.107  1.753   4.971   1.00 6.92  ? 844 ASN A N   1 
ATOM   458 C CA  . ASN A 1 54 ? -7.103  2.364   6.296   1.00 7.87  ? 844 ASN A CA  1 
ATOM   459 C C   . ASN A 1 54 ? -5.822  2.150   7.084   1.00 7.21  ? 844 ASN A C   1 
ATOM   460 O O   . ASN A 1 54 ? -5.713  2.634   8.209   1.00 8.64  ? 844 ASN A O   1 
ATOM   461 C CB  . ASN A 1 54 ? -8.321  1.948   7.149   1.00 8.89  ? 844 ASN A CB  1 
ATOM   462 C CG  . ASN A 1 54 ? -8.481  0.457   7.321   1.00 10.35 ? 844 ASN A CG  1 
ATOM   463 O OD1 . ASN A 1 54 ? -8.182  -0.329  6.426   1.00 11.49 ? 844 ASN A OD1 1 
ATOM   464 N ND2 . ASN A 1 54 ? -9.008  0.061   8.485   1.00 13.78 ? 844 ASN A ND2 1 
ATOM   465 N N   . TYR A 1 55 ? -4.818  1.512   6.475   1.00 6.95  ? 845 TYR A N   1 
ATOM   466 C CA  . TYR A 1 55 ? -3.522  1.338   7.134   1.00 7.06  ? 845 TYR A CA  1 
ATOM   467 C C   . TYR A 1 55 ? -2.503  2.405   6.740   1.00 6.43  ? 845 TYR A C   1 
ATOM   468 O O   . TYR A 1 55 ? -1.396  2.397   7.283   1.00 7.31  ? 845 TYR A O   1 
ATOM   469 C CB  . TYR A 1 55 ? -2.950  -0.053  6.835   1.00 7.21  ? 845 TYR A CB  1 
ATOM   470 C CG  . TYR A 1 55 ? -3.568  -1.157  7.659   1.00 7.71  ? 845 TYR A CG  1 
ATOM   471 C CD1 . TYR A 1 55 ? -4.891  -1.512  7.473   1.00 9.46  ? 845 TYR A CD1 1 
ATOM   472 C CD2 . TYR A 1 55 ? -2.842  -1.853  8.613   1.00 8.34  ? 845 TYR A CD2 1 
ATOM   473 C CE1 . TYR A 1 55 ? -5.482  -2.514  8.224   1.00 9.80  ? 845 TYR A CE1 1 
ATOM   474 C CE2 . TYR A 1 55 ? -3.417  -2.863  9.372   1.00 9.60  ? 845 TYR A CE2 1 
ATOM   475 C CZ  . TYR A 1 55 ? -4.743  -3.197  9.165   1.00 9.14  ? 845 TYR A CZ  1 
ATOM   476 O OH  . TYR A 1 55 ? -5.309  -4.196  9.915   1.00 11.63 ? 845 TYR A OH  1 
ATOM   477 N N   . VAL A 1 56 ? -2.856  3.308   5.823   1.00 6.36  ? 846 VAL A N   1 
ATOM   478 C CA  . VAL A 1 56 ? -1.866  4.212   5.227   1.00 6.70  ? 846 VAL A CA  1 
ATOM   479 C C   . VAL A 1 56 ? -2.302  5.675   5.214   1.00 6.87  ? 846 VAL A C   1 
ATOM   480 O O   . VAL A 1 56 ? -3.475  6.004   5.384   1.00 7.42  ? 846 VAL A O   1 
ATOM   481 C CB  . VAL A 1 56 ? -1.500  3.780   3.773   1.00 7.07  ? 846 VAL A CB  1 
ATOM   482 C CG1 . VAL A 1 56 ? -1.111  2.299   3.738   1.00 7.23  ? 846 VAL A CG1 1 
ATOM   483 C CG2 . VAL A 1 56 ? -2.630  4.076   2.801   1.00 7.26  ? 846 VAL A CG2 1 
ATOM   484 N N   . GLU A 1 57 ? -1.315  6.528   4.980   1.00 7.42  ? 847 GLU A N   1 
ATOM   485 C CA  . GLU A 1 57 ? -1.482  7.964   4.761   1.00 8.92  ? 847 GLU A CA  1 
ATOM   486 C C   . GLU A 1 57 ? -1.070  8.280   3.333   1.00 8.12  ? 847 GLU A C   1 
ATOM   487 O O   . GLU A 1 57 ? 0.031   7.956   2.904   1.00 7.95  ? 847 GLU A O   1 
ATOM   488 C CB  . GLU A 1 57 ? -0.533  8.682   5.720   1.00 10.54 ? 847 GLU A CB  1 
ATOM   489 C CG  . GLU A 1 57 ? -0.646  10.172  5.891   1.00 15.58 ? 847 GLU A CG  1 
ATOM   490 C CD  . GLU A 1 57 ? -0.180  10.572  7.286   1.00 18.87 ? 847 GLU A CD  1 
ATOM   491 O OE1 . GLU A 1 57 ? 1.064   10.691  7.447   1.00 22.42 ? 847 GLU A OE1 1 
ATOM   492 O OE2 . GLU A 1 57 ? -1.029  10.713  8.223   1.00 18.74 ? 847 GLU A OE2 1 
ATOM   493 N N   . GLU A 1 58 ? -1.952  8.912   2.583   1.00 6.93  ? 848 GLU A N   1 
ATOM   494 C CA  . GLU A 1 58 ? -1.622  9.392   1.238   1.00 7.28  ? 848 GLU A CA  1 
ATOM   495 C C   . GLU A 1 58 ? -0.579  10.491  1.322   1.00 7.38  ? 848 GLU A C   1 
ATOM   496 O O   . GLU A 1 58 ? -0.682  11.386  2.153   1.00 8.51  ? 848 GLU A O   1 
ATOM   497 C CB  . GLU A 1 58 ? -2.865  9.870   0.501   1.00 8.02  ? 848 GLU A CB  1 
ATOM   498 C CG  . GLU A 1 58 ? -3.881  8.761   0.272   1.00 8.35  ? 848 GLU A CG  1 
ATOM   499 C CD  . GLU A 1 58 ? -5.182  9.327   -0.226  1.00 8.78  ? 848 GLU A CD  1 
ATOM   500 O OE1 . GLU A 1 58 ? -5.348  9.460   -1.451  1.00 9.00  ? 848 GLU A OE1 1 
ATOM   501 O OE2 . GLU A 1 58 ? -6.027  9.689   0.603   1.00 9.33  ? 848 GLU A OE2 1 
ATOM   502 N N   . MET A 1 59 ? 0.446   10.391  0.486   1.00 8.04  ? 849 MET A N   1 
ATOM   503 C CA  . MET A 1 59 ? 1.487   11.408  0.424   1.00 9.12  ? 849 MET A CA  1 
ATOM   504 C C   . MET A 1 59 ? 1.134   12.300  -0.743  1.00 11.31 ? 849 MET A C   1 
ATOM   505 O O   . MET A 1 59 ? 1.377   11.969  -1.905  1.00 12.38 ? 849 MET A O   1 
ATOM   506 C CB  . MET A 1 59 ? 2.855   10.763  0.234   1.00 8.62  ? 849 MET A CB  1 
ATOM   507 C CG  . MET A 1 59 ? 3.195   9.816   1.363   1.00 9.29  ? 849 MET A CG  1 
ATOM   508 S SD  . MET A 1 59 ? 4.830   9.090   1.228   1.00 13.11 ? 849 MET A SD  1 
ATOM   509 C CE  . MET A 1 59 ? 5.759   10.360  1.875   1.00 14.82 ? 849 MET A CE  1 
ATOM   510 N N   . ILE A 1 60 ? 0.470   13.404  -0.452  1.00 14.23 ? 850 ILE A N   1 
ATOM   511 C CA  . ILE A 1 60 ? 0.003   14.277  -1.518  1.00 16.82 ? 850 ILE A CA  1 
ATOM   512 C C   . ILE A 1 60 ? 1.209   14.896  -2.240  1.00 17.68 ? 850 ILE A C   1 
ATOM   513 O O   . ILE A 1 60 ? 2.221   15.200  -1.609  1.00 18.30 ? 850 ILE A O   1 
ATOM   514 C CB  . ILE A 1 60 ? -0.967  15.320  -0.918  1.00 17.62 ? 850 ILE A CB  1 
ATOM   515 C CG1 . ILE A 1 60 ? -2.243  14.621  -0.417  1.00 19.04 ? 850 ILE A CG1 1 
ATOM   516 C CG2 . ILE A 1 60 ? -1.282  16.418  -1.925  1.00 19.00 ? 850 ILE A CG2 1 
ATOM   517 C CD1 . ILE A 1 60 ? -2.857  13.597  -1.365  1.00 19.98 ? 850 ILE A CD1 1 
ATOM   518 N N   . ASN A 1 61 ? 1.123   15.030  -3.566  1.00 18.79 ? 851 ASN A N   1 
ATOM   519 C CA  . ASN A 1 61 ? 2.268   15.485  -4.366  1.00 19.48 ? 851 ASN A CA  1 
ATOM   520 C C   . ASN A 1 61 ? 2.514   16.990  -4.282  1.00 20.55 ? 851 ASN A C   1 
ATOM   521 O O   . ASN A 1 61 ? 1.702   17.740  -3.730  1.00 21.81 ? 851 ASN A O   1 
ATOM   522 C CB  . ASN A 1 61 ? 2.102   15.077  -5.832  1.00 19.21 ? 851 ASN A CB  1 
ATOM   523 C CG  . ASN A 1 61 ? 2.136   13.574  -6.025  1.00 18.15 ? 851 ASN A CG  1 
ATOM   524 O OD1 . ASN A 1 61 ? 2.799   12.853  -5.281  1.00 18.40 ? 851 ASN A OD1 1 
ATOM   525 N ND2 . ASN A 1 61 ? 1.417   13.093  -7.026  1.00 16.89 ? 851 ASN A ND2 1 
ATOM   526 O OXT . ASN A 1 61 ? 3.542   17.461  -4.772  1.00 21.63 ? 851 ASN A OXT 1 
HETATM 527 O O   . HOH B 2 .  ? -11.202 -1.525  -2.986  1.00 8.14  ? 1   HOH A O   1 
HETATM 528 O O   . HOH B 2 .  ? -2.834  12.217  3.685   1.00 11.50 ? 2   HOH A O   1 
HETATM 529 O O   . HOH B 2 .  ? -13.142 2.397   -6.777  1.00 15.85 ? 3   HOH A O   1 
HETATM 530 O O   . HOH B 2 .  ? 4.296   6.155   -7.439  1.00 8.92  ? 4   HOH A O   1 
HETATM 531 O O   . HOH B 2 .  ? -1.005  10.731  -6.467  1.00 11.08 ? 5   HOH A O   1 
HETATM 532 O O   . HOH B 2 .  ? -10.428 5.145   -1.166  1.00 10.87 ? 6   HOH A O   1 
HETATM 533 O O   . HOH B 2 .  ? 10.372  2.977   6.183   1.00 12.26 ? 7   HOH A O   1 
HETATM 534 O O   . HOH B 2 .  ? -0.930  9.323   -2.421  1.00 11.44 ? 8   HOH A O   1 
HETATM 535 O O   . HOH B 2 .  ? 9.197   0.327   7.771   1.00 13.35 ? 9   HOH A O   1 
HETATM 536 O O   . HOH B 2 .  ? -2.844  8.742   -6.211  1.00 13.39 ? 10  HOH A O   1 
HETATM 537 O O   . HOH B 2 .  ? 2.698   10.501  -3.893  1.00 14.02 ? 11  HOH A O   1 
HETATM 538 O O   . HOH B 2 .  ? 0.880   -1.298  13.719  1.00 16.63 ? 12  HOH A O   1 
HETATM 539 O O   . HOH B 2 .  ? 9.580   1.511   -0.098  1.00 15.72 ? 13  HOH A O   1 
HETATM 540 O O   . HOH B 2 .  ? 1.101   2.759   14.551  1.00 17.82 ? 14  HOH A O   1 
HETATM 541 O O   . HOH B 2 .  ? -10.721 2.562   0.018   1.00 11.99 ? 15  HOH A O   1 
HETATM 542 O O   . HOH B 2 .  ? -1.429  -7.091  10.747  1.00 20.95 ? 16  HOH A O   1 
HETATM 543 O O   . HOH B 2 .  ? -6.507  11.866  -1.967  1.00 14.48 ? 17  HOH A O   1 
HETATM 544 O O   . HOH B 2 .  ? -7.895  -10.239 3.819   1.00 19.96 ? 18  HOH A O   1 
HETATM 545 O O   . HOH B 2 .  ? -1.333  -3.059  12.698  1.00 14.48 ? 19  HOH A O   1 
HETATM 546 O O   . HOH B 2 .  ? 3.969   8.314   11.066  1.00 17.85 ? 20  HOH A O   1 
HETATM 547 O O   . HOH B 2 .  ? -0.974  0.904   -9.873  1.00 17.60 ? 21  HOH A O   1 
HETATM 548 O O   . HOH B 2 .  ? 9.939   -5.335  4.590   1.00 23.62 ? 22  HOH A O   1 
HETATM 549 O O   . HOH B 2 .  ? -5.582  5.403   -8.345  1.00 16.98 ? 23  HOH A O   1 
HETATM 550 O O   . HOH B 2 .  ? 6.937   -1.828  -12.473 1.00 15.11 ? 24  HOH A O   1 
HETATM 551 O O   . HOH B 2 .  ? 2.206   -5.339  14.246  1.00 14.91 ? 25  HOH A O   1 
HETATM 552 O O   . HOH B 2 .  ? -6.177  -3.179  -10.807 1.00 13.99 ? 26  HOH A O   1 
HETATM 553 O O   . HOH B 2 .  ? -1.959  5.290   -9.435  1.00 21.71 ? 27  HOH A O   1 
HETATM 554 O O   . HOH B 2 .  ? 8.372   -3.751  -5.428  1.00 17.66 ? 28  HOH A O   1 
HETATM 555 O O   . HOH B 2 .  ? 3.936   13.674  -8.900  1.00 18.46 ? 29  HOH A O   1 
HETATM 556 O O   . HOH B 2 .  ? 8.343   -0.059  11.440  1.00 17.09 ? 30  HOH A O   1 
HETATM 557 O O   . HOH B 2 .  ? -0.718  11.553  -3.853  1.00 18.02 ? 31  HOH A O   1 
HETATM 558 O O   . HOH B 2 .  ? -13.293 -4.233  2.175   1.00 22.35 ? 32  HOH A O   1 
HETATM 559 O O   . HOH B 2 .  ? -10.292 5.452   -4.705  1.00 21.64 ? 33  HOH A O   1 
HETATM 560 O O   . HOH B 2 .  ? 3.327   -9.624  0.628   1.00 22.77 ? 34  HOH A O   1 
HETATM 561 O O   . HOH B 2 .  ? 1.198   -12.274 -0.228  1.00 20.41 ? 35  HOH A O   1 
HETATM 562 O O   . HOH B 2 .  ? -1.928  -3.018  -11.552 1.00 22.55 ? 36  HOH A O   1 
HETATM 563 O O   . HOH B 2 .  ? -4.756  -10.001 -7.375  1.00 25.98 ? 37  HOH A O   1 
HETATM 564 O O   . HOH B 2 .  ? 0.298   5.681   13.235  1.00 19.95 ? 38  HOH A O   1 
HETATM 565 O O   . HOH B 2 .  ? 2.987   6.311   -10.074 1.00 31.72 ? 39  HOH A O   1 
HETATM 566 O O   . HOH B 2 .  ? -3.887  -6.189  11.014  1.00 24.57 ? 40  HOH A O   1 
HETATM 567 O O   . HOH B 2 .  ? 5.690   16.027  -5.227  1.00 28.54 ? 41  HOH A O   1 
HETATM 568 O O   . HOH B 2 .  ? 7.279   0.922   -8.155  1.00 19.98 ? 42  HOH A O   1 
HETATM 569 O O   . HOH B 2 .  ? 6.901   -2.152  12.768  1.00 19.42 ? 43  HOH A O   1 
HETATM 570 O O   . HOH B 2 .  ? 0.316   13.040  9.425   1.00 17.46 ? 44  HOH A O   1 
HETATM 571 O O   . HOH B 2 .  ? -9.273  2.497   -9.719  1.00 28.10 ? 45  HOH A O   1 
HETATM 572 O O   . HOH B 2 .  ? 8.526   2.745   12.098  1.00 28.18 ? 46  HOH A O   1 
HETATM 573 O O   . HOH B 2 .  ? 4.278   5.979   9.937   1.00 18.22 ? 47  HOH A O   1 
HETATM 574 O O   . HOH B 2 .  ? -5.058  -11.854 11.583  1.00 39.29 ? 48  HOH A O   1 
HETATM 575 O O   . HOH B 2 .  ? -9.944  -1.775  4.489   1.00 18.26 ? 49  HOH A O   1 
HETATM 576 O O   . HOH B 2 .  ? 11.385  3.756   8.601   1.00 16.72 ? 50  HOH A O   1 
HETATM 577 O O   . HOH B 2 .  ? 7.482   13.939  -9.616  1.00 16.87 ? 51  HOH A O   1 
HETATM 578 O O   . HOH B 2 .  ? -3.305  -8.804  8.938   1.00 21.03 ? 52  HOH A O   1 
HETATM 579 O O   . HOH B 2 .  ? 8.126   0.882   -2.880  1.00 17.85 ? 53  HOH A O   1 
HETATM 580 O O   . HOH B 2 .  ? 0.185   14.267  2.296   1.00 20.24 ? 54  HOH A O   1 
HETATM 581 O O   . HOH B 2 .  ? -0.284  -5.639  13.279  1.00 20.52 ? 55  HOH A O   1 
HETATM 582 O O   . HOH B 2 .  ? 2.848   10.426  9.753   1.00 25.81 ? 56  HOH A O   1 
HETATM 583 O O   . HOH B 2 .  ? -7.278  -8.269  6.139   1.00 27.37 ? 57  HOH A O   1 
HETATM 584 O O   . HOH B 2 .  ? -7.787  -12.867 -4.265  1.00 20.71 ? 58  HOH A O   1 
HETATM 585 O O   . HOH B 2 .  ? 0.455   -11.045 13.079  1.00 26.24 ? 59  HOH A O   1 
HETATM 586 O O   . HOH B 2 .  ? 3.822   -12.148 4.787   1.00 27.02 ? 60  HOH A O   1 
HETATM 587 O O   . HOH B 2 .  ? 10.290  -3.004  -3.726  1.00 21.67 ? 61  HOH A O   1 
HETATM 588 O O   . HOH B 2 .  ? -15.264 -0.262  1.572   1.00 27.06 ? 62  HOH A O   1 
HETATM 589 O O   . HOH B 2 .  ? -7.355  -5.622  9.196   1.00 27.87 ? 63  HOH A O   1 
HETATM 590 O O   . HOH B 2 .  ? 7.335   4.190   -9.291  1.00 59.83 ? 64  HOH A O   1 
HETATM 591 O O   . HOH B 2 .  ? -2.235  12.413  6.613   1.00 17.77 ? 65  HOH A O   1 
HETATM 592 O O   . HOH B 2 .  ? 3.175   -2.070  -12.375 1.00 21.14 ? 66  HOH A O   1 
HETATM 593 O O   . HOH B 2 .  ? 6.638   16.516  -10.180 1.00 36.49 ? 67  HOH A O   1 
HETATM 594 O O   . HOH B 2 .  ? 0.792   4.870   -10.272 1.00 26.96 ? 68  HOH A O   1 
HETATM 595 O O   . HOH B 2 .  ? -8.739  -12.544 4.938   1.00 28.83 ? 69  HOH A O   1 
HETATM 596 O O   . HOH B 2 .  ? -8.463  -0.728  -12.411 1.00 22.31 ? 70  HOH A O   1 
HETATM 597 O O   . HOH B 2 .  ? -1.302  -9.459  11.992  1.00 29.34 ? 71  HOH A O   1 
HETATM 598 O O   . HOH B 2 .  ? 5.908   5.059   -11.380 1.00 27.98 ? 72  HOH A O   1 
HETATM 599 O O   . HOH B 2 .  ? -9.877  -2.784  8.569   1.00 30.78 ? 73  HOH A O   1 
HETATM 600 O O   . HOH B 2 .  ? 0.645   -14.214 1.845   1.00 26.73 ? 74  HOH A O   1 
HETATM 601 O O   . HOH B 2 .  ? 3.738   14.690  -15.671 1.00 25.00 ? 75  HOH A O   1 
HETATM 602 O O   . HOH B 2 .  ? 3.586   12.041  -15.543 1.00 32.45 ? 76  HOH A O   1 
HETATM 603 O O   . HOH B 2 .  ? 5.776   -7.024  1.083   1.00 35.38 ? 77  HOH A O   1 
HETATM 604 O O   . HOH B 2 .  ? 10.753  -9.620  -1.773  1.00 28.10 ? 78  HOH A O   1 
HETATM 605 O O   . HOH B 2 .  ? -4.460  11.586  -4.063  1.00 22.62 ? 79  HOH A O   1 
HETATM 606 O O   . HOH B 2 .  ? 12.979  -9.155  -3.467  1.00 30.21 ? 80  HOH A O   1 
HETATM 607 O O   . HOH B 2 .  ? -9.837  -4.226  5.893   1.00 29.32 ? 81  HOH A O   1 
HETATM 608 O O   . HOH B 2 .  ? 2.691   7.188   15.320  1.00 19.91 ? 82  HOH A O   1 
HETATM 609 O O   . HOH B 2 .  ? -6.811  7.889   -6.987  1.00 37.83 ? 83  HOH A O   1 
HETATM 610 O O   . HOH B 2 .  ? -2.030  -13.691 10.362  1.00 31.63 ? 84  HOH A O   1 
HETATM 611 O O   . HOH B 2 .  ? -12.558 -0.821  4.689   1.00 36.15 ? 85  HOH A O   1 
HETATM 612 O O   . HOH B 2 .  ? 7.572   -6.889  3.601   1.00 42.73 ? 86  HOH A O   1 
HETATM 613 O O   . HOH B 2 .  ? 1.470   12.870  -9.165  1.00 33.45 ? 87  HOH A O   1 
HETATM 614 O O   . HOH B 2 .  ? 4.263   -0.912  -10.610 1.00 21.68 ? 88  HOH A O   1 
HETATM 615 O O   . HOH B 2 .  ? 3.902   -11.291 2.404   1.00 32.96 ? 89  HOH A O   1 
HETATM 616 O O   . HOH B 2 .  ? 1.783   -16.705 9.754   1.00 26.73 ? 90  HOH A O   1 
HETATM 617 O O   . HOH B 2 .  ? 3.484   9.389   -15.502 1.00 41.80 ? 91  HOH A O   1 
HETATM 618 O O   . HOH B 2 .  ? -5.555  -6.692  -12.794 1.00 43.72 ? 92  HOH A O   1 
HETATM 619 O O   . HOH B 2 .  ? 11.086  0.028   9.693   1.00 28.24 ? 93  HOH A O   1 
HETATM 620 O O   . HOH B 2 .  ? 4.414   -12.962 -3.067  1.00 28.05 ? 94  HOH A O   1 
HETATM 621 O O   . HOH B 2 .  ? -6.716  -15.357 -3.666  1.00 27.34 ? 95  HOH A O   1 
HETATM 622 O O   . HOH B 2 .  ? -6.134  -8.156  -10.687 1.00 35.25 ? 96  HOH A O   1 
HETATM 623 O O   . HOH B 2 .  ? 9.306   18.104  -13.073 1.00 24.46 ? 97  HOH A O   1 
HETATM 624 O O   . HOH B 2 .  ? -3.663  -0.834  -12.321 1.00 26.56 ? 98  HOH A O   1 
HETATM 625 O O   . HOH B 2 .  ? -12.065 -7.624  3.319   1.00 27.50 ? 99  HOH A O   1 
HETATM 626 O O   . HOH B 2 .  ? 4.764   8.141   -13.495 1.00 27.87 ? 100 HOH A O   1 
HETATM 627 O O   . HOH B 2 .  ? -7.357  -16.847 0.771   1.00 26.36 ? 101 HOH A O   1 
HETATM 628 O O   . HOH B 2 .  ? 1.056   -1.168  -13.127 1.00 44.44 ? 102 HOH A O   1 
HETATM 629 O O   . HOH B 2 .  ? 5.305   3.311   16.369  1.00 28.35 ? 103 HOH A O   1 
HETATM 630 O O   . HOH B 2 .  ? -1.130  -19.417 1.650   1.00 36.04 ? 104 HOH A O   1 
HETATM 631 O O   . HOH B 2 .  ? 3.020   -16.227 7.411   1.00 36.33 ? 105 HOH A O   1 
HETATM 632 O O   . HOH B 2 .  ? 1.419   18.600  -1.023  1.00 46.78 ? 106 HOH A O   1 
HETATM 633 O O   . HOH B 2 .  ? 1.521   -13.616 4.892   1.00 31.84 ? 107 HOH A O   1 
HETATM 634 O O   . HOH B 2 .  ? 0.814   1.326   -12.727 1.00 32.87 ? 108 HOH A O   1 
HETATM 635 O O   . HOH B 2 .  ? -4.454  -17.436 2.053   1.00 33.74 ? 109 HOH A O   1 
HETATM 636 O O   . HOH B 2 .  ? -8.748  -15.297 3.173   1.00 55.37 ? 110 HOH A O   1 
HETATM 637 O O   . HOH B 2 .  ? -5.310  -7.761  12.594  1.00 31.93 ? 111 HOH A O   1 
HETATM 638 O O   . HOH B 2 .  ? -0.503  4.720   15.987  1.00 31.32 ? 112 HOH A O   1 
HETATM 639 O O   . HOH B 2 .  ? 10.775  2.309   10.781  1.00 42.17 ? 113 HOH A O   1 
HETATM 640 O O   . HOH B 2 .  ? -4.483  -2.211  -14.789 1.00 43.62 ? 114 HOH A O   1 
HETATM 641 O O   . HOH B 2 .  ? -7.104  -5.746  12.522  1.00 39.87 ? 115 HOH A O   1 
HETATM 642 O O   . HOH B 2 .  ? -12.790 -5.488  5.710   1.00 40.51 ? 116 HOH A O   1 
HETATM 643 O O   . HOH B 2 .  ? 3.296   14.293  0.590   1.00 39.70 ? 117 HOH A O   1 
HETATM 644 O O   . HOH B 2 .  ? -8.269  -5.931  6.715   1.00 41.55 ? 118 HOH A O   1 
HETATM 645 O O   . HOH B 2 .  ? -4.844  -14.384 -3.022  1.00 61.93 ? 119 HOH A O   1 
HETATM 646 O O   . HOH B 2 .  ? 5.065   -3.435  -13.786 1.00 13.89 ? 120 HOH A O   1 
HETATM 647 O O   . HOH B 2 .  ? 6.977   17.437  -14.192 1.00 51.56 ? 121 HOH A O   1 
HETATM 648 O O   . HOH B 2 .  ? 7.191   -2.346  -9.682  1.00 16.30 ? 122 HOH A O   1 
# 
loop_
_atom_site_anisotrop.id 
_atom_site_anisotrop.type_symbol 
_atom_site_anisotrop.pdbx_label_atom_id 
_atom_site_anisotrop.pdbx_label_alt_id 
_atom_site_anisotrop.pdbx_label_comp_id 
_atom_site_anisotrop.pdbx_label_asym_id 
_atom_site_anisotrop.pdbx_label_seq_id 
_atom_site_anisotrop.pdbx_PDB_ins_code 
_atom_site_anisotrop.U[1][1] 
_atom_site_anisotrop.U[2][2] 
_atom_site_anisotrop.U[3][3] 
_atom_site_anisotrop.U[1][2] 
_atom_site_anisotrop.U[1][3] 
_atom_site_anisotrop.U[2][3] 
_atom_site_anisotrop.pdbx_auth_seq_id 
_atom_site_anisotrop.pdbx_auth_comp_id 
_atom_site_anisotrop.pdbx_auth_asym_id 
_atom_site_anisotrop.pdbx_auth_atom_id 
1   N N   . THR A 1  ? 0.2175 0.2167 0.2100 0.0010  -0.0030 0.0075  791 THR A N   
2   C CA  . THR A 1  ? 0.2091 0.2151 0.2091 0.0015  -0.0004 0.0065  791 THR A CA  
3   C C   . THR A 1  ? 0.1956 0.1968 0.1959 0.0061  -0.0022 0.0051  791 THR A C   
4   O O   . THR A 1  ? 0.1948 0.2069 0.1983 0.0077  0.0001  0.0108  791 THR A O   
5   C CB  . THR A 1  ? 0.2174 0.2216 0.2162 0.0029  -0.0001 0.0059  791 THR A CB  
6   O OG1 . THR A 1  ? 0.2375 0.2436 0.2311 0.0010  -0.0051 0.0136  791 THR A OG1 
7   C CG2 . THR A 1  ? 0.2297 0.2380 0.2278 0.0011  0.0026  0.0088  791 THR A CG2 
8   N N   . PHE A 2  ? 0.1836 0.1854 0.1812 0.0069  0.0038  0.0050  792 PHE A N   
9   C CA  . PHE A 2  ? 0.1752 0.1703 0.1698 0.0061  -0.0016 0.0075  792 PHE A CA  
10  C C   . PHE A 2  ? 0.1647 0.1561 0.1581 0.0110  -0.0028 0.0041  792 PHE A C   
11  O O   . PHE A 2  ? 0.1904 0.1657 0.1653 0.0207  -0.0156 0.0037  792 PHE A O   
12  C CB  . PHE A 2  ? 0.1817 0.1815 0.1818 0.0054  -0.0014 0.0037  792 PHE A CB  
13  C CG  . PHE A 2  ? 0.1904 0.1873 0.1906 0.0055  -0.0017 0.0085  792 PHE A CG  
14  C CD1 . PHE A 2  ? 0.2063 0.1988 0.2122 0.0055  0.0121  0.0039  792 PHE A CD1 
15  C CD2 . PHE A 2  ? 0.1975 0.1937 0.1885 -0.0031 -0.0009 0.0087  792 PHE A CD2 
16  C CE1 . PHE A 2  ? 0.2145 0.1911 0.2118 0.0048  0.0124  0.0095  792 PHE A CE1 
17  C CE2 . PHE A 2  ? 0.1836 0.1837 0.1681 -0.0031 -0.0139 0.0149  792 PHE A CE2 
18  C CZ  . PHE A 2  ? 0.1978 0.1897 0.1845 -0.0041 -0.0001 0.0119  792 PHE A CZ  
19  N N   . LYS A 3  ? 0.1438 0.1361 0.1381 0.0116  -0.0020 0.0135  793 LYS A N   
20  C CA  . LYS A 3  ? 0.1281 0.1260 0.1221 0.0063  -0.0033 0.0108  793 LYS A CA  
21  C C   . LYS A 3  ? 0.1201 0.1072 0.1134 0.0039  -0.0045 0.0159  793 LYS A C   
22  O O   . LYS A 3  ? 0.1266 0.1037 0.1169 0.0017  -0.0020 0.0267  793 LYS A O   
23  C CB  . LYS A 3  ? 0.1431 0.1377 0.1420 0.0015  -0.0043 0.0011  793 LYS A CB  
24  C CG  . LYS A 3  ? 0.1570 0.1603 0.1645 0.0011  0.0040  0.0027  793 LYS A CG  
25  C CD  . LYS A 3  ? 0.1744 0.1822 0.1814 0.0005  -0.0029 -0.0014 793 LYS A CD  
26  C CE  . LYS A 3  ? 0.1742 0.1827 0.1862 -0.0113 -0.0017 -0.0103 793 LYS A CE  
27  N NZ  . LYS A 3  ? 0.1837 0.1859 0.1866 0.0012  -0.0025 -0.0117 793 LYS A NZ  
28  N N   . SER A 4  ? 0.1105 0.0990 0.0954 0.0042  -0.0041 0.0195  794 SER A N   
29  C CA  . SER A 4  ? 0.1073 0.0912 0.0872 0.0020  -0.0042 0.0090  794 SER A CA  
30  C C   . SER A 4  ? 0.1041 0.0829 0.0879 0.0001  -0.0050 0.0124  794 SER A C   
31  O O   . SER A 4  ? 0.1180 0.0836 0.0867 -0.0026 -0.0203 0.0121  794 SER A O   
32  C CB  . SER A 4  ? 0.1127 0.0958 0.0966 0.0019  -0.0104 0.0117  794 SER A CB  
33  O OG  . SER A 4  ? 0.1334 0.1088 0.1142 -0.0086 -0.0097 0.0203  794 SER A OG  
34  N N   . ALA A 5  ? 0.0975 0.0748 0.0762 0.0060  -0.0044 0.0078  795 ALA A N   
35  C CA  . ALA A 5  ? 0.0930 0.0742 0.0712 0.0065  0.0008  0.0060  795 ALA A CA  
36  C C   . ALA A 5  ? 0.0864 0.0757 0.0673 0.0071  -0.0053 0.0089  795 ALA A C   
37  O O   . ALA A 5  ? 0.1073 0.0803 0.0800 0.0083  -0.0007 0.0061  795 ALA A O   
38  C CB  . ALA A 5  ? 0.0966 0.0950 0.0785 0.0087  -0.0026 0.0070  795 ALA A CB  
39  N N   . VAL A 6  ? 0.0830 0.0678 0.0661 0.0100  -0.0035 0.0136  796 VAL A N   
40  C CA  . VAL A 6  ? 0.0884 0.0822 0.0781 0.0072  0.0010  0.0044  796 VAL A CA  
41  C C   . VAL A 6  ? 0.0982 0.0879 0.0810 0.0096  0.0008  0.0045  796 VAL A C   
42  O O   . VAL A 6  ? 0.1038 0.0997 0.0729 0.0085  0.0000  -0.0012 796 VAL A O   
43  C CB  . VAL A 6  ? 0.0933 0.0873 0.0771 0.0063  0.0023  0.0062  796 VAL A CB  
44  C CG1 . VAL A 6  ? 0.0904 0.0787 0.0872 0.0043  -0.0026 0.0007  796 VAL A CG1 
45  C CG2 . VAL A 6  ? 0.1028 0.0851 0.0793 0.0079  -0.0091 0.0079  796 VAL A CG2 
46  N N   . LYS A 7  ? 0.1042 0.0917 0.0846 0.0065  0.0001  -0.0007 797 LYS A N   
47  C CA  . LYS A 7  ? 0.1094 0.1018 0.0892 0.0060  -0.0008 0.0049  797 LYS A CA  
48  C C   . LYS A 7  ? 0.1018 0.0845 0.0848 0.0081  -0.0021 0.0016  797 LYS A C   
49  O O   . LYS A 7  ? 0.1102 0.0909 0.0780 0.0152  0.0048  0.0014  797 LYS A O   
50  C CB  . LYS A 7  ? 0.1206 0.1154 0.0990 0.0003  0.0014  0.0026  797 LYS A CB  
51  C CG  . LYS A 7  ? 0.1492 0.1567 0.1384 0.0000  -0.0071 0.0077  797 LYS A CG  
52  C CD  . LYS A 7  ? 0.2002 0.1976 0.1961 -0.0083 -0.0093 -0.0084 797 LYS A CD  
53  C CE  . LYS A 7  ? 0.2259 0.2267 0.2185 0.0005  0.0016  -0.0033 797 LYS A CE  
54  N NZ  . LYS A 7  ? 0.2631 0.2504 0.2487 -0.0091 -0.0049 -0.0129 797 LYS A NZ  
55  N N   . ALA A 8  ? 0.1047 0.0892 0.0809 0.0059  -0.0069 0.0085  798 ALA A N   
56  C CA  . ALA A 8  ? 0.0974 0.0855 0.0848 0.0018  -0.0071 0.0053  798 ALA A CA  
57  C C   . ALA A 8  ? 0.0971 0.0753 0.0717 0.0036  -0.0050 0.0107  798 ALA A C   
58  O O   . ALA A 8  ? 0.1046 0.0890 0.0674 -0.0004 -0.0050 0.0102  798 ALA A O   
59  C CB  . ALA A 8  ? 0.1068 0.0830 0.0762 -0.0016 -0.0060 0.0050  798 ALA A CB  
60  N N   . LEU A 9  ? 0.0942 0.0809 0.0724 0.0035  -0.0076 0.0030  799 LEU A N   
61  C CA  . LEU A 9  ? 0.0986 0.0807 0.0747 0.0002  -0.0087 0.0049  799 LEU A CA  
62  C C   . LEU A 9  ? 0.0991 0.0939 0.0763 0.0015  -0.0096 0.0062  799 LEU A C   
63  O O   . LEU A 9  ? 0.1097 0.1165 0.0756 0.0036  -0.0129 0.0061  799 LEU A O   
64  C CB  . LEU A 9  ? 0.1084 0.0991 0.0887 0.0056  0.0001  0.0069  799 LEU A CB  
65  C CG  . LEU A 9  ? 0.1398 0.1219 0.1115 0.0064  0.0000  0.0138  799 LEU A CG  
66  C CD1 . LEU A 9  ? 0.1487 0.1579 0.1675 0.0039  -0.0047 0.0066  799 LEU A CD1 
67  C CD2 . LEU A 9  ? 0.1593 0.1516 0.1509 0.0024  -0.0062 0.0028  799 LEU A CD2 
68  N N   . PHE A 10 ? 0.1115 0.0888 0.0734 -0.0011 -0.0028 0.0071  800 PHE A N   
69  C CA  . PHE A 10 ? 0.1167 0.0964 0.0802 0.0019  -0.0045 0.0097  800 PHE A CA  
70  C C   . PHE A 10 ? 0.1194 0.0985 0.0854 0.0039  -0.0043 0.0117  800 PHE A C   
71  O O   . PHE A 10 ? 0.1581 0.0955 0.0992 0.0100  -0.0098 0.0155  800 PHE A O   
72  C CB  . PHE A 10 ? 0.1255 0.1064 0.0821 0.0004  -0.0034 0.0108  800 PHE A CB  
73  C CG  . PHE A 10 ? 0.1215 0.1011 0.0893 -0.0007 -0.0037 0.0157  800 PHE A CG  
74  C CD1 . PHE A 10 ? 0.1153 0.1278 0.0945 0.0006  0.0002  0.0133  800 PHE A CD1 
75  C CD2 . PHE A 10 ? 0.1241 0.1222 0.0946 -0.0025 -0.0074 0.0103  800 PHE A CD2 
76  C CE1 . PHE A 10 ? 0.1268 0.1380 0.1073 0.0003  0.0004  0.0017  800 PHE A CE1 
77  C CE2 . PHE A 10 ? 0.1310 0.1330 0.1329 -0.0010 0.0007  0.0080  800 PHE A CE2 
78  C CZ  . PHE A 10 ? 0.1299 0.1202 0.1297 0.0035  -0.0010 0.0022  800 PHE A CZ  
79  N N   . ASP A 11 ? 0.1231 0.0965 0.0928 0.0043  -0.0031 0.0107  801 ASP A N   
80  C CA  . ASP A 11 ? 0.1137 0.1017 0.0965 0.0061  -0.0008 0.0102  801 ASP A CA  
81  C C   . ASP A 11 ? 0.1202 0.1007 0.1007 0.0048  -0.0028 0.0109  801 ASP A C   
82  O O   . ASP A 11 ? 0.1298 0.1165 0.0997 0.0006  0.0036  0.0069  801 ASP A O   
83  C CB  . ASP A 11 ? 0.1227 0.1050 0.1044 0.0057  -0.0028 0.0174  801 ASP A CB  
84  C CG  . ASP A 11 ? 0.1288 0.1078 0.1016 0.0064  -0.0097 0.0264  801 ASP A CG  
85  O OD1 . ASP A 11 ? 0.1456 0.1548 0.1326 0.0058  -0.0191 0.0480  801 ASP A OD1 
86  O OD2 . ASP A 11 ? 0.1442 0.1418 0.1306 -0.0064 -0.0163 0.0342  801 ASP A OD2 
87  N N   . TYR A 12 ? 0.1221 0.1119 0.1103 0.0034  0.0024  0.0057  802 TYR A N   
88  C CA  . TYR A 12 ? 0.1223 0.1149 0.1159 0.0029  0.0022  -0.0008 802 TYR A CA  
89  C C   . TYR A 12 ? 0.1310 0.1198 0.1183 -0.0015 0.0018  -0.0026 802 TYR A C   
90  O O   . TYR A 12 ? 0.1328 0.1114 0.1206 -0.0039 0.0015  -0.0035 802 TYR A O   
91  C CB  . TYR A 12 ? 0.1230 0.1117 0.1153 0.0047  0.0057  -0.0013 802 TYR A CB  
92  C CG  . TYR A 12 ? 0.1181 0.1132 0.1175 0.0155  -0.0094 -0.0004 802 TYR A CG  
93  C CD1 . TYR A 12 ? 0.1199 0.0951 0.1099 0.0146  -0.0079 0.0171  802 TYR A CD1 
94  C CD2 . TYR A 12 ? 0.1332 0.1354 0.1386 0.0011  -0.0011 -0.0033 802 TYR A CD2 
95  C CE1 . TYR A 12 ? 0.1348 0.1110 0.1184 0.0125  -0.0106 0.0022  802 TYR A CE1 
96  C CE2 . TYR A 12 ? 0.1280 0.1392 0.1341 0.0040  0.0028  -0.0048 802 TYR A CE2 
97  C CZ  . TYR A 12 ? 0.1362 0.1135 0.1313 0.0074  -0.0084 0.0049  802 TYR A CZ  
98  O OH  . TYR A 12 ? 0.1407 0.1422 0.1256 0.0028  -0.0139 0.0051  802 TYR A OH  
99  N N   . LYS A 13 ? 0.1352 0.1241 0.1195 -0.0042 0.0024  0.0005  803 LYS A N   
100 C CA  . LYS A 13 ? 0.1411 0.1272 0.1378 0.0012  -0.0014 0.0055  803 LYS A CA  
101 C C   . LYS A 13 ? 0.1370 0.1151 0.1307 0.0052  -0.0028 0.0115  803 LYS A C   
102 O O   . LYS A 13 ? 0.1345 0.1244 0.1344 0.0008  -0.0077 0.0052  803 LYS A O   
103 C CB  . LYS A 13 ? 0.1551 0.1448 0.1462 -0.0017 -0.0033 0.0069  803 LYS A CB  
104 C CG  A LYS A 13 ? 0.1746 0.1560 0.1619 -0.0006 -0.0055 0.0034  803 LYS A CG  
105 C CG  B LYS A 13 ? 0.1722 0.1598 0.1677 -0.0002 -0.0043 0.0000  803 LYS A CG  
106 C CD  A LYS A 13 ? 0.1854 0.1828 0.1835 -0.0014 0.0002  -0.0002 803 LYS A CD  
107 C CD  B LYS A 13 ? 0.1892 0.1862 0.1818 0.0011  -0.0043 0.0075  803 LYS A CD  
108 C CE  A LYS A 13 ? 0.2139 0.1973 0.2086 0.0018  0.0003  0.0013  803 LYS A CE  
109 C CE  B LYS A 13 ? 0.2052 0.1978 0.2001 0.0010  -0.0038 0.0001  803 LYS A CE  
110 N NZ  A LYS A 13 ? 0.2231 0.2223 0.2287 0.0029  -0.0009 0.0008  803 LYS A NZ  
111 N NZ  B LYS A 13 ? 0.2134 0.2121 0.2118 -0.0028 0.0018  -0.0020 803 LYS A NZ  
112 N N   . ALA A 14 ? 0.1324 0.1103 0.1297 0.0048  -0.0043 0.0142  804 ALA A N   
113 C CA  . ALA A 14 ? 0.1437 0.1233 0.1329 0.0027  -0.0006 0.0070  804 ALA A CA  
114 C C   . ALA A 14 ? 0.1518 0.1247 0.1325 -0.0020 -0.0017 0.0090  804 ALA A C   
115 O O   . ALA A 14 ? 0.1665 0.1249 0.1452 -0.0016 -0.0066 0.0137  804 ALA A O   
116 C CB  . ALA A 14 ? 0.1415 0.1289 0.1297 0.0013  -0.0034 0.0079  804 ALA A CB  
117 N N   . GLN A 15 ? 0.1543 0.1336 0.1363 -0.0030 -0.0008 0.0131  805 GLN A N   
118 C CA  . GLN A 15 ? 0.1684 0.1549 0.1571 -0.0066 -0.0005 0.0051  805 GLN A CA  
119 C C   . GLN A 15 ? 0.1861 0.1585 0.1667 -0.0087 0.0007  0.0043  805 GLN A C   
120 O O   . GLN A 15 ? 0.2053 0.1736 0.1745 -0.0205 0.0044  0.0071  805 GLN A O   
121 C CB  . GLN A 15 ? 0.1718 0.1677 0.1648 -0.0045 -0.0006 0.0013  805 GLN A CB  
122 C CG  . GLN A 15 ? 0.1859 0.1840 0.1805 -0.0027 0.0036  -0.0091 805 GLN A CG  
123 C CD  . GLN A 15 ? 0.2309 0.2236 0.2166 -0.0002 -0.0020 0.0055  805 GLN A CD  
124 O OE1 . GLN A 15 ? 0.2530 0.2492 0.2431 -0.0129 0.0014  0.0091  805 GLN A OE1 
125 N NE2 . GLN A 15 ? 0.2434 0.2575 0.2522 -0.0049 -0.0043 0.0067  805 GLN A NE2 
126 N N   . ARG A 16 ? 0.1987 0.1699 0.1694 -0.0110 0.0005  0.0000  806 ARG A N   
127 C CA  . ARG A 16 ? 0.2017 0.1771 0.1796 -0.0052 -0.0006 -0.0015 806 ARG A CA  
128 C C   . ARG A 16 ? 0.2041 0.1769 0.1806 -0.0008 -0.0020 -0.0008 806 ARG A C   
129 O O   . ARG A 16 ? 0.2073 0.1741 0.1644 0.0010  0.0021  0.0001  806 ARG A O   
130 C CB  . ARG A 16 ? 0.2066 0.1877 0.1880 -0.0059 -0.0043 -0.0023 806 ARG A CB  
131 C CG  . ARG A 16 ? 0.2178 0.2066 0.2070 -0.0036 -0.0021 0.0006  806 ARG A CG  
132 C CD  . ARG A 16 ? 0.2257 0.2213 0.2249 -0.0005 -0.0052 0.0013  806 ARG A CD  
133 N NE  . ARG A 16 ? 0.2382 0.2348 0.2320 -0.0095 0.0040  -0.0044 806 ARG A NE  
134 C CZ  . ARG A 16 ? 0.2322 0.2299 0.2302 -0.0016 -0.0025 0.0021  806 ARG A CZ  
135 N NH1 . ARG A 16 ? 0.2280 0.2243 0.2335 -0.0049 -0.0004 -0.0013 806 ARG A NH1 
136 N NH2 . ARG A 16 ? 0.2427 0.2443 0.2420 0.0062  -0.0046 -0.0018 806 ARG A NH2 
137 N N   . GLU A 17 ? 0.2141 0.1840 0.1873 -0.0026 0.0003  -0.0024 807 GLU A N   
138 C CA  . GLU A 17 ? 0.2065 0.1857 0.1954 0.0019  -0.0006 0.0003  807 GLU A CA  
139 C C   . GLU A 17 ? 0.1921 0.1734 0.1700 0.0047  -0.0016 -0.0001 807 GLU A C   
140 O O   . GLU A 17 ? 0.2004 0.1696 0.1738 0.0196  -0.0005 -0.0031 807 GLU A O   
141 C CB  . GLU A 17 ? 0.2226 0.1992 0.2048 0.0007  -0.0040 -0.0002 807 GLU A CB  
142 C CG  . GLU A 17 ? 0.2409 0.2395 0.2431 0.0016  0.0076  -0.0013 807 GLU A CG  
143 C CD  . GLU A 17 ? 0.2851 0.2805 0.2802 0.0074  -0.0060 0.0074  807 GLU A CD  
144 O OE1 . GLU A 17 ? 0.2975 0.3267 0.3224 0.0071  0.0073  0.0049  807 GLU A OE1 
145 O OE2 . GLU A 17 ? 0.3074 0.3061 0.2991 0.0025  0.0073  0.0050  807 GLU A OE2 
146 N N   . ASP A 18 ? 0.1761 0.1449 0.1475 0.0013  0.0053  -0.0006 808 ASP A N   
147 C CA  . ASP A 18 ? 0.1557 0.1293 0.1344 -0.0013 0.0064  -0.0024 808 ASP A CA  
148 C C   . ASP A 18 ? 0.1408 0.1196 0.1237 -0.0005 0.0020  -0.0001 808 ASP A C   
149 O O   . ASP A 18 ? 0.1368 0.0947 0.1080 -0.0144 -0.0004 -0.0076 808 ASP A O   
150 C CB  . ASP A 18 ? 0.1640 0.1421 0.1502 -0.0038 0.0045  -0.0057 808 ASP A CB  
151 C CG  . ASP A 18 ? 0.1694 0.1471 0.1548 -0.0033 0.0057  -0.0061 808 ASP A CG  
152 O OD1 . ASP A 18 ? 0.1902 0.1674 0.2032 0.0009  -0.0002 -0.0066 808 ASP A OD1 
153 O OD2 . ASP A 18 ? 0.2026 0.1675 0.1614 -0.0122 0.0078  -0.0012 808 ASP A OD2 
154 N N   . GLU A 19 ? 0.1537 0.1082 0.1262 0.0001  -0.0019 -0.0029 809 GLU A N   
155 C CA  . GLU A 19 ? 0.1447 0.1085 0.1164 0.0028  0.0015  0.0026  809 GLU A CA  
156 C C   . GLU A 19 ? 0.1477 0.1093 0.1144 0.0049  0.0016  0.0066  809 GLU A C   
157 O O   . GLU A 19 ? 0.1518 0.1164 0.1211 0.0105  0.0076  0.0184  809 GLU A O   
158 C CB  . GLU A 19 ? 0.1516 0.1137 0.1202 0.0042  0.0035  0.0031  809 GLU A CB  
159 C CG  . GLU A 19 ? 0.1592 0.1251 0.1299 -0.0045 -0.0042 -0.0027 809 GLU A CG  
160 C CD  . GLU A 19 ? 0.1576 0.1436 0.1305 0.0039  -0.0068 0.0080  809 GLU A CD  
161 O OE1 . GLU A 19 ? 0.1671 0.1145 0.1128 -0.0064 -0.0024 0.0160  809 GLU A OE1 
162 O OE2 . GLU A 19 ? 0.1800 0.1733 0.1452 -0.0135 -0.0184 0.0065  809 GLU A OE2 
163 N N   . LEU A 20 ? 0.1519 0.1133 0.1189 0.0050  -0.0006 0.0044  810 LEU A N   
164 C CA  . LEU A 20 ? 0.1485 0.1303 0.1385 -0.0001 0.0073  0.0018  810 LEU A CA  
165 C C   . LEU A 20 ? 0.1520 0.1473 0.1440 -0.0011 0.0040  -0.0092 810 LEU A C   
166 O O   . LEU A 20 ? 0.1654 0.2065 0.1762 -0.0047 0.0071  -0.0117 810 LEU A O   
167 C CB  . LEU A 20 ? 0.1589 0.1355 0.1527 0.0063  0.0096  0.0024  810 LEU A CB  
168 C CG  . LEU A 20 ? 0.1618 0.1457 0.1742 0.0042  0.0132  0.0022  810 LEU A CG  
169 C CD1 . LEU A 20 ? 0.1526 0.1477 0.1673 0.0005  0.0096  -0.0015 810 LEU A CD1 
170 C CD2 . LEU A 20 ? 0.1412 0.1204 0.1420 -0.0113 0.0039  -0.0013 810 LEU A CD2 
171 N N   . THR A 21 ? 0.1462 0.1390 0.1369 0.0027  0.0068  -0.0067 811 THR A N   
172 C CA  . THR A 21 ? 0.1359 0.1273 0.1402 0.0010  0.0032  0.0018  811 THR A CA  
173 C C   . THR A 21 ? 0.1335 0.1223 0.1350 0.0004  0.0041  -0.0002 811 THR A C   
174 O O   . THR A 21 ? 0.1544 0.1338 0.1527 -0.0061 0.0150  -0.0015 811 THR A O   
175 C CB  . THR A 21 ? 0.1467 0.1382 0.1490 0.0049  0.0011  0.0057  811 THR A CB  
176 O OG1 . THR A 21 ? 0.1651 0.1299 0.1615 0.0003  -0.0028 -0.0016 811 THR A OG1 
177 C CG2 . THR A 21 ? 0.1361 0.1352 0.1562 0.0055  0.0015  0.0065  811 THR A CG2 
178 N N   . PHE A 22 ? 0.1177 0.1199 0.1255 -0.0001 0.0013  0.0005  812 PHE A N   
179 C CA  . PHE A 22 ? 0.1178 0.1089 0.1166 -0.0012 0.0001  0.0063  812 PHE A CA  
180 C C   . PHE A 22 ? 0.1231 0.1122 0.1225 0.0015  -0.0030 0.0052  812 PHE A C   
181 O O   . PHE A 22 ? 0.1306 0.1098 0.1312 0.0041  0.0006  0.0123  812 PHE A O   
182 C CB  . PHE A 22 ? 0.1169 0.1032 0.1086 0.0005  0.0013  -0.0006 812 PHE A CB  
183 C CG  . PHE A 22 ? 0.1196 0.1083 0.1057 0.0008  -0.0030 0.0027  812 PHE A CG  
184 C CD1 . PHE A 22 ? 0.1112 0.0911 0.1046 -0.0067 -0.0133 0.0029  812 PHE A CD1 
185 C CD2 . PHE A 22 ? 0.1424 0.1444 0.1292 0.0072  -0.0076 -0.0153 812 PHE A CD2 
186 C CE1 . PHE A 22 ? 0.1244 0.0945 0.1011 0.0039  -0.0040 -0.0067 812 PHE A CE1 
187 C CE2 . PHE A 22 ? 0.1509 0.1655 0.1405 0.0067  -0.0103 -0.0191 812 PHE A CE2 
188 C CZ  . PHE A 22 ? 0.1346 0.1373 0.1315 0.0069  -0.0125 -0.0115 812 PHE A CZ  
189 N N   . THR A 23 ? 0.1253 0.1231 0.1307 -0.0020 0.0002  0.0062  813 THR A N   
190 C CA  . THR A 23 ? 0.1387 0.1315 0.1343 -0.0025 -0.0048 0.0079  813 THR A CA  
191 C C   . THR A 23 ? 0.1261 0.1221 0.1172 -0.0008 -0.0054 0.0075  813 THR A C   
192 O O   . THR A 23 ? 0.1340 0.1170 0.1149 -0.0088 -0.0075 0.0117  813 THR A O   
193 C CB  . THR A 23 ? 0.1535 0.1446 0.1462 0.0016  -0.0106 0.0081  813 THR A CB  
194 O OG1 . THR A 23 ? 0.1639 0.1808 0.1961 0.0054  0.0001  0.0091  813 THR A OG1 
195 C CG2 . THR A 23 ? 0.1705 0.1635 0.1781 0.0050  0.0028  0.0137  813 THR A CG2 
196 N N   . LYS A 24 ? 0.1269 0.1139 0.1088 -0.0021 -0.0032 0.0131  814 LYS A N   
197 C CA  . LYS A 24 ? 0.1209 0.1163 0.1101 0.0004  -0.0044 0.0069  814 LYS A CA  
198 C C   . LYS A 24 ? 0.1114 0.1069 0.0915 -0.0005 -0.0085 0.0065  814 LYS A C   
199 O O   . LYS A 24 ? 0.1179 0.1131 0.0989 -0.0039 -0.0120 0.0143  814 LYS A O   
200 C CB  . LYS A 24 ? 0.1240 0.1280 0.1116 -0.0055 -0.0034 0.0098  814 LYS A CB  
201 C CG  . LYS A 24 ? 0.1241 0.1386 0.1310 -0.0062 0.0010  0.0054  814 LYS A CG  
202 C CD  . LYS A 24 ? 0.1631 0.1681 0.1504 0.0034  -0.0009 -0.0012 814 LYS A CD  
203 C CE  . LYS A 24 ? 0.1844 0.1741 0.1813 0.0018  -0.0042 -0.0041 814 LYS A CE  
204 N NZ  . LYS A 24 ? 0.2225 0.2308 0.2102 -0.0050 0.0059  -0.0015 814 LYS A NZ  
205 N N   . SER A 25 ? 0.1088 0.1003 0.0976 -0.0006 -0.0104 0.0057  815 SER A N   
206 C CA  . SER A 25 ? 0.1213 0.1064 0.1028 -0.0025 -0.0006 0.0084  815 SER A CA  
207 C C   . SER A 25 ? 0.1111 0.0959 0.0940 -0.0015 -0.0050 0.0091  815 SER A C   
208 O O   . SER A 25 ? 0.1117 0.1013 0.0962 -0.0008 0.0058  0.0122  815 SER A O   
209 C CB  . SER A 25 ? 0.1254 0.1134 0.1107 -0.0058 -0.0009 0.0058  815 SER A CB  
210 O OG  . SER A 25 ? 0.1700 0.1344 0.1160 -0.0184 -0.0015 0.0071  815 SER A OG  
211 N N   . ALA A 26 ? 0.1083 0.0937 0.0892 0.0007  -0.0066 0.0099  816 ALA A N   
212 C CA  . ALA A 26 ? 0.0989 0.0935 0.0920 0.0059  -0.0055 0.0061  816 ALA A CA  
213 C C   . ALA A 26 ? 0.1037 0.0850 0.0846 0.0046  -0.0020 0.0063  816 ALA A C   
214 O O   . ALA A 26 ? 0.1048 0.0949 0.0834 0.0084  -0.0008 0.0121  816 ALA A O   
215 C CB  . ALA A 26 ? 0.1201 0.0962 0.0924 0.0010  0.0017  0.0082  816 ALA A CB  
216 N N   . ILE A 27 ? 0.0961 0.0879 0.0798 0.0022  -0.0047 0.0077  817 ILE A N   
217 C CA  . ILE A 27 ? 0.0964 0.0871 0.0794 0.0026  -0.0048 0.0071  817 ILE A CA  
218 C C   . ILE A 27 ? 0.0884 0.0840 0.0829 0.0007  0.0021  0.0083  817 ILE A C   
219 O O   . ILE A 27 ? 0.0946 0.1019 0.0919 0.0023  -0.0025 -0.0102 817 ILE A O   
220 C CB  . ILE A 27 ? 0.1025 0.0882 0.0853 0.0001  -0.0107 0.0117  817 ILE A CB  
221 C CG1 . ILE A 27 ? 0.1203 0.1040 0.0926 -0.0069 -0.0078 0.0099  817 ILE A CG1 
222 C CG2 . ILE A 27 ? 0.1160 0.0903 0.0852 -0.0036 -0.0071 0.0150  817 ILE A CG2 
223 C CD1 . ILE A 27 ? 0.1309 0.1127 0.1185 -0.0044 -0.0111 -0.0012 817 ILE A CD1 
224 N N   . ILE A 28 ? 0.0856 0.0760 0.0828 -0.0013 -0.0074 0.0004  818 ILE A N   
225 C CA  . ILE A 28 ? 0.0858 0.0760 0.0759 -0.0016 -0.0075 0.0020  818 ILE A CA  
226 C C   . ILE A 28 ? 0.0820 0.0727 0.0751 -0.0002 -0.0081 0.0014  818 ILE A C   
227 O O   . ILE A 28 ? 0.0962 0.0729 0.0890 0.0000  -0.0128 -0.0010 818 ILE A O   
228 C CB  . ILE A 28 ? 0.0901 0.0805 0.0819 0.0008  -0.0058 0.0073  818 ILE A CB  
229 C CG1 . ILE A 28 ? 0.1060 0.0835 0.0816 -0.0041 -0.0040 0.0020  818 ILE A CG1 
230 C CG2 . ILE A 28 ? 0.0829 0.0800 0.0925 -0.0037 -0.0070 0.0121  818 ILE A CG2 
231 C CD1 . ILE A 28 ? 0.1450 0.1343 0.1366 0.0058  0.0084  0.0195  818 ILE A CD1 
232 N N   . GLN A 29 ? 0.0859 0.0666 0.0742 0.0023  -0.0073 0.0012  819 GLN A N   
233 C CA  . GLN A 29 ? 0.0854 0.0690 0.0775 0.0018  -0.0064 0.0039  819 GLN A CA  
234 C C   . GLN A 29 ? 0.0885 0.0748 0.0767 0.0009  -0.0048 0.0062  819 GLN A C   
235 O O   . GLN A 29 ? 0.1010 0.0811 0.0802 0.0046  -0.0054 0.0110  819 GLN A O   
236 C CB  . GLN A 29 ? 0.0927 0.0825 0.0862 -0.0031 -0.0013 0.0010  819 GLN A CB  
237 C CG  . GLN A 29 ? 0.0832 0.0983 0.0989 -0.0021 -0.0036 0.0058  819 GLN A CG  
238 C CD  . GLN A 29 ? 0.0942 0.0981 0.0762 0.0067  -0.0097 0.0109  819 GLN A CD  
239 O OE1 . GLN A 29 ? 0.1221 0.0989 0.1010 0.0014  -0.0211 0.0122  819 GLN A OE1 
240 N NE2 . GLN A 29 ? 0.0968 0.0908 0.0905 -0.0003 -0.0140 0.0189  819 GLN A NE2 
241 N N   . ASN A 30 ? 0.0986 0.0777 0.0873 -0.0009 -0.0053 0.0101  820 ASN A N   
242 C CA  . ASN A 30 ? 0.1089 0.0980 0.0959 -0.0029 -0.0070 0.0088  820 ASN A CA  
243 C C   . ASN A 30 ? 0.1055 0.0916 0.0862 -0.0041 -0.0116 0.0090  820 ASN A C   
244 O O   . ASN A 30 ? 0.1166 0.1001 0.0900 -0.0107 -0.0154 0.0035  820 ASN A O   
245 C CB  A ASN A 30 ? 0.1144 0.1112 0.1060 -0.0004 -0.0065 0.0043  820 ASN A CB  
246 C CB  B ASN A 30 ? 0.1122 0.1132 0.1124 -0.0024 -0.0033 0.0038  820 ASN A CB  
247 C CG  A ASN A 30 ? 0.1304 0.1272 0.1219 0.0020  0.0030  0.0078  820 ASN A CG  
248 C CG  B ASN A 30 ? 0.1348 0.1386 0.1294 -0.0070 -0.0004 -0.0035 820 ASN A CG  
249 O OD1 A ASN A 30 ? 0.1538 0.1409 0.1457 0.0022  0.0056  0.0097  820 ASN A OD1 
250 O OD1 B ASN A 30 ? 0.1416 0.1458 0.1218 -0.0171 -0.0109 0.0038  820 ASN A OD1 
251 N ND2 A ASN A 30 ? 0.1340 0.1385 0.1431 0.0080  0.0076  0.0045  820 ASN A ND2 
252 N ND2 B ASN A 30 ? 0.1478 0.1568 0.1496 -0.0080 0.0070  -0.0038 820 ASN A ND2 
253 N N   . VAL A 31 ? 0.1000 0.0801 0.0923 -0.0036 -0.0099 0.0111  821 VAL A N   
254 C CA  . VAL A 31 ? 0.0959 0.0873 0.0974 0.0032  -0.0115 0.0022  821 VAL A CA  
255 C C   . VAL A 31 ? 0.1010 0.0905 0.0991 0.0040  -0.0136 0.0138  821 VAL A C   
256 O O   . VAL A 31 ? 0.1125 0.0874 0.1301 -0.0001 -0.0218 0.0156  821 VAL A O   
257 C CB  . VAL A 31 ? 0.0935 0.0847 0.0932 0.0055  -0.0128 0.0010  821 VAL A CB  
258 C CG1 . VAL A 31 ? 0.1059 0.0905 0.0970 0.0042  -0.0068 -0.0050 821 VAL A CG1 
259 C CG2 . VAL A 31 ? 0.1104 0.0926 0.0837 0.0047  -0.0058 0.0061  821 VAL A CG2 
260 N N   . GLU A 32 ? 0.1057 0.0962 0.1013 0.0037  -0.0111 0.0063  822 GLU A N   
261 C CA  . GLU A 32 ? 0.1064 0.1068 0.1029 0.0028  -0.0066 0.0026  822 GLU A CA  
262 C C   . GLU A 32 ? 0.1056 0.0891 0.0927 -0.0051 -0.0099 0.0038  822 GLU A C   
263 O O   . GLU A 32 ? 0.1181 0.0897 0.0998 -0.0014 -0.0137 0.0126  822 GLU A O   
264 C CB  . GLU A 32 ? 0.1172 0.1076 0.1096 -0.0025 -0.0043 0.0011  822 GLU A CB  
265 C CG  . GLU A 32 ? 0.1273 0.1321 0.1213 0.0043  -0.0049 0.0083  822 GLU A CG  
266 C CD  . GLU A 32 ? 0.1501 0.1486 0.1333 -0.0073 -0.0118 0.0077  822 GLU A CD  
267 O OE1 . GLU A 32 ? 0.1550 0.1692 0.1479 -0.0155 -0.0058 0.0064  822 GLU A OE1 
268 O OE2 . GLU A 32 ? 0.1668 0.1731 0.1799 -0.0150 -0.0062 -0.0225 822 GLU A OE2 
269 N N   . LYS A 33 ? 0.1039 0.0952 0.1030 -0.0034 -0.0064 0.0094  823 LYS A N   
270 C CA  . LYS A 33 ? 0.1101 0.1071 0.1056 0.0004  -0.0065 0.0137  823 LYS A CA  
271 C C   . LYS A 33 ? 0.1120 0.1184 0.1182 -0.0009 -0.0052 0.0131  823 LYS A C   
272 O O   . LYS A 33 ? 0.1441 0.1561 0.1554 -0.0105 -0.0182 0.0303  823 LYS A O   
273 C CB  . LYS A 33 ? 0.1155 0.1136 0.1147 -0.0019 -0.0009 0.0125  823 LYS A CB  
274 C CG  . LYS A 33 ? 0.1161 0.1134 0.0999 -0.0043 -0.0001 0.0091  823 LYS A CG  
275 C CD  . LYS A 33 ? 0.1210 0.1138 0.1139 -0.0006 0.0007  0.0113  823 LYS A CD  
276 C CE  . LYS A 33 ? 0.1188 0.1181 0.1126 0.0018  0.0022  0.0066  823 LYS A CE  
277 N NZ  . LYS A 33 ? 0.1262 0.1150 0.1160 0.0018  0.0008  0.0112  823 LYS A NZ  
278 N N   . GLN A 34 ? 0.1137 0.1136 0.1148 -0.0029 -0.0091 0.0105  824 GLN A N   
279 C CA  . GLN A 34 ? 0.1101 0.1073 0.1046 -0.0034 -0.0088 0.0012  824 GLN A CA  
280 C C   . GLN A 34 ? 0.1139 0.1201 0.1131 0.0002  -0.0057 0.0023  824 GLN A C   
281 O O   . GLN A 34 ? 0.1081 0.1183 0.1027 -0.0051 -0.0076 -0.0052 824 GLN A O   
282 C CB  . GLN A 34 ? 0.1159 0.1086 0.1052 -0.0089 -0.0064 -0.0055 824 GLN A CB  
283 C CG  . GLN A 34 ? 0.1325 0.1087 0.1063 -0.0104 -0.0046 0.0003  824 GLN A CG  
284 C CD  . GLN A 34 ? 0.1403 0.1052 0.1154 -0.0117 -0.0023 0.0012  824 GLN A CD  
285 O OE1 . GLN A 34 ? 0.1557 0.1015 0.1403 -0.0180 0.0093  0.0015  824 GLN A OE1 
286 N NE2 . GLN A 34 ? 0.1326 0.1269 0.1344 -0.0128 -0.0050 -0.0285 824 GLN A NE2 
287 N N   . ASP A 35 ? 0.1125 0.1262 0.1178 -0.0072 -0.0100 -0.0050 825 ASP A N   
288 C CA  . ASP A 35 ? 0.1347 0.1354 0.1349 0.0006  -0.0022 -0.0001 825 ASP A CA  
289 C C   . ASP A 35 ? 0.1317 0.1354 0.1311 0.0015  0.0019  0.0003  825 ASP A C   
290 O O   . ASP A 35 ? 0.1466 0.1626 0.1595 0.0108  0.0080  0.0046  825 ASP A O   
291 C CB  . ASP A 35 ? 0.1401 0.1434 0.1457 0.0019  -0.0033 0.0025  825 ASP A CB  
292 C CG  A ASP A 35 ? 0.1563 0.1531 0.1583 -0.0021 -0.0023 0.0085  825 ASP A CG  
293 C CG  B ASP A 35 ? 0.1373 0.1393 0.1401 0.0024  -0.0048 0.0068  825 ASP A CG  
294 O OD1 A ASP A 35 ? 0.1918 0.1886 0.1868 -0.0009 -0.0020 -0.0063 825 ASP A OD1 
295 O OD1 B ASP A 35 ? 0.1397 0.1339 0.1421 -0.0074 -0.0091 0.0092  825 ASP A OD1 
296 O OD2 A ASP A 35 ? 0.1851 0.1761 0.1611 -0.0026 0.0042  0.0158  825 ASP A OD2 
297 O OD2 B ASP A 35 ? 0.1310 0.1461 0.1671 0.0161  -0.0032 0.0014  825 ASP A OD2 
298 N N   . GLY A 36 ? 0.1221 0.1243 0.1226 -0.0018 -0.0042 -0.0014 826 GLY A N   
299 C CA  . GLY A 36 ? 0.1317 0.1333 0.1295 -0.0002 -0.0040 0.0022  826 GLY A CA  
300 C C   . GLY A 36 ? 0.1183 0.1335 0.1256 -0.0041 -0.0029 0.0039  826 GLY A C   
301 O O   . GLY A 36 ? 0.1387 0.1530 0.1445 -0.0099 -0.0066 0.0130  826 GLY A O   
302 N N   . GLY A 37 ? 0.1161 0.1240 0.1155 -0.0010 -0.0057 0.0030  827 GLY A N   
303 C CA  . GLY A 37 ? 0.1173 0.1194 0.1056 0.0034  -0.0040 0.0023  827 GLY A CA  
304 C C   . GLY A 37 ? 0.1102 0.1093 0.0952 0.0009  -0.0052 -0.0011 827 GLY A C   
305 O O   . GLY A 37 ? 0.1130 0.1127 0.0903 0.0032  -0.0077 -0.0017 827 GLY A O   
306 N N   . TRP A 38 ? 0.1005 0.0975 0.0902 -0.0033 -0.0031 0.0083  828 TRP A N   
307 C CA  . TRP A 38 ? 0.1006 0.0991 0.0918 -0.0078 -0.0082 -0.0015 828 TRP A CA  
308 C C   . TRP A 38 ? 0.0967 0.0893 0.0884 0.0005  -0.0083 0.0018  828 TRP A C   
309 O O   . TRP A 38 ? 0.0946 0.0913 0.0931 -0.0071 -0.0144 0.0092  828 TRP A O   
310 C CB  . TRP A 38 ? 0.1045 0.0940 0.0928 -0.0059 -0.0097 0.0073  828 TRP A CB  
311 C CG  . TRP A 38 ? 0.1176 0.0964 0.0978 -0.0042 -0.0107 0.0074  828 TRP A CG  
312 C CD1 . TRP A 38 ? 0.1211 0.1127 0.1003 0.0020  -0.0056 0.0195  828 TRP A CD1 
313 C CD2 . TRP A 38 ? 0.1226 0.1002 0.0931 -0.0052 -0.0053 0.0077  828 TRP A CD2 
314 N NE1 . TRP A 38 ? 0.1288 0.1365 0.1179 -0.0045 0.0032  0.0312  828 TRP A NE1 
315 C CE2 . TRP A 38 ? 0.1323 0.1272 0.1123 -0.0036 -0.0025 0.0139  828 TRP A CE2 
316 C CE3 . TRP A 38 ? 0.1237 0.0941 0.1092 -0.0097 -0.0047 -0.0071 828 TRP A CE3 
317 C CZ2 . TRP A 38 ? 0.1513 0.1451 0.1381 -0.0029 -0.0078 0.0251  828 TRP A CZ2 
318 C CZ3 . TRP A 38 ? 0.1484 0.1215 0.1399 0.0006  -0.0154 0.0025  828 TRP A CZ3 
319 C CH2 . TRP A 38 ? 0.1633 0.1543 0.1484 0.0003  -0.0101 0.0054  828 TRP A CH2 
320 N N   . TRP A 39 ? 0.0890 0.0868 0.0798 -0.0011 -0.0152 0.0047  829 TRP A N   
321 C CA  . TRP A 39 ? 0.0933 0.0886 0.0849 -0.0011 -0.0056 0.0003  829 TRP A CA  
322 C C   . TRP A 39 ? 0.0896 0.0849 0.0833 -0.0013 -0.0063 0.0034  829 TRP A C   
323 O O   . TRP A 39 ? 0.0991 0.0791 0.0984 0.0096  -0.0033 0.0076  829 TRP A O   
324 C CB  . TRP A 39 ? 0.0873 0.0868 0.0881 -0.0042 -0.0077 0.0012  829 TRP A CB  
325 C CG  . TRP A 39 ? 0.0883 0.0778 0.0794 0.0011  -0.0044 0.0066  829 TRP A CG  
326 C CD1 . TRP A 39 ? 0.0923 0.0943 0.0955 -0.0089 -0.0084 -0.0023 829 TRP A CD1 
327 C CD2 . TRP A 39 ? 0.0875 0.0875 0.0668 0.0006  -0.0125 0.0042  829 TRP A CD2 
328 N NE1 . TRP A 39 ? 0.0881 0.0972 0.0863 0.0037  -0.0058 -0.0039 829 TRP A NE1 
329 C CE2 . TRP A 39 ? 0.0944 0.0724 0.0867 -0.0030 -0.0006 0.0040  829 TRP A CE2 
330 C CE3 . TRP A 39 ? 0.0958 0.0908 0.0744 -0.0034 -0.0156 0.0044  829 TRP A CE3 
331 C CZ2 . TRP A 39 ? 0.1079 0.0746 0.0744 0.0008  -0.0028 0.0128  829 TRP A CZ2 
332 C CZ3 . TRP A 39 ? 0.0957 0.1029 0.0882 -0.0076 -0.0075 -0.0031 829 TRP A CZ3 
333 C CH2 . TRP A 39 ? 0.1108 0.0774 0.0901 -0.0001 -0.0009 -0.0016 829 TRP A CH2 
334 N N   . ARG A 40 ? 0.0943 0.0809 0.0863 0.0020  -0.0064 0.0076  830 ARG A N   
335 C CA  . ARG A 40 ? 0.0924 0.0847 0.0922 -0.0016 -0.0028 -0.0027 830 ARG A CA  
336 C C   . ARG A 40 ? 0.0882 0.0735 0.0789 -0.0003 -0.0057 0.0067  830 ARG A C   
337 O O   . ARG A 40 ? 0.0996 0.0831 0.1042 0.0085  -0.0049 0.0144  830 ARG A O   
338 C CB  . ARG A 40 ? 0.1004 0.0938 0.0971 -0.0078 -0.0048 -0.0065 830 ARG A CB  
339 C CG  . ARG A 40 ? 0.1176 0.1049 0.1105 -0.0002 -0.0040 -0.0042 830 ARG A CG  
340 C CD  . ARG A 40 ? 0.1378 0.1250 0.1191 -0.0028 -0.0093 -0.0041 830 ARG A CD  
341 N NE  . ARG A 40 ? 0.1411 0.1505 0.1465 0.0047  -0.0043 -0.0080 830 ARG A NE  
342 C CZ  . ARG A 40 ? 0.1466 0.1443 0.1474 0.0111  -0.0072 0.0008  830 ARG A CZ  
343 N NH1 . ARG A 40 ? 0.1391 0.1350 0.1330 0.0133  -0.0178 -0.0221 830 ARG A NH1 
344 N NH2 . ARG A 40 ? 0.1473 0.1525 0.1594 0.0030  -0.0116 -0.0185 830 ARG A NH2 
345 N N   . GLY A 41 ? 0.0834 0.0773 0.0946 -0.0034 -0.0048 0.0023  831 GLY A N   
346 C CA  . GLY A 41 ? 0.0921 0.0725 0.0734 -0.0040 -0.0038 0.0027  831 GLY A CA  
347 C C   . GLY A 41 ? 0.0976 0.0793 0.0882 0.0000  -0.0061 0.0043  831 GLY A C   
348 O O   . GLY A 41 ? 0.1068 0.0773 0.0944 0.0014  -0.0036 0.0056  831 GLY A O   
349 N N   . ASP A 42 ? 0.0972 0.0735 0.0837 -0.0011 -0.0085 0.0051  832 ASP A N   
350 C CA  . ASP A 42 ? 0.1012 0.0868 0.0959 -0.0042 -0.0037 -0.0047 832 ASP A CA  
351 C C   . ASP A 42 ? 0.0959 0.0772 0.0952 -0.0020 -0.0061 -0.0011 832 ASP A C   
352 O O   . ASP A 42 ? 0.1027 0.0881 0.1006 -0.0050 -0.0153 -0.0167 832 ASP A O   
353 C CB  . ASP A 42 ? 0.1154 0.0917 0.0986 0.0002  -0.0051 0.0016  832 ASP A CB  
354 C CG  . ASP A 42 ? 0.1235 0.0919 0.0943 -0.0033 -0.0005 0.0046  832 ASP A CG  
355 O OD1 . ASP A 42 ? 0.1353 0.1123 0.1035 -0.0062 0.0050  0.0076  832 ASP A OD1 
356 O OD2 . ASP A 42 ? 0.1279 0.0951 0.0840 -0.0058 -0.0010 0.0033  832 ASP A OD2 
357 N N   . TYR A 43 ? 0.0939 0.0818 0.0974 -0.0042 -0.0113 -0.0002 833 TYR A N   
358 C CA  . TYR A 43 ? 0.1048 0.0913 0.1030 0.0020  -0.0092 -0.0019 833 TYR A CA  
359 C C   . TYR A 43 ? 0.1119 0.1012 0.1171 0.0026  -0.0140 -0.0014 833 TYR A C   
360 O O   . TYR A 43 ? 0.1305 0.0919 0.1184 0.0051  -0.0219 -0.0050 833 TYR A O   
361 C CB  . TYR A 43 ? 0.1031 0.1031 0.1071 0.0030  -0.0023 0.0014  833 TYR A CB  
362 C CG  . TYR A 43 ? 0.1094 0.1033 0.0936 -0.0019 -0.0014 0.0005  833 TYR A CG  
363 C CD1 . TYR A 43 ? 0.1228 0.1191 0.0937 0.0001  -0.0011 0.0113  833 TYR A CD1 
364 C CD2 . TYR A 43 ? 0.1119 0.1007 0.1030 0.0034  0.0011  -0.0048 833 TYR A CD2 
365 C CE1 . TYR A 43 ? 0.1313 0.1082 0.1139 0.0050  -0.0135 0.0058  833 TYR A CE1 
366 C CE2 . TYR A 43 ? 0.1113 0.1064 0.1106 -0.0022 -0.0039 -0.0006 833 TYR A CE2 
367 C CZ  . TYR A 43 ? 0.1279 0.1179 0.1112 0.0041  -0.0156 0.0067  833 TYR A CZ  
368 O OH  . TYR A 43 ? 0.1729 0.1472 0.1271 -0.0049 -0.0323 0.0037  833 TYR A OH  
369 N N   . GLY A 44 ? 0.1214 0.1177 0.1327 0.0051  -0.0174 -0.0071 834 GLY A N   
370 C CA  . GLY A 44 ? 0.1376 0.1257 0.1374 0.0056  -0.0175 -0.0025 834 GLY A CA  
371 C C   . GLY A 44 ? 0.1375 0.1289 0.1463 0.0041  -0.0106 -0.0026 834 GLY A C   
372 O O   . GLY A 44 ? 0.1705 0.1388 0.1728 0.0122  -0.0173 0.0000  834 GLY A O   
373 N N   . GLY A 45 ? 0.1284 0.1223 0.1471 -0.0011 -0.0083 -0.0112 835 GLY A N   
374 C CA  . GLY A 45 ? 0.1217 0.1199 0.1302 0.0020  -0.0047 -0.0080 835 GLY A CA  
375 C C   . GLY A 45 ? 0.1164 0.1104 0.1137 0.0036  -0.0078 -0.0102 835 GLY A C   
376 O O   . GLY A 45 ? 0.1262 0.1156 0.1329 0.0043  -0.0099 -0.0247 835 GLY A O   
377 N N   . LYS A 46 ? 0.1112 0.0996 0.1154 0.0040  -0.0080 -0.0096 836 LYS A N   
378 C CA  . LYS A 46 ? 0.1127 0.0998 0.1090 -0.0004 -0.0099 -0.0020 836 LYS A CA  
379 C C   . LYS A 46 ? 0.1099 0.0907 0.1078 -0.0019 -0.0082 -0.0047 836 LYS A C   
380 O O   . LYS A 46 ? 0.1182 0.0939 0.1199 0.0042  -0.0103 -0.0082 836 LYS A O   
381 C CB  . LYS A 46 ? 0.1203 0.1175 0.1202 -0.0012 -0.0064 -0.0074 836 LYS A CB  
382 C CG  . LYS A 46 ? 0.1475 0.1649 0.1438 0.0018  -0.0027 0.0064  836 LYS A CG  
383 C CD  . LYS A 46 ? 0.1927 0.1859 0.1933 0.0002  -0.0001 0.0010  836 LYS A CD  
384 C CE  . LYS A 46 ? 0.2236 0.2272 0.2149 0.0030  0.0007  0.0138  836 LYS A CE  
385 N NZ  . LYS A 46 ? 0.2647 0.2492 0.2595 0.0016  -0.0016 0.0041  836 LYS A NZ  
386 N N   . LYS A 47 ? 0.1002 0.0885 0.1071 0.0015  -0.0041 -0.0085 837 LYS A N   
387 C CA  . LYS A 47 ? 0.1062 0.0984 0.1027 -0.0020 -0.0014 -0.0034 837 LYS A CA  
388 C C   A LYS A 47 ? 0.1019 0.0942 0.0935 0.0006  -0.0042 -0.0010 837 LYS A C   
390 O O   A LYS A 47 ? 0.1106 0.0951 0.1010 -0.0041 -0.0014 -0.0043 837 LYS A O   
392 C CB  A LYS A 47 ? 0.1128 0.1204 0.1154 0.0017  0.0034  -0.0029 837 LYS A CB  
394 C CG  A LYS A 47 ? 0.1515 0.1616 0.1304 -0.0011 0.0041  0.0082  837 LYS A CG  
396 C CD  A LYS A 47 ? 0.1951 0.1892 0.1990 -0.0006 -0.0072 -0.0022 837 LYS A CD  
398 C CE  A LYS A 47 ? 0.2513 0.2612 0.2416 0.0053  0.0081  0.0050  837 LYS A CE  
400 N NZ  A LYS A 47 ? 0.2755 0.2815 0.2867 -0.0049 -0.0047 -0.0059 837 LYS A NZ  
402 N N   . GLN A 48 ? 0.0989 0.0902 0.0909 -0.0009 -0.0008 0.0017  838 GLN A N   
403 C CA  . GLN A 48 ? 0.1072 0.0974 0.0946 -0.0007 -0.0051 0.0084  838 GLN A CA  
404 C C   . GLN A 48 ? 0.1024 0.0951 0.0851 -0.0008 -0.0040 0.0061  838 GLN A C   
405 O O   . GLN A 48 ? 0.1098 0.0957 0.1003 -0.0111 -0.0046 -0.0019 838 GLN A O   
406 C CB  . GLN A 48 ? 0.1069 0.0972 0.0946 0.0002  -0.0044 0.0057  838 GLN A CB  
407 C CG  . GLN A 48 ? 0.1185 0.1035 0.1041 -0.0025 -0.0003 0.0108  838 GLN A CG  
408 C CD  . GLN A 48 ? 0.1339 0.1098 0.1174 0.0001  -0.0056 0.0180  838 GLN A CD  
409 O OE1 . GLN A 48 ? 0.1493 0.1410 0.1638 0.0052  -0.0116 0.0230  838 GLN A OE1 
410 N NE2 . GLN A 48 ? 0.1571 0.1014 0.0997 -0.0049 0.0010  0.0334  838 GLN A NE2 
411 N N   . LEU A 49 ? 0.1016 0.0927 0.0839 -0.0021 -0.0030 -0.0040 839 LEU A N   
412 C CA  . LEU A 49 ? 0.1005 0.0785 0.0885 -0.0067 -0.0044 0.0014  839 LEU A CA  
413 C C   . LEU A 49 ? 0.1067 0.0869 0.0907 -0.0024 -0.0070 -0.0029 839 LEU A C   
414 O O   . LEU A 49 ? 0.1063 0.0860 0.1004 -0.0064 -0.0117 0.0014  839 LEU A O   
415 C CB  . LEU A 49 ? 0.1026 0.0839 0.0889 -0.0054 -0.0074 -0.0021 839 LEU A CB  
416 C CG  . LEU A 49 ? 0.1063 0.0879 0.0941 -0.0049 -0.0006 0.0029  839 LEU A CG  
417 C CD1 . LEU A 49 ? 0.1029 0.0963 0.1025 0.0040  0.0027  0.0098  839 LEU A CD1 
418 C CD2 . LEU A 49 ? 0.1197 0.0949 0.1071 -0.0048 -0.0027 -0.0041 839 LEU A CD2 
419 N N   . TRP A 50 ? 0.1059 0.0827 0.0955 -0.0024 -0.0054 0.0022  840 TRP A N   
420 C CA  . TRP A 50 ? 0.1078 0.0931 0.0966 -0.0034 -0.0024 -0.0012 840 TRP A CA  
421 C C   . TRP A 50 ? 0.1108 0.0860 0.0971 0.0002  -0.0084 -0.0047 840 TRP A C   
422 O O   . TRP A 50 ? 0.1393 0.0848 0.1055 0.0094  -0.0154 -0.0047 840 TRP A O   
423 C CB  . TRP A 50 ? 0.1119 0.1013 0.1030 -0.0043 -0.0010 -0.0011 840 TRP A CB  
424 C CG  . TRP A 50 ? 0.1231 0.1010 0.1019 -0.0051 0.0013  -0.0031 840 TRP A CG  
425 C CD1 . TRP A 50 ? 0.1415 0.1192 0.1170 0.0032  0.0012  -0.0060 840 TRP A CD1 
426 C CD2 . TRP A 50 ? 0.1138 0.1079 0.1076 -0.0115 -0.0111 -0.0077 840 TRP A CD2 
427 N NE1 . TRP A 50 ? 0.1372 0.1185 0.1212 -0.0086 -0.0092 -0.0105 840 TRP A NE1 
428 C CE2 . TRP A 50 ? 0.1263 0.1151 0.1086 -0.0088 -0.0054 -0.0005 840 TRP A CE2 
429 C CE3 . TRP A 50 ? 0.1244 0.1136 0.1138 -0.0098 -0.0013 -0.0072 840 TRP A CE3 
430 C CZ2 . TRP A 50 ? 0.1239 0.1357 0.1117 -0.0116 -0.0064 -0.0024 840 TRP A CZ2 
431 C CZ3 . TRP A 50 ? 0.1252 0.1332 0.1325 0.0035  0.0027  -0.0037 840 TRP A CZ3 
432 C CH2 . TRP A 50 ? 0.1308 0.1476 0.1293 0.0005  -0.0062 0.0081  840 TRP A CH2 
433 N N   . PHE A 51 ? 0.1102 0.0911 0.0969 0.0066  -0.0077 -0.0033 841 PHE A N   
434 C CA  . PHE A 51 ? 0.1126 0.0989 0.0972 0.0037  -0.0072 -0.0046 841 PHE A CA  
435 C C   . PHE A 51 ? 0.1094 0.0937 0.0887 0.0052  -0.0076 0.0003  841 PHE A C   
436 O O   . PHE A 51 ? 0.1107 0.0861 0.0901 0.0067  -0.0086 0.0002  841 PHE A O   
437 C CB  . PHE A 51 ? 0.1113 0.1092 0.0975 0.0092  -0.0130 -0.0129 841 PHE A CB  
438 C CG  . PHE A 51 ? 0.1071 0.1158 0.1144 -0.0016 -0.0074 -0.0194 841 PHE A CG  
439 C CD1 . PHE A 51 ? 0.1108 0.1248 0.1203 0.0025  -0.0067 -0.0160 841 PHE A CD1 
440 C CD2 . PHE A 51 ? 0.0986 0.1061 0.1105 0.0063  -0.0123 -0.0179 841 PHE A CD2 
441 C CE1 . PHE A 51 ? 0.0980 0.1226 0.1183 -0.0057 0.0001  -0.0243 841 PHE A CE1 
442 C CE2 . PHE A 51 ? 0.1114 0.1167 0.1169 0.0060  -0.0105 -0.0124 841 PHE A CE2 
443 C CZ  . PHE A 51 ? 0.1073 0.1180 0.1187 -0.0108 -0.0091 -0.0183 841 PHE A CZ  
444 N N   . PRO A 52 ? 0.1189 0.0977 0.0869 0.0025  -0.0103 0.0061  842 PRO A N   
445 C CA  . PRO A 52 ? 0.1173 0.0977 0.0952 -0.0001 -0.0054 0.0054  842 PRO A CA  
446 C C   . PRO A 52 ? 0.1070 0.0917 0.0881 0.0007  -0.0037 -0.0009 842 PRO A C   
447 O O   . PRO A 52 ? 0.1069 0.0816 0.0760 0.0092  -0.0079 0.0051  842 PRO A O   
448 C CB  . PRO A 52 ? 0.1345 0.1108 0.1006 -0.0023 -0.0048 0.0034  842 PRO A CB  
449 C CG  . PRO A 52 ? 0.1502 0.1339 0.1293 0.0079  -0.0059 0.0033  842 PRO A CG  
450 C CD  . PRO A 52 ? 0.1306 0.0979 0.1034 0.0057  -0.0150 0.0164  842 PRO A CD  
451 N N   . SER A 53 ? 0.1105 0.0883 0.0931 -0.0007 -0.0067 0.0021  843 SER A N   
452 C CA  . SER A 53 ? 0.1026 0.0873 0.0915 0.0027  -0.0065 0.0026  843 SER A CA  
453 C C   . SER A 53 ? 0.0997 0.0894 0.0927 -0.0012 -0.0034 0.0022  843 SER A C   
454 O O   . SER A 53 ? 0.1104 0.0810 0.0884 0.0050  -0.0095 0.0005  843 SER A O   
455 C CB  . SER A 53 ? 0.1152 0.0955 0.0894 -0.0006 -0.0127 0.0015  843 SER A CB  
456 O OG  . SER A 53 ? 0.1122 0.1115 0.0977 0.0094  -0.0123 0.0153  843 SER A OG  
457 N N   . ASN A 54 ? 0.1005 0.0763 0.0861 -0.0031 -0.0056 0.0023  844 ASN A N   
458 C CA  . ASN A 54 ? 0.1069 0.0941 0.0977 0.0012  -0.0027 -0.0006 844 ASN A CA  
459 C C   . ASN A 54 ? 0.1046 0.0877 0.0815 0.0001  -0.0016 0.0067  844 ASN A C   
460 O O   . ASN A 54 ? 0.1306 0.1090 0.0887 -0.0028 -0.0058 0.0048  844 ASN A O   
461 C CB  . ASN A 54 ? 0.1112 0.1197 0.1068 0.0050  0.0010  -0.0041 844 ASN A CB  
462 C CG  . ASN A 54 ? 0.1242 0.1443 0.1248 -0.0138 0.0033  0.0133  844 ASN A CG  
463 O OD1 . ASN A 54 ? 0.1457 0.1268 0.1640 -0.0065 0.0171  0.0215  844 ASN A OD1 
464 N ND2 . ASN A 54 ? 0.1763 0.1986 0.1484 -0.0163 0.0102  0.0280  844 ASN A ND2 
465 N N   . TYR A 55 ? 0.1015 0.0857 0.0767 0.0007  -0.0069 0.0028  845 TYR A N   
466 C CA  . TYR A 55 ? 0.1018 0.0856 0.0807 -0.0042 -0.0072 0.0019  845 TYR A CA  
467 C C   . TYR A 55 ? 0.0950 0.0813 0.0678 -0.0002 -0.0080 0.0089  845 TYR A C   
468 O O   . TYR A 55 ? 0.1101 0.0918 0.0759 -0.0035 -0.0140 0.0154  845 TYR A O   
469 C CB  . TYR A 55 ? 0.1053 0.0891 0.0796 0.0003  -0.0056 0.0050  845 TYR A CB  
470 C CG  . TYR A 55 ? 0.1182 0.0892 0.0853 -0.0008 -0.0039 0.0034  845 TYR A CG  
471 C CD1 . TYR A 55 ? 0.1194 0.1147 0.1250 0.0011  0.0006  0.0185  845 TYR A CD1 
472 C CD2 . TYR A 55 ? 0.1272 0.0925 0.0973 0.0031  -0.0091 0.0041  845 TYR A CD2 
473 C CE1 . TYR A 55 ? 0.1345 0.1183 0.1192 -0.0047 -0.0052 0.0142  845 TYR A CE1 
474 C CE2 . TYR A 55 ? 0.1407 0.1058 0.1180 0.0036  -0.0047 0.0106  845 TYR A CE2 
475 C CZ  . TYR A 55 ? 0.1445 0.1013 0.1014 -0.0051 0.0024  0.0157  845 TYR A CZ  
476 O OH  . TYR A 55 ? 0.1788 0.1251 0.1378 -0.0063 0.0196  0.0451  845 TYR A OH  
477 N N   . VAL A 56 ? 0.0928 0.0777 0.0710 -0.0003 -0.0073 0.0090  846 VAL A N   
478 C CA  . VAL A 56 ? 0.0912 0.0833 0.0798 -0.0005 -0.0048 0.0039  846 VAL A CA  
479 C C   . VAL A 56 ? 0.0995 0.0904 0.0710 0.0011  -0.0032 0.0052  846 VAL A C   
480 O O   . VAL A 56 ? 0.1117 0.0946 0.0755 0.0040  -0.0029 0.0102  846 VAL A O   
481 C CB  . VAL A 56 ? 0.0993 0.0860 0.0833 -0.0008 0.0004  0.0091  846 VAL A CB  
482 C CG1 . VAL A 56 ? 0.1025 0.0870 0.0849 0.0024  -0.0049 0.0058  846 VAL A CG1 
483 C CG2 . VAL A 56 ? 0.1022 0.0904 0.0832 -0.0034 -0.0046 0.0046  846 VAL A CG2 
484 N N   . GLU A 57 ? 0.1037 0.0913 0.0868 0.0013  -0.0038 0.0109  847 GLU A N   
485 C CA  . GLU A 57 ? 0.1192 0.1062 0.1135 0.0034  0.0020  0.0115  847 GLU A CA  
486 C C   . GLU A 57 ? 0.1096 0.0994 0.0993 0.0070  -0.0049 0.0069  847 GLU A C   
487 O O   . GLU A 57 ? 0.1050 0.1007 0.0961 0.0129  -0.0042 0.0223  847 GLU A O   
488 C CB  . GLU A 57 ? 0.1486 0.1313 0.1206 -0.0055 0.0023  0.0056  847 GLU A CB  
489 C CG  . GLU A 57 ? 0.2061 0.1796 0.2063 0.0016  -0.0040 0.0037  847 GLU A CG  
490 C CD  . GLU A 57 ? 0.2472 0.2401 0.2296 -0.0024 -0.0067 -0.0083 847 GLU A CD  
491 O OE1 . GLU A 57 ? 0.2632 0.2931 0.2953 -0.0085 -0.0053 -0.0079 847 GLU A OE1 
492 O OE2 . GLU A 57 ? 0.2487 0.2330 0.2302 0.0021  -0.0149 -0.0064 847 GLU A OE2 
493 N N   . GLU A 58 ? 0.0840 0.0906 0.0886 0.0019  -0.0015 0.0093  848 GLU A N   
494 C CA  . GLU A 58 ? 0.0960 0.0915 0.0890 -0.0017 -0.0045 0.0060  848 GLU A CA  
495 C C   . GLU A 58 ? 0.0957 0.0916 0.0927 -0.0004 -0.0029 0.0056  848 GLU A C   
496 O O   . GLU A 58 ? 0.1146 0.1093 0.0992 -0.0079 0.0069  0.0037  848 GLU A O   
497 C CB  . GLU A 58 ? 0.1059 0.1000 0.0988 -0.0030 -0.0072 0.0022  848 GLU A CB  
498 C CG  . GLU A 58 ? 0.1088 0.0979 0.1104 -0.0021 -0.0066 0.0033  848 GLU A CG  
499 C CD  . GLU A 58 ? 0.1151 0.1063 0.1119 -0.0067 -0.0083 0.0111  848 GLU A CD  
500 O OE1 . GLU A 58 ? 0.1148 0.1217 0.1053 0.0085  -0.0033 0.0126  848 GLU A OE1 
501 O OE2 . GLU A 58 ? 0.1268 0.1168 0.1110 0.0047  -0.0129 -0.0015 848 GLU A OE2 
502 N N   . MET A 59 ? 0.1065 0.1058 0.0929 -0.0048 -0.0018 0.0013  849 MET A N   
503 C CA  . MET A 59 ? 0.1193 0.1125 0.1146 -0.0056 -0.0005 0.0033  849 MET A CA  
504 C C   . MET A 59 ? 0.1501 0.1443 0.1352 -0.0001 0.0035  0.0076  849 MET A C   
505 O O   . MET A 59 ? 0.1741 0.1611 0.1348 0.0059  0.0075  0.0139  849 MET A O   
506 C CB  . MET A 59 ? 0.1146 0.1138 0.0988 -0.0058 0.0022  0.0051  849 MET A CB  
507 C CG  . MET A 59 ? 0.1114 0.1244 0.1171 -0.0038 0.0002  0.0143  849 MET A CG  
508 S SD  . MET A 59 ? 0.1470 0.1978 0.1531 0.0243  0.0159  0.0483  849 MET A SD  
509 C CE  . MET A 59 ? 0.1764 0.2050 0.1819 0.0147  0.0045  0.0110  849 MET A CE  
510 N N   . ILE A 60 ? 0.1801 0.1790 0.1812 0.0051  0.0021  0.0046  850 ILE A N   
511 C CA  . ILE A 60 ? 0.2165 0.2124 0.2100 0.0030  -0.0026 0.0063  850 ILE A CA  
512 C C   . ILE A 60 ? 0.2277 0.2233 0.2207 0.0008  -0.0002 0.0053  850 ILE A C   
513 O O   . ILE A 60 ? 0.2389 0.2258 0.2305 -0.0067 -0.0017 0.0055  850 ILE A O   
514 C CB  . ILE A 60 ? 0.2253 0.2242 0.2196 0.0048  -0.0004 0.0009  850 ILE A CB  
515 C CG1 . ILE A 60 ? 0.2397 0.2467 0.2368 0.0031  0.0001  0.0035  850 ILE A CG1 
516 C CG2 . ILE A 60 ? 0.2462 0.2403 0.2352 0.0059  -0.0008 0.0056  850 ILE A CG2 
517 C CD1 . ILE A 60 ? 0.2534 0.2510 0.2547 -0.0012 -0.0005 0.0030  850 ILE A CD1 
518 N N   . ASN A 61 ? 0.2441 0.2390 0.2305 -0.0022 0.0012  0.0021  851 ASN A N   
519 C CA  . ASN A 61 ? 0.2491 0.2457 0.2454 0.0014  0.0015  0.0012  851 ASN A CA  
520 C C   . ASN A 61 ? 0.2648 0.2555 0.2602 0.0015  0.0017  0.0011  851 ASN A C   
521 O O   . ASN A 61 ? 0.2824 0.2725 0.2737 0.0117  0.0048  0.0032  851 ASN A O   
522 C CB  . ASN A 61 ? 0.2474 0.2395 0.2428 0.0015  0.0021  0.0020  851 ASN A CB  
523 C CG  . ASN A 61 ? 0.2357 0.2304 0.2234 0.0040  -0.0021 0.0073  851 ASN A CG  
524 O OD1 . ASN A 61 ? 0.2433 0.2317 0.2240 0.0154  -0.0003 0.0110  851 ASN A OD1 
525 N ND2 . ASN A 61 ? 0.2156 0.2052 0.2210 0.0002  -0.0020 0.0158  851 ASN A ND2 
526 O OXT . ASN A 61 ? 0.2746 0.2705 0.2766 -0.0011 0.0018  0.0020  851 ASN A OXT 
527 O O   . HOH B .  ? 0.1206 0.1006 0.0880 -0.0092 -0.0171 -0.0012 1   HOH A O   
528 O O   . HOH B .  ? 0.1225 0.1575 0.1569 -0.0112 0.0210  -0.0453 2   HOH A O   
529 O O   . HOH B .  ? 0.1927 0.2304 0.1790 -0.0023 -0.0198 -0.0042 3   HOH A O   
530 O O   . HOH B .  ? 0.1357 0.0966 0.1064 0.0025  -0.0117 0.0361  4   HOH A O   
531 O O   . HOH B .  ? 0.1582 0.1184 0.1442 0.0140  0.0118  0.0276  5   HOH A O   
532 O O   . HOH B .  ? 0.1418 0.1251 0.1460 0.0002  -0.0250 0.0066  6   HOH A O   
533 O O   . HOH B .  ? 0.1421 0.1819 0.1419 0.0022  0.0046  -0.0241 7   HOH A O   
534 O O   . HOH B .  ? 0.1308 0.1468 0.1570 0.0102  -0.0014 -0.0086 8   HOH A O   
535 O O   . HOH B .  ? 0.1631 0.1681 0.1760 -0.0014 -0.0024 0.0092  9   HOH A O   
536 O O   . HOH B .  ? 0.1783 0.1715 0.1588 -0.0123 0.0014  0.0205  10  HOH A O   
537 O O   . HOH B .  ? 0.2206 0.1222 0.1897 0.0119  0.0257  0.0218  11  HOH A O   
538 O O   . HOH B .  ? 0.2319 0.2258 0.1740 0.0179  -0.0086 0.0274  12  HOH A O   
539 O O   . HOH B .  ? 0.1882 0.1937 0.2152 0.0026  0.0136  0.0244  13  HOH A O   
540 O O   . HOH B .  ? 0.2289 0.2442 0.2040 -0.0067 -0.0095 0.0121  14  HOH A O   
541 O O   . HOH B .  ? 0.1412 0.1471 0.1671 0.0079  -0.0277 0.0174  15  HOH A O   
542 O O   . HOH B .  ? 0.2745 0.2520 0.2694 0.0023  0.0192  0.0220  16  HOH A O   
543 O O   . HOH B .  ? 0.2164 0.1700 0.1637 0.0119  -0.0264 0.0148  17  HOH A O   
544 O O   . HOH B .  ? 0.2451 0.2626 0.2504 -0.0051 -0.0002 0.0184  18  HOH A O   
545 O O   . HOH B .  ? 0.1925 0.1943 0.1632 0.0162  0.0076  0.0159  19  HOH A O   
546 O O   . HOH B .  ? 0.2212 0.2306 0.2261 -0.0108 -0.0020 -0.0165 20  HOH A O   
547 O O   . HOH B .  ? 0.2174 0.2298 0.2216 0.0057  -0.0164 -0.0118 21  HOH A O   
548 O O   . HOH B .  ? 0.3078 0.3023 0.2871 0.0078  -0.0075 0.0159  22  HOH A O   
549 O O   . HOH B .  ? 0.2335 0.2032 0.2081 0.0049  0.0026  0.0420  23  HOH A O   
550 O O   . HOH B .  ? 0.2180 0.1876 0.1684 -0.0068 -0.0182 0.0001  24  HOH A O   
551 O O   . HOH B .  ? 0.1919 0.1892 0.1854 0.0207  0.0021  0.0217  25  HOH A O   
552 O O   . HOH B .  ? 0.1870 0.1652 0.1791 0.0057  -0.0128 -0.0121 26  HOH A O   
553 O O   . HOH B .  ? 0.2904 0.2690 0.2653 -0.0124 -0.0073 0.0053  27  HOH A O   
554 O O   . HOH B .  ? 0.2129 0.2111 0.2469 -0.0050 0.0033  -0.0074 28  HOH A O   
555 O O   . HOH B .  ? 0.2234 0.2469 0.2308 0.0027  0.0011  0.0166  29  HOH A O   
556 O O   . HOH B .  ? 0.2179 0.2260 0.2055 -0.0022 -0.0115 0.0244  30  HOH A O   
557 O O   . HOH B .  ? 0.2525 0.2238 0.2083 -0.0091 -0.0041 0.0090  31  HOH A O   
558 O O   . HOH B .  ? 0.2743 0.2909 0.2840 0.0030  0.0010  0.0172  32  HOH A O   
559 O O   . HOH B .  ? 0.2511 0.2726 0.2985 0.0050  0.0078  -0.0262 33  HOH A O   
560 O O   . HOH B .  ? 0.2857 0.2964 0.2828 0.0051  0.0037  -0.0104 34  HOH A O   
561 O O   . HOH B .  ? 0.2789 0.2436 0.2530 0.0088  -0.0021 -0.0083 35  HOH A O   
562 O O   . HOH B .  ? 0.2686 0.2970 0.2909 0.0028  -0.0006 -0.0015 36  HOH A O   
563 O O   . HOH B .  ? 0.3406 0.3233 0.3232 0.0004  -0.0024 -0.0165 37  HOH A O   
564 O O   . HOH B .  ? 0.2511 0.2507 0.2562 -0.0051 0.0042  -0.0225 38  HOH A O   
565 O O   . HOH B .  ? 0.4069 0.4014 0.3968 0.0014  0.0002  0.0032  39  HOH A O   
566 O O   . HOH B .  ? 0.3132 0.3073 0.3128 0.0071  -0.0005 0.0319  40  HOH A O   
567 O O   . HOH B .  ? 0.3539 0.3623 0.3679 -0.0017 0.0033  -0.0070 41  HOH A O   
568 O O   . HOH B .  ? 0.2561 0.2424 0.2607 -0.0124 0.0063  -0.0109 42  HOH A O   
569 O O   . HOH B .  ? 0.2409 0.2714 0.2253 -0.0111 -0.0137 0.0330  43  HOH A O   
570 O O   . HOH B .  ? 0.2325 0.2163 0.2146 -0.0027 -0.0029 -0.0076 44  HOH A O   
571 O O   . HOH B .  ? 0.3593 0.3516 0.3567 0.0020  -0.0042 0.0076  45  HOH A O   
572 O O   . HOH B .  ? 0.3595 0.3638 0.3471 0.0100  -0.0075 0.0146  46  HOH A O   
573 O O   . HOH B .  ? 0.2346 0.2251 0.2327 0.0046  -0.0095 -0.0110 47  HOH A O   
574 O O   . HOH B .  ? 0.4977 0.4969 0.4980 0.0017  0.0004  0.0027  48  HOH A O   
575 O O   . HOH B .  ? 0.2429 0.2404 0.2102 -0.0010 0.0052  0.0247  49  HOH A O   
576 O O   . HOH B .  ? 0.1941 0.2266 0.2145 -0.0092 0.0066  0.0004  50  HOH A O   
577 O O   . HOH B .  ? 0.1869 0.2406 0.2133 0.0090  0.0015  -0.0003 51  HOH A O   
578 O O   . HOH B .  ? 0.2666 0.2725 0.2597 0.0046  0.0076  0.0047  52  HOH A O   
579 O O   . HOH B .  ? 0.1863 0.2304 0.2611 -0.0038 -0.0087 0.0211  53  HOH A O   
580 O O   . HOH B .  ? 0.2656 0.2516 0.2519 0.0070  0.0128  -0.0040 54  HOH A O   
581 O O   . HOH B .  ? 0.2565 0.2577 0.2652 0.0064  0.0037  0.0233  55  HOH A O   
582 O O   . HOH B .  ? 0.3260 0.3306 0.3241 -0.0029 -0.0011 -0.0071 56  HOH A O   
583 O O   . HOH B .  ? 0.3464 0.3533 0.3401 0.0010  0.0050  0.0027  57  HOH A O   
584 O O   . HOH B .  ? 0.2572 0.2614 0.2680 -0.0036 -0.0098 0.0050  58  HOH A O   
585 O O   . HOH B .  ? 0.3349 0.3251 0.3367 0.0003  -0.0017 -0.0007 59  HOH A O   
586 O O   . HOH B .  ? 0.3416 0.3302 0.3546 0.0041  -0.0021 0.0000  60  HOH A O   
587 O O   . HOH B .  ? 0.2950 0.2545 0.2738 0.0004  0.0014  -0.0086 61  HOH A O   
588 O O   . HOH B .  ? 0.3309 0.3539 0.3433 -0.0050 0.0058  -0.0119 62  HOH A O   
589 O O   . HOH B .  ? 0.3485 0.3491 0.3614 -0.0083 0.0016  0.0041  63  HOH A O   
590 O O   . HOH B .  ? 0.7595 0.7562 0.7576 0.0000  -0.0002 -0.0005 64  HOH A O   
591 O O   . HOH B .  ? 0.2374 0.2044 0.2333 -0.0099 -0.0111 0.0005  65  HOH A O   
592 O O   . HOH B .  ? 0.2625 0.2799 0.2608 0.0074  0.0121  0.0017  66  HOH A O   
593 O O   . HOH B .  ? 0.4654 0.4599 0.4611 -0.0013 0.0000  0.0023  67  HOH A O   
594 O O   . HOH B .  ? 0.3437 0.3392 0.3413 0.0019  -0.0052 -0.0072 68  HOH A O   
595 O O   . HOH B .  ? 0.3598 0.3652 0.3701 -0.0021 0.0044  0.0014  69  HOH A O   
596 O O   . HOH B .  ? 0.2812 0.2837 0.2827 -0.0064 -0.0051 -0.0056 70  HOH A O   
597 O O   . HOH B .  ? 0.3704 0.3748 0.3694 0.0035  0.0060  0.0065  71  HOH A O   
598 O O   . HOH B .  ? 0.3570 0.3534 0.3527 -0.0018 -0.0008 0.0008  72  HOH A O   
599 O O   . HOH B .  ? 0.3900 0.3866 0.3927 -0.0099 0.0054  0.0041  73  HOH A O   
600 O O   . HOH B .  ? 0.3496 0.3320 0.3337 0.0073  0.0031  -0.0024 74  HOH A O   
601 O O   . HOH B .  ? 0.3168 0.3243 0.3087 0.0030  -0.0005 -0.0049 75  HOH A O   
602 O O   . HOH B .  ? 0.4080 0.4141 0.4108 -0.0008 0.0046  -0.0030 76  HOH A O   
603 O O   . HOH B .  ? 0.4525 0.4488 0.4427 -0.0026 0.0016  -0.0069 77  HOH A O   
604 O O   . HOH B .  ? 0.3553 0.3497 0.3626 0.0031  -0.0045 -0.0034 78  HOH A O   
605 O O   . HOH B .  ? 0.2886 0.2929 0.2780 0.0040  0.0107  0.0008  79  HOH A O   
606 O O   . HOH B .  ? 0.3758 0.3869 0.3851 0.0029  -0.0041 -0.0040 80  HOH A O   
607 O O   . HOH B .  ? 0.3695 0.3714 0.3731 -0.0072 -0.0004 0.0017  81  HOH A O   
608 O O   . HOH B .  ? 0.2619 0.2380 0.2566 -0.0006 0.0002  -0.0064 82  HOH A O   
609 O O   . HOH B .  ? 0.4849 0.4762 0.4761 0.0009  -0.0003 0.0042  83  HOH A O   
610 O O   . HOH B .  ? 0.4001 0.4004 0.4011 -0.0014 0.0027  0.0001  84  HOH A O   
611 O O   . HOH B .  ? 0.4553 0.4607 0.4574 0.0006  0.0006  0.0046  85  HOH A O   
612 O O   . HOH B .  ? 0.5367 0.5429 0.5437 0.0013  0.0025  -0.0013 86  HOH A O   
613 O O   . HOH B .  ? 0.4226 0.4225 0.4257 0.0043  0.0005  -0.0013 87  HOH A O   
614 O O   . HOH B .  ? 0.2913 0.2750 0.2575 -0.0071 -0.0032 -0.0110 88  HOH A O   
615 O O   . HOH B .  ? 0.4197 0.4116 0.4207 -0.0021 -0.0020 0.0006  89  HOH A O   
616 O O   . HOH B .  ? 0.3508 0.3328 0.3320 -0.0004 -0.0023 0.0011  90  HOH A O   
617 O O   . HOH B .  ? 0.5233 0.5348 0.5300 0.0046  0.0031  0.0022  91  HOH A O   
618 O O   . HOH B .  ? 0.5529 0.5523 0.5557 -0.0002 0.0031  -0.0027 92  HOH A O   
619 O O   . HOH B .  ? 0.3505 0.3612 0.3613 0.0016  0.0007  -0.0022 93  HOH A O   
620 O O   . HOH B .  ? 0.3540 0.3598 0.3520 -0.0020 0.0010  -0.0017 94  HOH A O   
621 O O   . HOH B .  ? 0.3520 0.3426 0.3439 0.0042  -0.0005 0.0019  95  HOH A O   
622 O O   . HOH B .  ? 0.4465 0.4435 0.4491 0.0004  -0.0047 -0.0022 96  HOH A O   
623 O O   . HOH B .  ? 0.3138 0.3094 0.3061 0.0024  -0.0003 0.0079  97  HOH A O   
624 O O   . HOH B .  ? 0.3259 0.3465 0.3365 0.0029  0.0049  -0.0015 98  HOH A O   
625 O O   . HOH B .  ? 0.3329 0.3534 0.3586 -0.0006 0.0053  0.0018  99  HOH A O   
626 O O   . HOH B .  ? 0.3527 0.3602 0.3460 0.0045  -0.0012 -0.0007 100 HOH A O   
627 O O   . HOH B .  ? 0.3390 0.3290 0.3334 -0.0005 0.0023  0.0005  101 HOH A O   
628 O O   . HOH B .  ? 0.5629 0.5624 0.5628 0.0014  0.0018  -0.0007 102 HOH A O   
629 O O   . HOH B .  ? 0.3538 0.3644 0.3587 0.0006  -0.0011 -0.0069 103 HOH A O   
630 O O   . HOH B .  ? 0.4517 0.4579 0.4593 0.0029  0.0034  -0.0014 104 HOH A O   
631 O O   . HOH B .  ? 0.4622 0.4585 0.4595 0.0011  0.0011  -0.0029 105 HOH A O   
632 O O   . HOH B .  ? 0.5920 0.5919 0.5935 -0.0015 -0.0011 -0.0010 106 HOH A O   
633 O O   . HOH B .  ? 0.4046 0.4008 0.4041 0.0020  0.0015  0.0041  107 HOH A O   
634 O O   . HOH B .  ? 0.4164 0.4139 0.4186 0.0026  -0.0021 0.0019  108 HOH A O   
635 O O   . HOH B .  ? 0.4305 0.4237 0.4277 0.0010  -0.0025 -0.0001 109 HOH A O   
636 O O   . HOH B .  ? 0.7016 0.7019 0.7001 -0.0001 -0.0004 -0.0005 110 HOH A O   
637 O O   . HOH B .  ? 0.3996 0.4101 0.4035 0.0002  0.0061  -0.0002 111 HOH A O   
638 O O   . HOH B .  ? 0.3936 0.4008 0.3956 -0.0057 -0.0016 -0.0075 112 HOH A O   
639 O O   . HOH B .  ? 0.5307 0.5378 0.5338 0.0024  0.0017  0.0045  113 HOH A O   
640 O O   . HOH B .  ? 0.5504 0.5560 0.5507 0.0004  0.0025  0.0008  114 HOH A O   
641 O O   . HOH B .  ? 0.5029 0.5080 0.5037 0.0002  0.0030  0.0016  115 HOH A O   
642 O O   . HOH B .  ? 0.5165 0.5114 0.5111 0.0000  -0.0002 0.0008  116 HOH A O   
643 O O   . HOH B .  ? 0.5032 0.5013 0.5037 -0.0010 0.0002  -0.0035 117 HOH A O   
644 O O   . HOH B .  ? 0.5261 0.5266 0.5259 -0.0001 -0.0003 0.0028  118 HOH A O   
645 O O   . HOH B .  ? 0.7868 0.7843 0.7820 -0.0012 -0.0014 0.0010  119 HOH A O   
646 O O   . HOH B .  ? 0.1788 0.1804 0.1685 -0.0079 0.0044  -0.0098 120 HOH A O   
647 O O   . HOH B .  ? 0.6516 0.6531 0.6544 -0.0014 -0.0002 0.0003  121 HOH A O   
648 O O   . HOH B .  ? 0.2150 0.1976 0.2066 -0.0073 0.0046  0.0111  122 HOH A O   
# 
